data_3IF7
# 
_entry.id   3IF7 
# 
_audit_conform.dict_name       mmcif_pdbx.dic 
_audit_conform.dict_version    5.380 
_audit_conform.dict_location   http://mmcif.pdb.org/dictionaries/ascii/mmcif_pdbx.dic 
# 
loop_
_database_2.database_id 
_database_2.database_code 
_database_2.pdbx_database_accession 
_database_2.pdbx_DOI 
PDB   3IF7         pdb_00003if7 10.2210/pdb3if7/pdb 
RCSB  RCSB054336   ?            ?                   
WWPDB D_1000054336 ?            ?                   
# 
_pdbx_database_status.status_code                     REL 
_pdbx_database_status.entry_id                        3IF7 
_pdbx_database_status.recvd_initial_deposition_date   2009-07-24 
_pdbx_database_status.deposit_site                    RCSB 
_pdbx_database_status.process_site                    PDBJ 
_pdbx_database_status.status_code_sf                  REL 
_pdbx_database_status.status_code_mr                  ? 
_pdbx_database_status.SG_entry                        ? 
_pdbx_database_status.pdb_format_compatible           Y 
_pdbx_database_status.status_code_cs                  ? 
_pdbx_database_status.status_code_nmr_data            ? 
_pdbx_database_status.methods_development_category    ? 
# 
loop_
_audit_author.name 
_audit_author.pdbx_ordinal 
'Kovacs, E.'     1 
'Harmat, V.'     2 
'Toth, J.'       3 
'Vertessy, B.G.' 4 
'Modos, K.'      5 
'Kardos, J.'     6 
'Liliom, K.'     7 
# 
_citation.id                        primary 
_citation.title                     
'Structure and mechanism of calmodulin binding to a signaling sphingolipid reveal new aspects of lipid-protein interactions' 
_citation.journal_abbrev            'Faseb J.' 
_citation.journal_volume            24 
_citation.page_first                3829 
_citation.page_last                 3839 
_citation.year                      2010 
_citation.journal_id_ASTM           FAJOEC 
_citation.country                   US 
_citation.journal_id_ISSN           0892-6638 
_citation.journal_id_CSD            2074 
_citation.book_publisher            ? 
_citation.pdbx_database_id_PubMed   20522785 
_citation.pdbx_database_id_DOI      10.1096/fj.10-155614 
# 
loop_
_citation_author.citation_id 
_citation_author.name 
_citation_author.ordinal 
_citation_author.identifier_ORCID 
primary 'Kovacs, E.'     1 ? 
primary 'Harmat, V.'     2 ? 
primary 'Toth, J.'       3 ? 
primary 'Vertessy, B.G.' 4 ? 
primary 'Modos, K.'      5 ? 
primary 'Kardos, J.'     6 ? 
primary 'Liliom, K.'     7 ? 
# 
_cell.entry_id           3IF7 
_cell.length_a           39.669 
_cell.length_b           39.669 
_cell.length_c           170.340 
_cell.angle_alpha        90.00 
_cell.angle_beta         90.00 
_cell.angle_gamma        120.00 
_cell.Z_PDB              6 
_cell.pdbx_unique_axis   ? 
_cell.length_a_esd       ? 
_cell.length_b_esd       ? 
_cell.length_c_esd       ? 
_cell.angle_alpha_esd    ? 
_cell.angle_beta_esd     ? 
_cell.angle_gamma_esd    ? 
# 
_symmetry.entry_id                         3IF7 
_symmetry.space_group_name_H-M             'P 32 2 1' 
_symmetry.pdbx_full_space_group_name_H-M   ? 
_symmetry.cell_setting                     ? 
_symmetry.Int_Tables_number                154 
_symmetry.space_group_name_Hall            ? 
# 
loop_
_entity.id 
_entity.type 
_entity.src_method 
_entity.pdbx_description 
_entity.formula_weight 
_entity.pdbx_number_of_molecules 
_entity.pdbx_ec 
_entity.pdbx_mutation 
_entity.pdbx_fragment 
_entity.details 
1 polymer     nat Calmodulin 16721.350 1  ? ? ? ? 
2 non-polymer syn 'CALCIUM ION' 40.078    4  ? ? ? ? 
3 non-polymer syn 
'2-{[(R)-{[(2S,3R,4E)-2-amino-3-hydroxyoctadec-4-en-1-yl]oxy}(hydroxy)phosphoryl]oxy}-N,N,N-trimethylethanaminium' 465.627   4  ? 
? ? ? 
4 water       nat water 18.015    79 ? ? ? ? 
# 
_entity_name_com.entity_id   1 
_entity_name_com.name        CaM 
# 
_entity_poly.entity_id                      1 
_entity_poly.type                           'polypeptide(L)' 
_entity_poly.nstd_linkage                   no 
_entity_poly.nstd_monomer                   no 
_entity_poly.pdbx_seq_one_letter_code       
;ADQLTEEQIAEFKEAFSLFDKDGDGTITTKELGTVMRSLGQNPTEAELQDMINEVDADGNGTIDFPEFLTMMARKMKDTD
SEEEIREAFRVFDKDGNGYISAAELRHVMTNLGEKLTDEEVDEMIREADIDGDGQVNYEEFVQMMTAK
;
_entity_poly.pdbx_seq_one_letter_code_can   
;ADQLTEEQIAEFKEAFSLFDKDGDGTITTKELGTVMRSLGQNPTEAELQDMINEVDADGNGTIDFPEFLTMMARKMKDTD
SEEEIREAFRVFDKDGNGYISAAELRHVMTNLGEKLTDEEVDEMIREADIDGDGQVNYEEFVQMMTAK
;
_entity_poly.pdbx_strand_id                 A 
_entity_poly.pdbx_target_identifier         ? 
# 
loop_
_entity_poly_seq.entity_id 
_entity_poly_seq.num 
_entity_poly_seq.mon_id 
_entity_poly_seq.hetero 
1 1   ALA n 
1 2   ASP n 
1 3   GLN n 
1 4   LEU n 
1 5   THR n 
1 6   GLU n 
1 7   GLU n 
1 8   GLN n 
1 9   ILE n 
1 10  ALA n 
1 11  GLU n 
1 12  PHE n 
1 13  LYS n 
1 14  GLU n 
1 15  ALA n 
1 16  PHE n 
1 17  SER n 
1 18  LEU n 
1 19  PHE n 
1 20  ASP n 
1 21  LYS n 
1 22  ASP n 
1 23  GLY n 
1 24  ASP n 
1 25  GLY n 
1 26  THR n 
1 27  ILE n 
1 28  THR n 
1 29  THR n 
1 30  LYS n 
1 31  GLU n 
1 32  LEU n 
1 33  GLY n 
1 34  THR n 
1 35  VAL n 
1 36  MET n 
1 37  ARG n 
1 38  SER n 
1 39  LEU n 
1 40  GLY n 
1 41  GLN n 
1 42  ASN n 
1 43  PRO n 
1 44  THR n 
1 45  GLU n 
1 46  ALA n 
1 47  GLU n 
1 48  LEU n 
1 49  GLN n 
1 50  ASP n 
1 51  MET n 
1 52  ILE n 
1 53  ASN n 
1 54  GLU n 
1 55  VAL n 
1 56  ASP n 
1 57  ALA n 
1 58  ASP n 
1 59  GLY n 
1 60  ASN n 
1 61  GLY n 
1 62  THR n 
1 63  ILE n 
1 64  ASP n 
1 65  PHE n 
1 66  PRO n 
1 67  GLU n 
1 68  PHE n 
1 69  LEU n 
1 70  THR n 
1 71  MET n 
1 72  MET n 
1 73  ALA n 
1 74  ARG n 
1 75  LYS n 
1 76  MET n 
1 77  LYS n 
1 78  ASP n 
1 79  THR n 
1 80  ASP n 
1 81  SER n 
1 82  GLU n 
1 83  GLU n 
1 84  GLU n 
1 85  ILE n 
1 86  ARG n 
1 87  GLU n 
1 88  ALA n 
1 89  PHE n 
1 90  ARG n 
1 91  VAL n 
1 92  PHE n 
1 93  ASP n 
1 94  LYS n 
1 95  ASP n 
1 96  GLY n 
1 97  ASN n 
1 98  GLY n 
1 99  TYR n 
1 100 ILE n 
1 101 SER n 
1 102 ALA n 
1 103 ALA n 
1 104 GLU n 
1 105 LEU n 
1 106 ARG n 
1 107 HIS n 
1 108 VAL n 
1 109 MET n 
1 110 THR n 
1 111 ASN n 
1 112 LEU n 
1 113 GLY n 
1 114 GLU n 
1 115 LYS n 
1 116 LEU n 
1 117 THR n 
1 118 ASP n 
1 119 GLU n 
1 120 GLU n 
1 121 VAL n 
1 122 ASP n 
1 123 GLU n 
1 124 MET n 
1 125 ILE n 
1 126 ARG n 
1 127 GLU n 
1 128 ALA n 
1 129 ASP n 
1 130 ILE n 
1 131 ASP n 
1 132 GLY n 
1 133 ASP n 
1 134 GLY n 
1 135 GLN n 
1 136 VAL n 
1 137 ASN n 
1 138 TYR n 
1 139 GLU n 
1 140 GLU n 
1 141 PHE n 
1 142 VAL n 
1 143 GLN n 
1 144 MET n 
1 145 MET n 
1 146 THR n 
1 147 ALA n 
1 148 LYS n 
# 
_entity_src_nat.entity_id                  1 
_entity_src_nat.pdbx_src_id                1 
_entity_src_nat.pdbx_alt_source_flag       sample 
_entity_src_nat.pdbx_beg_seq_num           ? 
_entity_src_nat.pdbx_end_seq_num           ? 
_entity_src_nat.common_name                Bovine 
_entity_src_nat.pdbx_organism_scientific   'Bos taurus' 
_entity_src_nat.pdbx_ncbi_taxonomy_id      9913 
_entity_src_nat.genus                      ? 
_entity_src_nat.species                    ? 
_entity_src_nat.strain                     ? 
_entity_src_nat.tissue                     brain 
_entity_src_nat.tissue_fraction            ? 
_entity_src_nat.pdbx_secretion             ? 
_entity_src_nat.pdbx_fragment              ? 
_entity_src_nat.pdbx_variant               ? 
_entity_src_nat.pdbx_cell_line             ? 
_entity_src_nat.pdbx_atcc                  ? 
_entity_src_nat.pdbx_cellular_location     ? 
_entity_src_nat.pdbx_organ                 ? 
_entity_src_nat.pdbx_organelle             ? 
_entity_src_nat.pdbx_cell                  ? 
_entity_src_nat.pdbx_plasmid_name          ? 
_entity_src_nat.pdbx_plasmid_details       ? 
_entity_src_nat.details                    ? 
# 
_struct_ref.id                         1 
_struct_ref.db_name                    UNP 
_struct_ref.db_code                    CALM_BOVIN 
_struct_ref.pdbx_db_accession          P62157 
_struct_ref.entity_id                  1 
_struct_ref.pdbx_seq_one_letter_code   
;ADQLTEEQIAEFKEAFSLFDKDGDGTITTKELGTVMRSLGQNPTEAELQDMINEVDADGNGTIDFPEFLTMMARKMKDTD
SEEEIREAFRVFDKDGNGYISAAELRHVMTNLGEKLTDEEVDEMIREADIDGDGQVNYEEFVQMMTAK
;
_struct_ref.pdbx_align_begin           2 
_struct_ref.pdbx_db_isoform            ? 
# 
_struct_ref_seq.align_id                      1 
_struct_ref_seq.ref_id                        1 
_struct_ref_seq.pdbx_PDB_id_code              3IF7 
_struct_ref_seq.pdbx_strand_id                A 
_struct_ref_seq.seq_align_beg                 1 
_struct_ref_seq.pdbx_seq_align_beg_ins_code   ? 
_struct_ref_seq.seq_align_end                 148 
_struct_ref_seq.pdbx_seq_align_end_ins_code   ? 
_struct_ref_seq.pdbx_db_accession             P62157 
_struct_ref_seq.db_align_beg                  2 
_struct_ref_seq.pdbx_db_align_beg_ins_code    ? 
_struct_ref_seq.db_align_end                  149 
_struct_ref_seq.pdbx_db_align_end_ins_code    ? 
_struct_ref_seq.pdbx_auth_seq_align_beg       1 
_struct_ref_seq.pdbx_auth_seq_align_end       148 
# 
loop_
_chem_comp.id 
_chem_comp.type 
_chem_comp.mon_nstd_flag 
_chem_comp.name 
_chem_comp.pdbx_synonyms 
_chem_comp.formula 
_chem_comp.formula_weight 
ALA 'L-peptide linking' y ALANINE ?                                                            'C3 H7 N O2'        89.093  
ARG 'L-peptide linking' y ARGININE ?                                                            'C6 H15 N4 O2 1'    175.209 
ASN 'L-peptide linking' y ASPARAGINE ?                                                            'C4 H8 N2 O3'       132.118 
ASP 'L-peptide linking' y 'ASPARTIC ACID' ?                                                            'C4 H7 N O4'        133.103 
CA  non-polymer         . 'CALCIUM ION' ?                                                            'Ca 2'              40.078  
GLN 'L-peptide linking' y GLUTAMINE ?                                                            'C5 H10 N2 O3'      146.144 
GLU 'L-peptide linking' y 'GLUTAMIC ACID' ?                                                            'C5 H9 N O4'        147.129 
GLY 'peptide linking'   y GLYCINE ?                                                            'C2 H5 N O2'        75.067  
HIS 'L-peptide linking' y HISTIDINE ?                                                            'C6 H10 N3 O2 1'    156.162 
HOH non-polymer         . WATER ?                                                            'H2 O'              18.015  
ILE 'L-peptide linking' y ISOLEUCINE ?                                                            'C6 H13 N O2'       131.173 
LEU 'L-peptide linking' y LEUCINE ?                                                            'C6 H13 N O2'       131.173 
LYS 'L-peptide linking' y LYSINE ?                                                            'C6 H15 N2 O2 1'    147.195 
MET 'L-peptide linking' y METHIONINE ?                                                            'C5 H11 N O2 S'     149.211 
PHE 'L-peptide linking' y PHENYLALANINE ?                                                            'C9 H11 N O2'       165.189 
PRO 'L-peptide linking' y PROLINE ?                                                            'C5 H9 N O2'        115.130 
SER 'L-peptide linking' y SERINE ?                                                            'C3 H7 N O3'        105.093 
SPU non-polymer         . 
'2-{[(R)-{[(2S,3R,4E)-2-amino-3-hydroxyoctadec-4-en-1-yl]oxy}(hydroxy)phosphoryl]oxy}-N,N,N-trimethylethanaminium' 
'sphingosylphosphorylcholine, sphingosine phosphorylcholine' 'C23 H50 N2 O5 P 1' 465.627 
THR 'L-peptide linking' y THREONINE ?                                                            'C4 H9 N O3'        119.119 
TYR 'L-peptide linking' y TYROSINE ?                                                            'C9 H11 N O3'       181.189 
VAL 'L-peptide linking' y VALINE ?                                                            'C5 H11 N O2'       117.146 
# 
_exptl.entry_id          3IF7 
_exptl.method            'X-RAY DIFFRACTION' 
_exptl.crystals_number   1 
# 
_exptl_crystal.id                    1 
_exptl_crystal.density_meas          ? 
_exptl_crystal.density_Matthews      2.31 
_exptl_crystal.density_percent_sol   46.84 
_exptl_crystal.description           ? 
_exptl_crystal.F_000                 ? 
_exptl_crystal.preparation           ? 
# 
_exptl_crystal_grow.crystal_id      1 
_exptl_crystal_grow.method          'VAPOR DIFFUSION, SITTING DROP' 
_exptl_crystal_grow.temp            293 
_exptl_crystal_grow.temp_details    ? 
_exptl_crystal_grow.pH              5.5 
_exptl_crystal_grow.pdbx_details    
;50mM sodium cacodylate, 10mM CaCl2, 10mM MgCl2, 28% PEG 8000: Mixed with 10mM lipid in methanol solution and 1mM protein solution, pH 5.5, VAPOR DIFFUSION, SITTING DROP, temperature 293K
;
_exptl_crystal_grow.pdbx_pH_range   . 
# 
_diffrn.id                     1 
_diffrn.ambient_temp           100 
_diffrn.ambient_temp_details   ? 
_diffrn.crystal_id             1 
# 
_diffrn_detector.diffrn_id              1 
_diffrn_detector.detector               CCD 
_diffrn_detector.type                   'ADSC QUANTUM 315r' 
_diffrn_detector.pdbx_collection_date   2008-07-25 
_diffrn_detector.details                mirrors 
# 
_diffrn_radiation.diffrn_id                        1 
_diffrn_radiation.wavelength_id                    1 
_diffrn_radiation.pdbx_monochromatic_or_laue_m_l   M 
_diffrn_radiation.monochromator                    'Si 111 CHANNEL' 
_diffrn_radiation.pdbx_diffrn_protocol             'SINGLE WAVELENGTH' 
_diffrn_radiation.pdbx_scattering_type             x-ray 
# 
_diffrn_radiation_wavelength.id           1 
_diffrn_radiation_wavelength.wavelength   0.9762 
_diffrn_radiation_wavelength.wt           1.0 
# 
_diffrn_source.diffrn_id                   1 
_diffrn_source.source                      SYNCHROTRON 
_diffrn_source.type                        'ESRF BEAMLINE ID23-1' 
_diffrn_source.pdbx_synchrotron_site       ESRF 
_diffrn_source.pdbx_synchrotron_beamline   ID23-1 
_diffrn_source.pdbx_wavelength             ? 
_diffrn_source.pdbx_wavelength_list        0.9762 
# 
_reflns.entry_id                     3IF7 
_reflns.observed_criterion_sigma_I   -3 
_reflns.observed_criterion_sigma_F   ? 
_reflns.d_resolution_low             30 
_reflns.d_resolution_high            1.6 
_reflns.number_obs                   21596 
_reflns.number_all                   21596 
_reflns.percent_possible_obs         100 
_reflns.pdbx_Rmerge_I_obs            0.105 
_reflns.pdbx_Rsym_value              ? 
_reflns.pdbx_netI_over_sigmaI        12.3 
_reflns.B_iso_Wilson_estimate        24.4 
_reflns.pdbx_redundancy              8.6 
_reflns.R_free_details               ? 
_reflns.limit_h_max                  ? 
_reflns.limit_h_min                  ? 
_reflns.limit_k_max                  ? 
_reflns.limit_k_min                  ? 
_reflns.limit_l_max                  ? 
_reflns.limit_l_min                  ? 
_reflns.observed_criterion_F_max     ? 
_reflns.observed_criterion_F_min     ? 
_reflns.pdbx_chi_squared             ? 
_reflns.pdbx_scaling_rejects         ? 
_reflns.pdbx_ordinal                 1 
_reflns.pdbx_diffrn_id               1 
# 
_reflns_shell.d_res_high             1.6 
_reflns_shell.d_res_low              1.69 
_reflns_shell.percent_possible_all   100.0 
_reflns_shell.Rmerge_I_obs           0.446 
_reflns_shell.pdbx_Rsym_value        ? 
_reflns_shell.meanI_over_sigI_obs    4.1 
_reflns_shell.pdbx_redundancy        7.9 
_reflns_shell.percent_possible_obs   ? 
_reflns_shell.number_unique_all      3047 
_reflns_shell.number_measured_all    ? 
_reflns_shell.number_measured_obs    ? 
_reflns_shell.number_unique_obs      ? 
_reflns_shell.pdbx_chi_squared       ? 
_reflns_shell.pdbx_ordinal           1 
_reflns_shell.pdbx_diffrn_id         1 
# 
_refine.entry_id                                 3IF7 
_refine.ls_number_reflns_obs                     20426 
_refine.ls_number_reflns_all                     20426 
_refine.pdbx_ls_sigma_I                          ? 
_refine.pdbx_ls_sigma_F                          ? 
_refine.pdbx_data_cutoff_high_absF               ? 
_refine.pdbx_data_cutoff_low_absF                ? 
_refine.pdbx_data_cutoff_high_rms_absF           ? 
_refine.ls_d_res_low                             29.39 
_refine.ls_d_res_high                            1.60 
_refine.ls_percent_reflns_obs                    99.98 
_refine.ls_R_factor_obs                          0.19459 
_refine.ls_R_factor_all                          0.19459 
_refine.ls_R_factor_R_work                       0.19232 
_refine.ls_R_factor_R_free                       0.23825 
_refine.ls_R_factor_R_free_error                 ? 
_refine.ls_R_factor_R_free_error_details         ? 
_refine.ls_percent_reflns_R_free                 5.1 
_refine.ls_number_reflns_R_free                  1103 
_refine.ls_number_parameters                     ? 
_refine.ls_number_restraints                     ? 
_refine.occupancy_min                            ? 
_refine.occupancy_max                            ? 
_refine.correlation_coeff_Fo_to_Fc               0.952 
_refine.correlation_coeff_Fo_to_Fc_free          0.927 
_refine.B_iso_mean                               34.758 
_refine.aniso_B[1][1]                            0.42 
_refine.aniso_B[2][2]                            0.42 
_refine.aniso_B[3][3]                            -0.63 
_refine.aniso_B[1][2]                            0.21 
_refine.aniso_B[1][3]                            0.00 
_refine.aniso_B[2][3]                            0.00 
_refine.solvent_model_details                    'BABINET MODEL WITH MASK' 
_refine.solvent_model_param_ksol                 ? 
_refine.solvent_model_param_bsol                 ? 
_refine.pdbx_solvent_vdw_probe_radii             1.40 
_refine.pdbx_solvent_ion_probe_radii             0.80 
_refine.pdbx_solvent_shrinkage_radii             0.80 
_refine.pdbx_ls_cross_valid_method               THROUGHOUT 
_refine.details                                  'HYDROGENS HAVE BEEN ADDED IN THE RIDING POSITIONS' 
_refine.pdbx_starting_model                      'N- and C-terminal domains of PDB entry 1LIN' 
_refine.pdbx_method_to_determine_struct          'MOLECULAR REPLACEMENT' 
_refine.pdbx_isotropic_thermal_model             Isotropic 
_refine.pdbx_stereochemistry_target_values       'MAXIMUM LIKELIHOOD' 
_refine.pdbx_stereochem_target_val_spec_case     ? 
_refine.pdbx_R_Free_selection_details            RANDOM 
_refine.pdbx_overall_ESU_R                       0.090 
_refine.pdbx_overall_ESU_R_Free                  0.096 
_refine.overall_SU_ML                            0.055 
_refine.overall_SU_B                             3.380 
_refine.ls_redundancy_reflns_obs                 ? 
_refine.B_iso_min                                ? 
_refine.B_iso_max                                ? 
_refine.overall_SU_R_Cruickshank_DPI             ? 
_refine.overall_SU_R_free                        ? 
_refine.ls_wR_factor_R_free                      ? 
_refine.ls_wR_factor_R_work                      ? 
_refine.overall_FOM_free_R_set                   ? 
_refine.overall_FOM_work_R_set                   ? 
_refine.pdbx_refine_id                           'X-RAY DIFFRACTION' 
_refine.pdbx_overall_phase_error                 ? 
_refine.pdbx_TLS_residual_ADP_flag               'LIKELY RESIDUAL' 
_refine.pdbx_diffrn_id                           1 
_refine.pdbx_overall_SU_R_free_Cruickshank_DPI   ? 
_refine.pdbx_overall_SU_R_Blow_DPI               ? 
_refine.pdbx_overall_SU_R_free_Blow_DPI          ? 
# 
_refine_hist.pdbx_refine_id                   'X-RAY DIFFRACTION' 
_refine_hist.cycle_id                         LAST 
_refine_hist.pdbx_number_atoms_protein        1083 
_refine_hist.pdbx_number_atoms_nucleic_acid   0 
_refine_hist.pdbx_number_atoms_ligand         84 
_refine_hist.number_atoms_solvent             79 
_refine_hist.number_atoms_total               1246 
_refine_hist.d_res_high                       1.60 
_refine_hist.d_res_low                        29.39 
# 
loop_
_refine_ls_restr.type 
_refine_ls_restr.dev_ideal 
_refine_ls_restr.dev_ideal_target 
_refine_ls_restr.weight 
_refine_ls_restr.number 
_refine_ls_restr.pdbx_refine_id 
_refine_ls_restr.pdbx_restraint_function 
r_bond_refined_d             0.025  0.022  ? 1187 'X-RAY DIFFRACTION' ? 
r_bond_other_d               0.005  0.020  ? 809  'X-RAY DIFFRACTION' ? 
r_angle_refined_deg          2.085  2.022  ? 1593 'X-RAY DIFFRACTION' ? 
r_angle_other_deg            1.113  3.000  ? 1987 'X-RAY DIFFRACTION' ? 
r_dihedral_angle_1_deg       5.323  5.000  ? 146  'X-RAY DIFFRACTION' ? 
r_dihedral_angle_2_deg       34.967 26.034 ? 58   'X-RAY DIFFRACTION' ? 
r_dihedral_angle_3_deg       14.874 15.000 ? 199  'X-RAY DIFFRACTION' ? 
r_dihedral_angle_4_deg       21.654 15.000 ? 6    'X-RAY DIFFRACTION' ? 
r_chiral_restr               0.134  0.200  ? 177  'X-RAY DIFFRACTION' ? 
r_gen_planes_refined         0.009  0.020  ? 1287 'X-RAY DIFFRACTION' ? 
r_gen_planes_other           0.001  0.020  ? 221  'X-RAY DIFFRACTION' ? 
r_nbd_refined                ?      ?      ? ?    'X-RAY DIFFRACTION' ? 
r_nbd_other                  ?      ?      ? ?    'X-RAY DIFFRACTION' ? 
r_nbtor_refined              ?      ?      ? ?    'X-RAY DIFFRACTION' ? 
r_nbtor_other                ?      ?      ? ?    'X-RAY DIFFRACTION' ? 
r_xyhbond_nbd_refined        ?      ?      ? ?    'X-RAY DIFFRACTION' ? 
r_xyhbond_nbd_other          ?      ?      ? ?    'X-RAY DIFFRACTION' ? 
r_metal_ion_refined          ?      ?      ? ?    'X-RAY DIFFRACTION' ? 
r_metal_ion_other            ?      ?      ? ?    'X-RAY DIFFRACTION' ? 
r_symmetry_vdw_refined       ?      ?      ? ?    'X-RAY DIFFRACTION' ? 
r_symmetry_vdw_other         ?      ?      ? ?    'X-RAY DIFFRACTION' ? 
r_symmetry_hbond_refined     ?      ?      ? ?    'X-RAY DIFFRACTION' ? 
r_symmetry_hbond_other       ?      ?      ? ?    'X-RAY DIFFRACTION' ? 
r_symmetry_metal_ion_refined ?      ?      ? ?    'X-RAY DIFFRACTION' ? 
r_symmetry_metal_ion_other   ?      ?      ? ?    'X-RAY DIFFRACTION' ? 
r_mcbond_it                  1.765  1.500  ? 707  'X-RAY DIFFRACTION' ? 
r_mcbond_other               0.578  1.500  ? 295  'X-RAY DIFFRACTION' ? 
r_mcangle_it                 2.965  2.000  ? 1128 'X-RAY DIFFRACTION' ? 
r_scbond_it                  3.897  3.000  ? 480  'X-RAY DIFFRACTION' ? 
r_scangle_it                 6.469  4.500  ? 462  'X-RAY DIFFRACTION' ? 
r_rigid_bond_restr           ?      ?      ? ?    'X-RAY DIFFRACTION' ? 
r_sphericity_free            ?      ?      ? ?    'X-RAY DIFFRACTION' ? 
r_sphericity_bonded          ?      ?      ? ?    'X-RAY DIFFRACTION' ? 
# 
_refine_ls_shell.pdbx_total_number_of_bins_used   20 
_refine_ls_shell.d_res_high                       1.600 
_refine_ls_shell.d_res_low                        1.642 
_refine_ls_shell.number_reflns_R_work             1478 
_refine_ls_shell.R_factor_R_work                  0.200 
_refine_ls_shell.percent_reflns_obs               100.00 
_refine_ls_shell.R_factor_R_free                  0.252 
_refine_ls_shell.R_factor_R_free_error            ? 
_refine_ls_shell.percent_reflns_R_free            ? 
_refine_ls_shell.number_reflns_R_free             76 
_refine_ls_shell.number_reflns_all                ? 
_refine_ls_shell.R_factor_all                     ? 
_refine_ls_shell.number_reflns_obs                ? 
_refine_ls_shell.redundancy_reflns_obs            ? 
_refine_ls_shell.pdbx_refine_id                   'X-RAY DIFFRACTION' 
# 
_struct.entry_id                  3IF7 
_struct.title                     
'Structure of Calmodulin complexed with its first endogenous inhibitor, sphingosylphosphorylcholine' 
_struct.pdbx_model_details        ? 
_struct.pdbx_CASP_flag            ? 
_struct.pdbx_model_type_details   ? 
# 
_struct_keywords.entry_id        3IF7 
_struct_keywords.pdbx_keywords   'CALCIUM BINDING PROTEIN' 
_struct_keywords.text            'EF-hand, phospholipid, calcium binding protein, Isopeptide bond, Methylation, Phosphoprotein' 
# 
loop_
_struct_asym.id 
_struct_asym.pdbx_blank_PDB_chainid_flag 
_struct_asym.pdbx_modified 
_struct_asym.entity_id 
_struct_asym.details 
A N N 1 ? 
B N N 2 ? 
C N N 2 ? 
D N N 2 ? 
E N N 2 ? 
F N N 3 ? 
G N N 3 ? 
H N N 3 ? 
I N N 3 ? 
J N N 4 ? 
# 
_struct_biol.id        1 
_struct_biol.details   ? 
# 
loop_
_struct_conf.conf_type_id 
_struct_conf.id 
_struct_conf.pdbx_PDB_helix_id 
_struct_conf.beg_label_comp_id 
_struct_conf.beg_label_asym_id 
_struct_conf.beg_label_seq_id 
_struct_conf.pdbx_beg_PDB_ins_code 
_struct_conf.end_label_comp_id 
_struct_conf.end_label_asym_id 
_struct_conf.end_label_seq_id 
_struct_conf.pdbx_end_PDB_ins_code 
_struct_conf.beg_auth_comp_id 
_struct_conf.beg_auth_asym_id 
_struct_conf.beg_auth_seq_id 
_struct_conf.end_auth_comp_id 
_struct_conf.end_auth_asym_id 
_struct_conf.end_auth_seq_id 
_struct_conf.pdbx_PDB_helix_class 
_struct_conf.details 
_struct_conf.pdbx_PDB_helix_length 
HELX_P HELX_P1 1 THR A 5   ? ASP A 20  ? THR A 5   ASP A 20  1 ? 16 
HELX_P HELX_P2 2 THR A 28  ? LEU A 39  ? THR A 28  LEU A 39  1 ? 12 
HELX_P HELX_P3 3 THR A 44  ? ASP A 56  ? THR A 44  ASP A 56  1 ? 13 
HELX_P HELX_P4 4 PHE A 65  ? LYS A 75  ? PHE A 65  LYS A 75  1 ? 11 
HELX_P HELX_P5 5 SER A 81  ? ASP A 93  ? SER A 81  ASP A 93  1 ? 13 
HELX_P HELX_P6 6 SER A 101 ? LEU A 112 ? SER A 101 LEU A 112 1 ? 12 
HELX_P HELX_P7 7 THR A 117 ? ASP A 129 ? THR A 117 ASP A 129 1 ? 13 
HELX_P HELX_P8 8 TYR A 138 ? THR A 146 ? TYR A 138 THR A 146 1 ? 9  
# 
_struct_conf_type.id          HELX_P 
_struct_conf_type.criteria    ? 
_struct_conf_type.reference   ? 
# 
loop_
_struct_conn.id 
_struct_conn.conn_type_id 
_struct_conn.pdbx_leaving_atom_flag 
_struct_conn.pdbx_PDB_id 
_struct_conn.ptnr1_label_asym_id 
_struct_conn.ptnr1_label_comp_id 
_struct_conn.ptnr1_label_seq_id 
_struct_conn.ptnr1_label_atom_id 
_struct_conn.pdbx_ptnr1_label_alt_id 
_struct_conn.pdbx_ptnr1_PDB_ins_code 
_struct_conn.pdbx_ptnr1_standard_comp_id 
_struct_conn.ptnr1_symmetry 
_struct_conn.ptnr2_label_asym_id 
_struct_conn.ptnr2_label_comp_id 
_struct_conn.ptnr2_label_seq_id 
_struct_conn.ptnr2_label_atom_id 
_struct_conn.pdbx_ptnr2_label_alt_id 
_struct_conn.pdbx_ptnr2_PDB_ins_code 
_struct_conn.ptnr1_auth_asym_id 
_struct_conn.ptnr1_auth_comp_id 
_struct_conn.ptnr1_auth_seq_id 
_struct_conn.ptnr2_auth_asym_id 
_struct_conn.ptnr2_auth_comp_id 
_struct_conn.ptnr2_auth_seq_id 
_struct_conn.ptnr2_symmetry 
_struct_conn.pdbx_ptnr3_label_atom_id 
_struct_conn.pdbx_ptnr3_label_seq_id 
_struct_conn.pdbx_ptnr3_label_comp_id 
_struct_conn.pdbx_ptnr3_label_asym_id 
_struct_conn.pdbx_ptnr3_label_alt_id 
_struct_conn.pdbx_ptnr3_PDB_ins_code 
_struct_conn.details 
_struct_conn.pdbx_dist_value 
_struct_conn.pdbx_value_order 
_struct_conn.pdbx_role 
metalc1  metalc ? ? A ASP 20  OD1 ? ? ? 1_555 B CA  . CA ? ? A ASP 20  A CA  149 1_555 ? ? ? ? ? ? ? 2.339 ? ? 
metalc2  metalc ? ? A ASP 22  OD1 ? ? ? 1_555 B CA  . CA ? ? A ASP 22  A CA  149 1_555 ? ? ? ? ? ? ? 2.364 ? ? 
metalc3  metalc ? ? A ASP 24  OD1 ? ? ? 1_555 B CA  . CA ? ? A ASP 24  A CA  149 1_555 ? ? ? ? ? ? ? 2.403 ? ? 
metalc4  metalc ? ? A THR 26  O   ? ? ? 1_555 B CA  . CA ? ? A THR 26  A CA  149 1_555 ? ? ? ? ? ? ? 2.298 ? ? 
metalc5  metalc ? ? A GLU 31  OE1 ? ? ? 1_555 B CA  . CA ? ? A GLU 31  A CA  149 1_555 ? ? ? ? ? ? ? 2.454 ? ? 
metalc6  metalc ? ? A GLU 31  OE2 ? ? ? 1_555 B CA  . CA ? ? A GLU 31  A CA  149 1_555 ? ? ? ? ? ? ? 2.490 ? ? 
metalc7  metalc ? ? A ASP 56  OD1 ? ? ? 1_555 C CA  . CA ? ? A ASP 56  A CA  150 1_555 ? ? ? ? ? ? ? 2.196 ? ? 
metalc8  metalc ? ? A ASP 58  OD1 ? ? ? 1_555 C CA  . CA ? ? A ASP 58  A CA  150 1_555 ? ? ? ? ? ? ? 2.404 ? ? 
metalc9  metalc ? ? A ASN 60  OD1 ? ? ? 1_555 C CA  . CA ? ? A ASN 60  A CA  150 1_555 ? ? ? ? ? ? ? 2.358 ? ? 
metalc10 metalc ? ? A THR 62  O   ? ? ? 1_555 C CA  . CA ? ? A THR 62  A CA  150 1_555 ? ? ? ? ? ? ? 2.236 ? ? 
metalc11 metalc ? ? A GLU 67  OE1 ? ? ? 1_555 C CA  . CA ? ? A GLU 67  A CA  150 1_555 ? ? ? ? ? ? ? 2.410 ? ? 
metalc12 metalc ? ? A GLU 67  OE2 ? ? ? 1_555 C CA  . CA ? ? A GLU 67  A CA  150 1_555 ? ? ? ? ? ? ? 2.518 ? ? 
metalc13 metalc ? ? A ASP 93  OD1 ? ? ? 1_555 D CA  . CA ? ? A ASP 93  A CA  151 1_555 ? ? ? ? ? ? ? 2.309 ? ? 
metalc14 metalc ? ? A ASP 95  OD1 ? ? ? 1_555 D CA  . CA ? ? A ASP 95  A CA  151 1_555 ? ? ? ? ? ? ? 2.371 ? ? 
metalc15 metalc ? ? A ASN 97  OD1 ? ? ? 1_555 D CA  . CA ? ? A ASN 97  A CA  151 1_555 ? ? ? ? ? ? ? 2.414 ? ? 
metalc16 metalc ? ? A TYR 99  O   ? ? ? 1_555 D CA  . CA ? ? A TYR 99  A CA  151 1_555 ? ? ? ? ? ? ? 2.239 ? ? 
metalc17 metalc ? ? A GLU 104 OE1 ? ? ? 1_555 D CA  . CA ? ? A GLU 104 A CA  151 1_555 ? ? ? ? ? ? ? 2.438 ? ? 
metalc18 metalc ? ? A GLU 104 OE2 ? ? ? 1_555 D CA  . CA ? ? A GLU 104 A CA  151 1_555 ? ? ? ? ? ? ? 2.463 ? ? 
metalc19 metalc ? ? A ASP 129 OD1 ? ? ? 1_555 E CA  . CA ? ? A ASP 129 A CA  152 1_555 ? ? ? ? ? ? ? 2.351 ? ? 
metalc20 metalc ? ? A ASP 131 OD1 ? ? ? 1_555 E CA  . CA ? ? A ASP 131 A CA  152 1_555 ? ? ? ? ? ? ? 2.341 ? ? 
metalc21 metalc ? ? A ASP 133 OD1 ? ? ? 1_555 E CA  . CA ? ? A ASP 133 A CA  152 1_555 ? ? ? ? ? ? ? 2.341 ? ? 
metalc22 metalc ? ? A GLN 135 O   ? ? ? 1_555 E CA  . CA ? ? A GLN 135 A CA  152 1_555 ? ? ? ? ? ? ? 2.336 ? ? 
metalc23 metalc ? ? A GLU 140 OE1 ? ? ? 1_555 E CA  . CA ? ? A GLU 140 A CA  152 1_555 ? ? ? ? ? ? ? 2.429 ? ? 
metalc24 metalc ? ? A GLU 140 OE2 ? ? ? 1_555 E CA  . CA ? ? A GLU 140 A CA  152 1_555 ? ? ? ? ? ? ? 2.530 ? ? 
metalc25 metalc ? ? B CA  .   CA  ? ? ? 1_555 J HOH . O  ? ? A CA  149 A HOH 160 1_555 ? ? ? ? ? ? ? 2.432 ? ? 
metalc26 metalc ? ? C CA  .   CA  ? ? ? 1_555 J HOH . O  ? ? A CA  150 A HOH 157 1_555 ? ? ? ? ? ? ? 2.260 ? ? 
metalc27 metalc ? ? D CA  .   CA  ? ? ? 1_555 J HOH . O  ? ? A CA  151 A HOH 180 1_555 ? ? ? ? ? ? ? 2.239 ? ? 
metalc28 metalc ? ? E CA  .   CA  ? ? ? 1_555 J HOH . O  ? ? A CA  152 A HOH 158 1_555 ? ? ? ? ? ? ? 2.343 ? ? 
# 
_struct_conn_type.id          metalc 
_struct_conn_type.criteria    ? 
_struct_conn_type.reference   ? 
# 
loop_
_struct_sheet.id 
_struct_sheet.type 
_struct_sheet.number_strands 
_struct_sheet.details 
A ? 2 ? 
B ? 2 ? 
# 
loop_
_struct_sheet_order.sheet_id 
_struct_sheet_order.range_id_1 
_struct_sheet_order.range_id_2 
_struct_sheet_order.offset 
_struct_sheet_order.sense 
A 1 2 ? anti-parallel 
B 1 2 ? anti-parallel 
# 
loop_
_struct_sheet_range.sheet_id 
_struct_sheet_range.id 
_struct_sheet_range.beg_label_comp_id 
_struct_sheet_range.beg_label_asym_id 
_struct_sheet_range.beg_label_seq_id 
_struct_sheet_range.pdbx_beg_PDB_ins_code 
_struct_sheet_range.end_label_comp_id 
_struct_sheet_range.end_label_asym_id 
_struct_sheet_range.end_label_seq_id 
_struct_sheet_range.pdbx_end_PDB_ins_code 
_struct_sheet_range.beg_auth_comp_id 
_struct_sheet_range.beg_auth_asym_id 
_struct_sheet_range.beg_auth_seq_id 
_struct_sheet_range.end_auth_comp_id 
_struct_sheet_range.end_auth_asym_id 
_struct_sheet_range.end_auth_seq_id 
A 1 THR A 26  ? ILE A 27  ? THR A 26  ILE A 27  
A 2 ILE A 63  ? ASP A 64  ? ILE A 63  ASP A 64  
B 1 TYR A 99  ? ILE A 100 ? TYR A 99  ILE A 100 
B 2 VAL A 136 ? ASN A 137 ? VAL A 136 ASN A 137 
# 
loop_
_pdbx_struct_sheet_hbond.sheet_id 
_pdbx_struct_sheet_hbond.range_id_1 
_pdbx_struct_sheet_hbond.range_id_2 
_pdbx_struct_sheet_hbond.range_1_label_atom_id 
_pdbx_struct_sheet_hbond.range_1_label_comp_id 
_pdbx_struct_sheet_hbond.range_1_label_asym_id 
_pdbx_struct_sheet_hbond.range_1_label_seq_id 
_pdbx_struct_sheet_hbond.range_1_PDB_ins_code 
_pdbx_struct_sheet_hbond.range_1_auth_atom_id 
_pdbx_struct_sheet_hbond.range_1_auth_comp_id 
_pdbx_struct_sheet_hbond.range_1_auth_asym_id 
_pdbx_struct_sheet_hbond.range_1_auth_seq_id 
_pdbx_struct_sheet_hbond.range_2_label_atom_id 
_pdbx_struct_sheet_hbond.range_2_label_comp_id 
_pdbx_struct_sheet_hbond.range_2_label_asym_id 
_pdbx_struct_sheet_hbond.range_2_label_seq_id 
_pdbx_struct_sheet_hbond.range_2_PDB_ins_code 
_pdbx_struct_sheet_hbond.range_2_auth_atom_id 
_pdbx_struct_sheet_hbond.range_2_auth_comp_id 
_pdbx_struct_sheet_hbond.range_2_auth_asym_id 
_pdbx_struct_sheet_hbond.range_2_auth_seq_id 
A 1 2 N ILE A 27  ? N ILE A 27  O ILE A 63  ? O ILE A 63  
B 1 2 N ILE A 100 ? N ILE A 100 O VAL A 136 ? O VAL A 136 
# 
loop_
_struct_site.id 
_struct_site.pdbx_evidence_code 
_struct_site.pdbx_auth_asym_id 
_struct_site.pdbx_auth_comp_id 
_struct_site.pdbx_auth_seq_id 
_struct_site.pdbx_auth_ins_code 
_struct_site.pdbx_num_residues 
_struct_site.details 
AC1 Software A CA  149 ? 6  'BINDING SITE FOR RESIDUE CA A 149'  
AC2 Software A CA  150 ? 6  'BINDING SITE FOR RESIDUE CA A 150'  
AC3 Software A CA  151 ? 6  'BINDING SITE FOR RESIDUE CA A 151'  
AC4 Software A CA  152 ? 6  'BINDING SITE FOR RESIDUE CA A 152'  
AC5 Software A SPU 153 ? 12 'BINDING SITE FOR RESIDUE SPU A 153' 
AC6 Software A SPU 154 ? 6  'BINDING SITE FOR RESIDUE SPU A 154' 
AC7 Software A SPU 155 ? 10 'BINDING SITE FOR RESIDUE SPU A 155' 
AC8 Software A SPU 156 ? 3  'BINDING SITE FOR RESIDUE SPU A 156' 
# 
loop_
_struct_site_gen.id 
_struct_site_gen.site_id 
_struct_site_gen.pdbx_num_res 
_struct_site_gen.label_comp_id 
_struct_site_gen.label_asym_id 
_struct_site_gen.label_seq_id 
_struct_site_gen.pdbx_auth_ins_code 
_struct_site_gen.auth_comp_id 
_struct_site_gen.auth_asym_id 
_struct_site_gen.auth_seq_id 
_struct_site_gen.label_atom_id 
_struct_site_gen.label_alt_id 
_struct_site_gen.symmetry 
_struct_site_gen.details 
1  AC1 6  ASP A 20  ? ASP A 20  . ? 1_555 ? 
2  AC1 6  ASP A 22  ? ASP A 22  . ? 1_555 ? 
3  AC1 6  ASP A 24  ? ASP A 24  . ? 1_555 ? 
4  AC1 6  THR A 26  ? THR A 26  . ? 1_555 ? 
5  AC1 6  GLU A 31  ? GLU A 31  . ? 1_555 ? 
6  AC1 6  HOH J .   ? HOH A 160 . ? 1_555 ? 
7  AC2 6  ASP A 56  ? ASP A 56  . ? 1_555 ? 
8  AC2 6  ASP A 58  ? ASP A 58  . ? 1_555 ? 
9  AC2 6  ASN A 60  ? ASN A 60  . ? 1_555 ? 
10 AC2 6  THR A 62  ? THR A 62  . ? 1_555 ? 
11 AC2 6  GLU A 67  ? GLU A 67  . ? 1_555 ? 
12 AC2 6  HOH J .   ? HOH A 157 . ? 1_555 ? 
13 AC3 6  ASP A 93  ? ASP A 93  . ? 1_555 ? 
14 AC3 6  ASP A 95  ? ASP A 95  . ? 1_555 ? 
15 AC3 6  ASN A 97  ? ASN A 97  . ? 1_555 ? 
16 AC3 6  TYR A 99  ? TYR A 99  . ? 1_555 ? 
17 AC3 6  GLU A 104 ? GLU A 104 . ? 1_555 ? 
18 AC3 6  HOH J .   ? HOH A 180 . ? 1_555 ? 
19 AC4 6  ASP A 129 ? ASP A 129 . ? 1_555 ? 
20 AC4 6  ASP A 131 ? ASP A 131 . ? 1_555 ? 
21 AC4 6  ASP A 133 ? ASP A 133 . ? 1_555 ? 
22 AC4 6  GLN A 135 ? GLN A 135 . ? 1_555 ? 
23 AC4 6  GLU A 140 ? GLU A 140 . ? 1_555 ? 
24 AC4 6  HOH J .   ? HOH A 158 . ? 1_555 ? 
25 AC5 12 GLU A 11  ? GLU A 11  . ? 1_555 ? 
26 AC5 12 MET A 76  ? MET A 76  . ? 1_555 ? 
27 AC5 12 ALA A 88  ? ALA A 88  . ? 1_555 ? 
28 AC5 12 PHE A 92  ? PHE A 92  . ? 1_555 ? 
29 AC5 12 GLU A 123 ? GLU A 123 . ? 1_555 ? 
30 AC5 12 MET A 124 ? MET A 124 . ? 1_555 ? 
31 AC5 12 GLU A 127 ? GLU A 127 . ? 1_555 ? 
32 AC5 12 PHE A 141 ? PHE A 141 . ? 1_555 ? 
33 AC5 12 MET A 144 ? MET A 144 . ? 1_555 ? 
34 AC5 12 MET A 145 ? MET A 145 . ? 1_555 ? 
35 AC5 12 SPU G .   ? SPU A 154 . ? 1_555 ? 
36 AC5 12 SPU I .   ? SPU A 156 . ? 1_555 ? 
37 AC6 6  GLU A 11  ? GLU A 11  . ? 1_555 ? 
38 AC6 6  LEU A 39  ? LEU A 39  . ? 1_555 ? 
39 AC6 6  GLU A 87  ? GLU A 87  . ? 1_555 ? 
40 AC6 6  MET A 124 ? MET A 124 . ? 1_555 ? 
41 AC6 6  SPU F .   ? SPU A 153 . ? 1_555 ? 
42 AC6 6  SPU H .   ? SPU A 155 . ? 1_555 ? 
43 AC7 10 PHE A 12  ? PHE A 12  . ? 1_555 ? 
44 AC7 10 ALA A 15  ? ALA A 15  . ? 1_555 ? 
45 AC7 10 LEU A 32  ? LEU A 32  . ? 1_555 ? 
46 AC7 10 MET A 51  ? MET A 51  . ? 1_555 ? 
47 AC7 10 GLU A 54  ? GLU A 54  . ? 1_555 ? 
48 AC7 10 VAL A 55  ? VAL A 55  . ? 1_555 ? 
49 AC7 10 MET A 71  ? MET A 71  . ? 1_555 ? 
50 AC7 10 MET A 72  ? MET A 72  . ? 1_555 ? 
51 AC7 10 SPU G .   ? SPU A 154 . ? 1_555 ? 
52 AC7 10 SPU I .   ? SPU A 156 . ? 1_555 ? 
53 AC8 3  MET A 145 ? MET A 145 . ? 1_555 ? 
54 AC8 3  SPU F .   ? SPU A 153 . ? 1_555 ? 
55 AC8 3  SPU H .   ? SPU A 155 . ? 1_555 ? 
# 
_atom_sites.entry_id                    3IF7 
_atom_sites.fract_transf_matrix[1][1]   0.02111040 
_atom_sites.fract_transf_matrix[1][2]   -0.00878324 
_atom_sites.fract_transf_matrix[1][3]   0.01801438 
_atom_sites.fract_transf_matrix[2][1]   0.02534977 
_atom_sites.fract_transf_matrix[2][2]   -0.00940845 
_atom_sites.fract_transf_matrix[2][3]   -0.01077710 
_atom_sites.fract_transf_matrix[3][1]   0.00211343 
_atom_sites.fract_transf_matrix[3][2]   0.00547404 
_atom_sites.fract_transf_matrix[3][3]   0.00019232 
_atom_sites.fract_transf_vector[1]      -0.494947 
_atom_sites.fract_transf_vector[2]      0.466999 
_atom_sites.fract_transf_vector[3]      -0.094546 
# 
loop_
_atom_type.symbol 
C  
CA 
N  
O  
P  
S  
# 
loop_
_atom_site.group_PDB 
_atom_site.id 
_atom_site.type_symbol 
_atom_site.label_atom_id 
_atom_site.label_alt_id 
_atom_site.label_comp_id 
_atom_site.label_asym_id 
_atom_site.label_entity_id 
_atom_site.label_seq_id 
_atom_site.pdbx_PDB_ins_code 
_atom_site.Cartn_x 
_atom_site.Cartn_y 
_atom_site.Cartn_z 
_atom_site.occupancy 
_atom_site.B_iso_or_equiv 
_atom_site.pdbx_formal_charge 
_atom_site.auth_seq_id 
_atom_site.auth_comp_id 
_atom_site.auth_asym_id 
_atom_site.auth_atom_id 
_atom_site.pdbx_PDB_model_num 
ATOM   1    N  N   . GLN A 1 3   ? 3.985   13.784  12.258  1.00 55.84 ? 3   GLN A N   1 
ATOM   2    C  CA  . GLN A 1 3   ? 4.506   14.492  11.062  1.00 53.28 ? 3   GLN A CA  1 
ATOM   3    C  C   . GLN A 1 3   ? 5.504   13.619  10.306  1.00 50.70 ? 3   GLN A C   1 
ATOM   4    O  O   . GLN A 1 3   ? 6.324   12.897  10.885  1.00 51.64 ? 3   GLN A O   1 
ATOM   5    C  CB  . GLN A 1 3   ? 5.219   15.785  11.463  1.00 53.56 ? 3   GLN A CB  1 
ATOM   6    C  CG  . GLN A 1 3   ? 6.702   15.576  11.793  1.00 55.00 ? 3   GLN A CG  1 
ATOM   7    C  CD  . GLN A 1 3   ? 7.442   16.855  12.007  1.00 57.32 ? 3   GLN A CD  1 
ATOM   8    O  OE1 . GLN A 1 3   ? 7.857   17.526  11.034  1.00 63.01 ? 3   GLN A OE1 1 
ATOM   9    N  NE2 . GLN A 1 3   ? 7.645   17.210  13.273  1.00 57.49 ? 3   GLN A NE2 1 
ATOM   10   N  N   . LEU A 1 4   ? 5.463   13.735  8.996   1.00 48.97 ? 4   LEU A N   1 
ATOM   11   C  CA  . LEU A 1 4   ? 6.424   13.082  8.132   1.00 46.05 ? 4   LEU A CA  1 
ATOM   12   C  C   . LEU A 1 4   ? 7.827   13.470  8.365   1.00 44.46 ? 4   LEU A C   1 
ATOM   13   O  O   . LEU A 1 4   ? 8.091   14.651  8.536   1.00 48.09 ? 4   LEU A O   1 
ATOM   14   C  CB  . LEU A 1 4   ? 6.156   13.523  6.708   1.00 45.57 ? 4   LEU A CB  1 
ATOM   15   C  CG  . LEU A 1 4   ? 4.898   12.950  6.161   1.00 45.40 ? 4   LEU A CG  1 
ATOM   16   C  CD1 . LEU A 1 4   ? 4.588   13.750  4.895   1.00 45.06 ? 4   LEU A CD1 1 
ATOM   17   C  CD2 . LEU A 1 4   ? 5.127   11.512  5.958   1.00 43.69 ? 4   LEU A CD2 1 
ATOM   18   N  N   . THR A 1 5   ? 8.725   12.502  8.323   1.00 41.61 ? 5   THR A N   1 
ATOM   19   C  CA  . THR A 1 5   ? 10.174  12.706  8.247   1.00 41.92 ? 5   THR A CA  1 
ATOM   20   C  C   . THR A 1 5   ? 10.722  12.428  6.851   1.00 42.38 ? 5   THR A C   1 
ATOM   21   O  O   . THR A 1 5   ? 10.041  11.793  6.040   1.00 38.22 ? 5   THR A O   1 
ATOM   22   C  CB  . THR A 1 5   ? 10.929  11.712  9.153   1.00 44.46 ? 5   THR A CB  1 
ATOM   23   O  OG1 . THR A 1 5   ? 10.655  10.356  8.716   1.00 43.25 ? 5   THR A OG1 1 
ATOM   24   C  CG2 . THR A 1 5   ? 10.519  11.915  10.631  1.00 48.40 ? 5   THR A CG2 1 
ATOM   25   N  N   . GLU A 1 6   ? 11.956  12.891  6.608   1.00 44.20 ? 6   GLU A N   1 
ATOM   26   C  CA  . GLU A 1 6   ? 12.708  12.648  5.368   1.00 44.74 ? 6   GLU A CA  1 
ATOM   27   C  C   . GLU A 1 6   ? 12.667  11.180  5.002   1.00 44.11 ? 6   GLU A C   1 
ATOM   28   O  O   . GLU A 1 6   ? 12.368  10.860  3.870   1.00 38.75 ? 6   GLU A O   1 
ATOM   29   C  CB  . GLU A 1 6   ? 14.193  13.064  5.464   1.00 48.05 ? 6   GLU A CB  1 
ATOM   30   C  CG  . GLU A 1 6   ? 14.963  13.189  4.071   1.00 52.95 ? 6   GLU A CG  1 
ATOM   31   C  CD  . GLU A 1 6   ? 16.476  13.614  4.184   1.00 61.95 ? 6   GLU A CD  1 
ATOM   32   O  OE1 . GLU A 1 6   ? 17.190  13.194  5.153   1.00 65.12 ? 6   GLU A OE1 1 
ATOM   33   O  OE2 . GLU A 1 6   ? 16.963  14.369  3.297   1.00 59.63 ? 6   GLU A OE2 1 
ATOM   34   N  N   . GLU A 1 7   ? 13.015  10.297  5.934   1.00 44.03 ? 7   GLU A N   1 
ATOM   35   C  CA  . GLU A 1 7   ? 13.078  8.860   5.573   1.00 43.90 ? 7   GLU A CA  1 
ATOM   36   C  C   . GLU A 1 7   ? 11.703  8.341   5.179   1.00 41.59 ? 7   GLU A C   1 
ATOM   37   O  O   . GLU A 1 7   ? 11.551  7.564   4.229   1.00 41.82 ? 7   GLU A O   1 
ATOM   38   C  CB  . GLU A 1 7   ? 13.674  8.014   6.706   1.00 45.83 ? 7   GLU A CB  1 
ATOM   39   N  N   . GLN A 1 8   ? 10.681  8.771   5.894   1.00 38.20 ? 8   GLN A N   1 
ATOM   40   C  CA  . GLN A 1 8   ? 9.347   8.317   5.611   1.00 34.40 ? 8   GLN A CA  1 
ATOM   41   C  C   . GLN A 1 8   ? 8.823   8.837   4.248   1.00 30.76 ? 8   GLN A C   1 
ATOM   42   O  O   . GLN A 1 8   ? 8.197   8.107   3.497   1.00 32.03 ? 8   GLN A O   1 
ATOM   43   C  CB  . GLN A 1 8   ? 8.391   8.836   6.641   1.00 35.87 ? 8   GLN A CB  1 
ATOM   44   C  CG  . GLN A 1 8   ? 8.497   8.157   8.015   1.00 42.13 ? 8   GLN A CG  1 
ATOM   45   C  CD  . GLN A 1 8   ? 7.628   8.858   9.067   1.00 50.66 ? 8   GLN A CD  1 
ATOM   46   O  OE1 . GLN A 1 8   ? 7.311   10.053  8.939   1.00 51.54 ? 8   GLN A OE1 1 
ATOM   47   N  NE2 . GLN A 1 8   ? 7.264   8.121   10.137  1.00 54.97 ? 8   GLN A NE2 1 
ATOM   48   N  N   . ILE A 1 9   ? 9.124   10.115  3.960   1.00 28.78 ? 9   ILE A N   1 
ATOM   49   C  CA  . ILE A 1 9   ? 8.791   10.660  2.637   1.00 27.00 ? 9   ILE A CA  1 
ATOM   50   C  C   . ILE A 1 9   ? 9.512   9.820   1.538   1.00 29.11 ? 9   ILE A C   1 
ATOM   51   O  O   . ILE A 1 9   ? 8.923   9.476   0.507   1.00 28.34 ? 9   ILE A O   1 
ATOM   52   C  CB  . ILE A 1 9   ? 9.156   12.173  2.567   1.00 26.80 ? 9   ILE A CB  1 
ATOM   53   C  CG1 . ILE A 1 9   ? 8.205   12.969  3.443   1.00 29.22 ? 9   ILE A CG1 1 
ATOM   54   C  CG2 . ILE A 1 9   ? 9.242   12.626  1.111   1.00 29.85 ? 9   ILE A CG2 1 
ATOM   55   C  CD1 . ILE A 1 9   ? 8.829   14.365  3.894   1.00 32.09 ? 9   ILE A CD1 1 
ATOM   56   N  N   . ALA A 1 10  ? 10.760  9.431   1.785   1.00 31.18 ? 10  ALA A N   1 
ATOM   57   C  CA  . ALA A 1 10  ? 11.518  8.675   0.781   1.00 32.31 ? 10  ALA A CA  1 
ATOM   58   C  C   . ALA A 1 10  ? 10.918  7.275   0.629   1.00 31.28 ? 10  ALA A C   1 
ATOM   59   O  O   . ALA A 1 10  ? 10.801  6.776   -0.465  1.00 32.61 ? 10  ALA A O   1 
ATOM   60   C  CB  . ALA A 1 10  ? 12.965  8.540   1.176   1.00 34.58 ? 10  ALA A CB  1 
ATOM   61   N  N   . GLU A 1 11  ? 10.531  6.667   1.724   1.00 31.76 ? 11  GLU A N   1 
ATOM   62   C  CA  . GLU A 1 11  ? 9.747   5.397   1.628   1.00 31.12 ? 11  GLU A CA  1 
ATOM   63   C  C   . GLU A 1 11  ? 8.420   5.532   0.850   1.00 29.92 ? 11  GLU A C   1 
ATOM   64   O  O   . GLU A 1 11  ? 8.095   4.640   0.050   1.00 30.03 ? 11  GLU A O   1 
ATOM   65   C  CB  . GLU A 1 11  ? 9.438   4.885   3.004   1.00 35.21 ? 11  GLU A CB  1 
ATOM   66   C  CG  . GLU A 1 11  ? 10.720  4.443   3.700   1.00 38.40 ? 11  GLU A CG  1 
ATOM   67   C  CD  . GLU A 1 11  ? 10.588  4.434   5.234   1.00 45.59 ? 11  GLU A CD  1 
ATOM   68   O  OE1 . GLU A 1 11  ? 9.508   4.779   5.765   1.00 43.29 ? 11  GLU A OE1 1 
ATOM   69   O  OE2 . GLU A 1 11  ? 11.567  4.048   5.918   1.00 53.04 ? 11  GLU A OE2 1 
ATOM   70   N  N   . PHE A 1 12  ? 7.619   6.586   1.097   1.00 28.98 ? 12  PHE A N   1 
ATOM   71   C  CA  . PHE A 1 12  ? 6.369   6.817   0.321   1.00 28.25 ? 12  PHE A CA  1 
ATOM   72   C  C   . PHE A 1 12  ? 6.700   7.025   -1.163  1.00 27.24 ? 12  PHE A C   1 
ATOM   73   O  O   . PHE A 1 12  ? 5.890   6.641   -2.047  1.00 25.62 ? 12  PHE A O   1 
ATOM   74   C  CB  . PHE A 1 12  ? 5.536   7.986   0.836   1.00 27.38 ? 12  PHE A CB  1 
ATOM   75   C  CG  . PHE A 1 12  ? 4.840   7.722   2.121   1.00 34.02 ? 12  PHE A CG  1 
ATOM   76   C  CD1 . PHE A 1 12  ? 4.096   6.581   2.296   1.00 41.86 ? 12  PHE A CD1 1 
ATOM   77   C  CD2 . PHE A 1 12  ? 5.001   8.566   3.174   1.00 34.22 ? 12  PHE A CD2 1 
ATOM   78   C  CE1 . PHE A 1 12  ? 3.483   6.337   3.502   1.00 41.50 ? 12  PHE A CE1 1 
ATOM   79   C  CE2 . PHE A 1 12  ? 4.385   8.331   4.372   1.00 37.15 ? 12  PHE A CE2 1 
ATOM   80   C  CZ  . PHE A 1 12  ? 3.626   7.228   4.542   1.00 41.33 ? 12  PHE A CZ  1 
ATOM   81   N  N   . LYS A 1 13  ? 7.844   7.627   -1.464  1.00 25.98 ? 13  LYS A N   1 
ATOM   82   C  CA  . LYS A 1 13  ? 8.264   7.824   -2.848  1.00 24.19 ? 13  LYS A CA  1 
ATOM   83   C  C   . LYS A 1 13  ? 8.617   6.467   -3.504  1.00 25.95 ? 13  LYS A C   1 
ATOM   84   O  O   . LYS A 1 13  ? 8.296   6.202   -4.670  1.00 26.68 ? 13  LYS A O   1 
ATOM   85   C  CB  . LYS A 1 13  ? 9.422   8.825   -2.964  1.00 25.39 ? 13  LYS A CB  1 
ATOM   86   C  CG  . LYS A 1 13  ? 9.974   8.984   -4.396  1.00 25.20 ? 13  LYS A CG  1 
ATOM   87   C  CD  . LYS A 1 13  ? 8.981   9.428   -5.330  1.00 29.34 ? 13  LYS A CD  1 
ATOM   88   C  CE  . LYS A 1 13  ? 9.550   10.124  -6.545  1.00 37.28 ? 13  LYS A CE  1 
ATOM   89   N  NZ  . LYS A 1 13  ? 10.137  9.172   -7.484  1.00 41.59 ? 13  LYS A NZ  1 
ATOM   90   N  N   . GLU A 1 14  ? 9.258   5.590   -2.737  1.00 28.85 ? 14  GLU A N   1 
ATOM   91   C  CA  . GLU A 1 14  ? 9.462   4.259   -3.231  1.00 26.96 ? 14  GLU A CA  1 
ATOM   92   C  C   . GLU A 1 14  ? 8.100   3.524   -3.468  1.00 27.89 ? 14  GLU A C   1 
ATOM   93   O  O   . GLU A 1 14  ? 7.918   2.836   -4.452  1.00 28.70 ? 14  GLU A O   1 
ATOM   94   C  CB  . GLU A 1 14  ? 10.326  3.445   -2.323  1.00 30.37 ? 14  GLU A CB  1 
ATOM   95   C  CG  . GLU A 1 14  ? 10.626  2.144   -2.927  1.00 34.76 ? 14  GLU A CG  1 
ATOM   96   C  CD  . GLU A 1 14  ? 11.663  2.151   -4.122  1.00 48.72 ? 14  GLU A CD  1 
ATOM   97   O  OE1 . GLU A 1 14  ? 12.292  3.185   -4.444  1.00 51.91 ? 14  GLU A OE1 1 
ATOM   98   O  OE2 . GLU A 1 14  ? 11.833  1.067   -4.759  1.00 52.53 ? 14  GLU A OE2 1 
ATOM   99   N  N   . ALA A 1 15  ? 7.147   3.658   -2.569  1.00 26.07 ? 15  ALA A N   1 
ATOM   100  C  CA  . ALA A 1 15  ? 5.831   3.050   -2.758  1.00 24.79 ? 15  ALA A CA  1 
ATOM   101  C  C   . ALA A 1 15  ? 5.185   3.631   -4.042  1.00 23.88 ? 15  ALA A C   1 
ATOM   102  O  O   . ALA A 1 15  ? 4.588   2.934   -4.851  1.00 22.93 ? 15  ALA A O   1 
ATOM   103  C  CB  . ALA A 1 15  ? 4.958   3.298   -1.588  1.00 26.30 ? 15  ALA A CB  1 
ATOM   104  N  N   . PHE A 1 16  ? 5.299   4.923   -4.248  1.00 21.52 ? 16  PHE A N   1 
ATOM   105  C  CA  . PHE A 1 16  ? 4.734   5.565   -5.415  1.00 21.35 ? 16  PHE A CA  1 
ATOM   106  C  C   . PHE A 1 16  ? 5.306   4.980   -6.682  1.00 25.47 ? 16  PHE A C   1 
ATOM   107  O  O   . PHE A 1 16  ? 4.588   4.702   -7.623  1.00 23.84 ? 16  PHE A O   1 
ATOM   108  C  CB  . PHE A 1 16  ? 5.000   7.088   -5.386  1.00 21.52 ? 16  PHE A CB  1 
ATOM   109  C  CG  . PHE A 1 16  ? 4.515   7.828   -6.537  1.00 21.05 ? 16  PHE A CG  1 
ATOM   110  C  CD1 . PHE A 1 16  ? 3.226   8.280   -6.581  1.00 22.63 ? 16  PHE A CD1 1 
ATOM   111  C  CD2 . PHE A 1 16  ? 5.336   8.067   -7.609  1.00 22.65 ? 16  PHE A CD2 1 
ATOM   112  C  CE1 . PHE A 1 16  ? 2.788   9.006   -7.703  1.00 20.81 ? 16  PHE A CE1 1 
ATOM   113  C  CE2 . PHE A 1 16  ? 4.866   8.816   -8.688  1.00 21.55 ? 16  PHE A CE2 1 
ATOM   114  C  CZ  . PHE A 1 16  ? 3.568   9.258   -8.704  1.00 21.32 ? 16  PHE A CZ  1 
ATOM   115  N  N   . SER A 1 17  ? 6.600   4.744   -6.716  1.00 25.71 ? 17  SER A N   1 
ATOM   116  C  CA  . SER A 1 17  ? 7.218   4.131   -7.879  1.00 31.23 ? 17  SER A CA  1 
ATOM   117  C  C   . SER A 1 17  ? 6.757   2.710   -8.166  1.00 30.53 ? 17  SER A C   1 
ATOM   118  O  O   . SER A 1 17  ? 6.835   2.280   -9.323  1.00 31.84 ? 17  SER A O   1 
ATOM   119  C  CB  . SER A 1 17  ? 8.706   4.124   -7.674  1.00 34.29 ? 17  SER A CB  1 
ATOM   120  O  OG  . SER A 1 17  ? 9.009   3.040   -6.798  1.00 39.29 ? 17  SER A OG  1 
ATOM   121  N  N   . LEU A 1 18  ? 6.214   1.990   -7.179  1.00 27.57 ? 18  LEU A N   1 
ATOM   122  C  CA  . LEU A 1 18  ? 5.590   0.643   -7.421  1.00 30.65 ? 18  LEU A CA  1 
ATOM   123  C  C   . LEU A 1 18  ? 4.247   0.737   -8.144  1.00 29.11 ? 18  LEU A C   1 
ATOM   124  O  O   . LEU A 1 18  ? 3.775   -0.227  -8.842  1.00 29.58 ? 18  LEU A O   1 
ATOM   125  C  CB  . LEU A 1 18  ? 5.354   -0.119  -6.125  1.00 30.93 ? 18  LEU A CB  1 
ATOM   126  C  CG  . LEU A 1 18  ? 6.636   -0.459  -5.388  1.00 38.61 ? 18  LEU A CG  1 
ATOM   127  C  CD1 . LEU A 1 18  ? 6.328   -1.464  -4.293  1.00 40.88 ? 18  LEU A CD1 1 
ATOM   128  C  CD2 . LEU A 1 18  ? 7.706   -1.049  -6.367  1.00 43.99 ? 18  LEU A CD2 1 
ATOM   129  N  N   . PHE A 1 19  ? 3.592   1.835   -8.003  1.00 23.50 ? 19  PHE A N   1 
ATOM   130  C  CA  . PHE A 1 19  ? 2.376   2.089   -8.749  1.00 24.33 ? 19  PHE A CA  1 
ATOM   131  C  C   . PHE A 1 19  ? 2.704   2.659   -10.121 1.00 25.40 ? 19  PHE A C   1 
ATOM   132  O  O   . PHE A 1 19  ? 2.059   2.344   -11.134 1.00 26.89 ? 19  PHE A O   1 
ATOM   133  C  CB  . PHE A 1 19  ? 1.487   3.094   -7.998  1.00 26.66 ? 19  PHE A CB  1 
ATOM   134  C  CG  . PHE A 1 19  ? 0.802   2.585   -6.803  1.00 26.40 ? 19  PHE A CG  1 
ATOM   135  C  CD1 . PHE A 1 19  ? 1.367   2.577   -5.586  1.00 26.17 ? 19  PHE A CD1 1 
ATOM   136  C  CD2 . PHE A 1 19  ? -0.551  2.207   -6.908  1.00 29.34 ? 19  PHE A CD2 1 
ATOM   137  C  CE1 . PHE A 1 19  ? 0.685   2.069   -4.485  1.00 31.65 ? 19  PHE A CE1 1 
ATOM   138  C  CE2 . PHE A 1 19  ? -1.281  1.795   -5.811  1.00 31.06 ? 19  PHE A CE2 1 
ATOM   139  C  CZ  . PHE A 1 19  ? -0.663  1.701   -4.606  1.00 32.06 ? 19  PHE A CZ  1 
ATOM   140  N  N   . ASP A 1 20  ? 3.650   3.591   -10.171 1.00 24.41 ? 20  ASP A N   1 
ATOM   141  C  CA  . ASP A 1 20  ? 3.964   4.295   -11.375 1.00 25.34 ? 20  ASP A CA  1 
ATOM   142  C  C   . ASP A 1 20  ? 4.854   3.418   -12.247 1.00 26.61 ? 20  ASP A C   1 
ATOM   143  O  O   . ASP A 1 20  ? 6.023   3.717   -12.400 1.00 31.53 ? 20  ASP A O   1 
ATOM   144  C  CB  . ASP A 1 20  ? 4.607   5.651   -11.046 1.00 24.80 ? 20  ASP A CB  1 
ATOM   145  C  CG  . ASP A 1 20  ? 5.017   6.433   -12.288 1.00 27.91 ? 20  ASP A CG  1 
ATOM   146  O  OD1 . ASP A 1 20  ? 4.441   6.152   -13.381 1.00 29.50 ? 20  ASP A OD1 1 
ATOM   147  O  OD2 . ASP A 1 20  ? 5.980   7.273   -12.186 1.00 27.84 ? 20  ASP A OD2 1 
ATOM   148  N  N   . LYS A 1 21  ? 4.245   2.377   -12.815 1.00 30.11 ? 21  LYS A N   1 
ATOM   149  C  CA  . LYS A 1 21  ? 4.941   1.284   -13.558 1.00 33.34 ? 21  LYS A CA  1 
ATOM   150  C  C   . LYS A 1 21  ? 5.779   1.856   -14.686 1.00 35.04 ? 21  LYS A C   1 
ATOM   151  O  O   . LYS A 1 21  ? 6.929   1.418   -14.905 1.00 40.43 ? 21  LYS A O   1 
ATOM   152  C  CB  . LYS A 1 21  ? 3.924   0.266   -14.106 1.00 32.29 ? 21  LYS A CB  1 
ATOM   153  C  CG  . LYS A 1 21  ? 2.965   -0.351  -13.020 1.00 33.64 ? 21  LYS A CG  1 
ATOM   154  C  CD  . LYS A 1 21  ? 3.728   -1.298  -12.145 1.00 35.78 ? 21  LYS A CD  1 
ATOM   155  C  CE  . LYS A 1 21  ? 2.851   -2.040  -11.177 1.00 34.00 ? 21  LYS A CE  1 
ATOM   156  N  NZ  . LYS A 1 21  ? 3.628   -2.732  -10.121 1.00 36.53 ? 21  LYS A NZ  1 
ATOM   157  N  N   . ASP A 1 22  ? 5.233   2.809   -15.430 1.00 34.94 ? 22  ASP A N   1 
ATOM   158  C  CA  . ASP A 1 22  ? 6.009   3.364   -16.582 1.00 35.10 ? 22  ASP A CA  1 
ATOM   159  C  C   . ASP A 1 22  ? 7.008   4.492   -16.278 1.00 35.75 ? 22  ASP A C   1 
ATOM   160  O  O   . ASP A 1 22  ? 7.707   5.001   -17.167 1.00 37.99 ? 22  ASP A O   1 
ATOM   161  C  CB  . ASP A 1 22  ? 5.107   3.728   -17.728 1.00 35.70 ? 22  ASP A CB  1 
ATOM   162  C  CG  . ASP A 1 22  ? 4.256   4.925   -17.473 1.00 34.33 ? 22  ASP A CG  1 
ATOM   163  O  OD1 . ASP A 1 22  ? 4.304   5.523   -16.373 1.00 30.48 ? 22  ASP A OD1 1 
ATOM   164  O  OD2 . ASP A 1 22  ? 3.441   5.247   -18.384 1.00 38.21 ? 22  ASP A OD2 1 
ATOM   165  N  N   . GLY A 1 23  ? 7.076   4.916   -15.019 1.00 34.45 ? 23  GLY A N   1 
ATOM   166  C  CA  . GLY A 1 23  ? 8.033   5.882   -14.520 1.00 34.20 ? 23  GLY A CA  1 
ATOM   167  C  C   . GLY A 1 23  ? 7.820   7.309   -15.006 1.00 35.41 ? 23  GLY A C   1 
ATOM   168  O  O   . GLY A 1 23  ? 8.750   8.117   -15.010 1.00 38.46 ? 23  GLY A O   1 
ATOM   169  N  N   . ASP A 1 24  ? 6.603   7.651   -15.410 1.00 34.30 ? 24  ASP A N   1 
ATOM   170  C  CA  . ASP A 1 24  ? 6.338   8.984   -15.975 1.00 34.77 ? 24  ASP A CA  1 
ATOM   171  C  C   . ASP A 1 24  ? 5.920   10.041  -14.928 1.00 33.74 ? 24  ASP A C   1 
ATOM   172  O  O   . ASP A 1 24  ? 5.578   11.229  -15.233 1.00 36.32 ? 24  ASP A O   1 
ATOM   173  C  CB  . ASP A 1 24  ? 5.354   8.827   -17.139 1.00 34.33 ? 24  ASP A CB  1 
ATOM   174  C  CG  . ASP A 1 24  ? 3.889   8.765   -16.702 1.00 34.31 ? 24  ASP A CG  1 
ATOM   175  O  OD1 . ASP A 1 24  ? 3.583   8.396   -15.579 1.00 32.37 ? 24  ASP A OD1 1 
ATOM   176  O  OD2 . ASP A 1 24  ? 3.061   9.084   -17.540 1.00 43.78 ? 24  ASP A OD2 1 
ATOM   177  N  N   . GLY A 1 25  ? 5.906   9.618   -13.677 1.00 30.87 ? 25  GLY A N   1 
ATOM   178  C  CA  . GLY A 1 25  ? 5.603   10.469  -12.575 1.00 28.94 ? 25  GLY A CA  1 
ATOM   179  C  C   . GLY A 1 25  ? 4.123   10.630  -12.219 1.00 25.44 ? 25  GLY A C   1 
ATOM   180  O  O   . GLY A 1 25  ? 3.779   11.431  -11.351 1.00 25.71 ? 25  GLY A O   1 
ATOM   181  N  N   . THR A 1 26  ? 3.251   9.864   -12.871 1.00 25.75 ? 26  THR A N   1 
ATOM   182  C  CA  . THR A 1 26  ? 1.878   9.906   -12.519 1.00 26.74 ? 26  THR A CA  1 
ATOM   183  C  C   . THR A 1 26  ? 1.337   8.503   -12.508 1.00 24.67 ? 26  THR A C   1 
ATOM   184  O  O   . THR A 1 26  ? 1.772   7.658   -13.242 1.00 26.84 ? 26  THR A O   1 
ATOM   185  C  CB  . THR A 1 26  ? 1.077   10.771  -13.454 1.00 28.98 ? 26  THR A CB  1 
ATOM   186  O  OG1 . THR A 1 26  ? 1.057   10.142  -14.733 1.00 34.43 ? 26  THR A OG1 1 
ATOM   187  C  CG2 . THR A 1 26  ? 1.691   12.162  -13.488 1.00 38.04 ? 26  THR A CG2 1 
ATOM   188  N  N   . ILE A 1 27  ? 0.361   8.301   -11.664 1.00 19.70 ? 27  ILE A N   1 
ATOM   189  C  CA  . ILE A 1 27  ? -0.334  6.993   -11.604 1.00 18.03 ? 27  ILE A CA  1 
ATOM   190  C  C   . ILE A 1 27  ? -1.684  7.157   -12.301 1.00 21.44 ? 27  ILE A C   1 
ATOM   191  O  O   . ILE A 1 27  ? -2.490  8.010   -11.925 1.00 21.77 ? 27  ILE A O   1 
ATOM   192  C  CB  . ILE A 1 27  ? -0.635  6.565   -10.207 1.00 19.38 ? 27  ILE A CB  1 
ATOM   193  C  CG1 . ILE A 1 27  ? 0.656   6.456   -9.394  1.00 20.74 ? 27  ILE A CG1 1 
ATOM   194  C  CG2 . ILE A 1 27  ? -1.388  5.160   -10.154 1.00 20.35 ? 27  ILE A CG2 1 
ATOM   195  C  CD1 . ILE A 1 27  ? 0.402   6.349   -7.876  1.00 21.04 ? 27  ILE A CD1 1 
ATOM   196  N  N   . THR A 1 28  ? -1.897  6.332   -13.365 1.00 20.19 ? 28  THR A N   1 
ATOM   197  C  CA  . THR A 1 28  ? -3.156  6.329   -14.114 1.00 19.84 ? 28  THR A CA  1 
ATOM   198  C  C   . THR A 1 28  ? -4.084  5.253   -13.603 1.00 19.00 ? 28  THR A C   1 
ATOM   199  O  O   . THR A 1 28  ? -3.712  4.361   -12.793 1.00 18.66 ? 28  THR A O   1 
ATOM   200  C  CB  . THR A 1 28  ? -2.812  5.995   -15.560 1.00 22.06 ? 28  THR A CB  1 
ATOM   201  O  OG1 . THR A 1 28  ? -2.280  4.649   -15.600 1.00 21.59 ? 28  THR A OG1 1 
ATOM   202  C  CG2 . THR A 1 28  ? -1.861  7.022   -16.186 1.00 24.31 ? 28  THR A CG2 1 
ATOM   203  N  N   . THR A 1 29  ? -5.352  5.262   -14.048 1.00 20.08 ? 29  THR A N   1 
ATOM   204  C  CA  . THR A 1 29  ? -6.255  4.174   -13.746 1.00 17.99 ? 29  THR A CA  1 
ATOM   205  C  C   . THR A 1 29  ? -5.684  2.826   -14.133 1.00 18.09 ? 29  THR A C   1 
ATOM   206  O  O   . THR A 1 29  ? -5.951  1.841   -13.503 1.00 19.09 ? 29  THR A O   1 
ATOM   207  C  CB  . THR A 1 29  ? -7.628  4.362   -14.440 1.00 21.41 ? 29  THR A CB  1 
ATOM   208  O  OG1 . THR A 1 29  ? -7.382  4.492   -15.829 1.00 22.90 ? 29  THR A OG1 1 
ATOM   209  C  CG2 . THR A 1 29  ? -8.267  5.668   -13.983 1.00 24.20 ? 29  THR A CG2 1 
ATOM   210  N  N   . LYS A 1 30  ? -4.961  2.745   -15.272 1.00 18.24 ? 30  LYS A N   1 
ATOM   211  C  CA  . LYS A 1 30  ? -4.454  1.490   -15.743 1.00 18.45 ? 30  LYS A CA  1 
ATOM   212  C  C   . LYS A 1 30  ? -3.434  0.899   -14.786 1.00 17.59 ? 30  LYS A C   1 
ATOM   213  O  O   . LYS A 1 30  ? -3.421  -0.276  -14.514 1.00 20.22 ? 30  LYS A O   1 
ATOM   214  C  CB  . LYS A 1 30  ? -3.851  1.612   -17.165 1.00 19.29 ? 30  LYS A CB  1 
ATOM   215  C  CG  . LYS A 1 30  ? -4.827  1.932   -18.252 1.00 24.20 ? 30  LYS A CG  1 
ATOM   216  C  CD  . LYS A 1 30  ? -4.074  2.153   -19.579 1.00 29.32 ? 30  LYS A CD  1 
ATOM   217  C  CE  . LYS A 1 30  ? -3.719  3.581   -19.854 1.00 30.70 ? 30  LYS A CE  1 
ATOM   218  N  NZ  . LYS A 1 30  ? -4.845  4.545   -20.234 1.00 40.07 ? 30  LYS A NZ  1 
ATOM   219  N  N   . GLU A 1 31  ? -2.582  1.806   -14.299 1.00 17.67 ? 31  GLU A N   1 
ATOM   220  C  CA  . GLU A 1 31  ? -1.538  1.401   -13.335 1.00 18.79 ? 31  GLU A CA  1 
ATOM   221  C  C   . GLU A 1 31  ? -2.162  1.040   -12.030 1.00 18.22 ? 31  GLU A C   1 
ATOM   222  O  O   . GLU A 1 31  ? -1.744  0.034   -11.413 1.00 20.11 ? 31  GLU A O   1 
ATOM   223  C  CB  . GLU A 1 31  ? -0.556  2.553   -13.210 1.00 18.86 ? 31  GLU A CB  1 
ATOM   224  C  CG  . GLU A 1 31  ? 0.306   2.696   -14.410 1.00 22.39 ? 31  GLU A CG  1 
ATOM   225  C  CD  . GLU A 1 31  ? 1.173   3.951   -14.435 1.00 28.12 ? 31  GLU A CD  1 
ATOM   226  O  OE1 . GLU A 1 31  ? 0.743   5.027   -13.993 1.00 21.78 ? 31  GLU A OE1 1 
ATOM   227  O  OE2 . GLU A 1 31  ? 2.293   3.836   -14.990 1.00 27.17 ? 31  GLU A OE2 1 
ATOM   228  N  N   . LEU A 1 32  ? -3.155  1.765   -11.565 1.00 17.78 ? 32  LEU A N   1 
ATOM   229  C  CA  . LEU A 1 32  ? -3.856  1.415   -10.365 1.00 19.06 ? 32  LEU A CA  1 
ATOM   230  C  C   . LEU A 1 32  ? -4.562  0.028   -10.490 1.00 18.15 ? 32  LEU A C   1 
ATOM   231  O  O   . LEU A 1 32  ? -4.538  -0.808  -9.616  1.00 19.83 ? 32  LEU A O   1 
ATOM   232  C  CB  . LEU A 1 32  ? -4.821  2.506   -9.929  1.00 19.93 ? 32  LEU A CB  1 
ATOM   233  C  CG  . LEU A 1 32  ? -5.623  2.219   -8.687  1.00 20.23 ? 32  LEU A CG  1 
ATOM   234  C  CD1 . LEU A 1 32  ? -4.766  2.053   -7.372  1.00 23.56 ? 32  LEU A CD1 1 
ATOM   235  C  CD2 . LEU A 1 32  ? -6.629  3.311   -8.482  1.00 24.62 ? 32  LEU A CD2 1 
ATOM   236  N  N   . GLY A 1 33  ? -5.221  -0.203  -11.666 1.00 18.41 ? 33  GLY A N   1 
ATOM   237  C  CA  . GLY A 1 33  ? -5.810  -1.497  -11.931 1.00 19.25 ? 33  GLY A CA  1 
ATOM   238  C  C   . GLY A 1 33  ? -4.801  -2.663  -11.850 1.00 18.85 ? 33  GLY A C   1 
ATOM   239  O  O   . GLY A 1 33  ? -5.077  -3.706  -11.252 1.00 18.82 ? 33  GLY A O   1 
ATOM   240  N  N   . THR A 1 34  ? -3.637  -2.487  -12.446 1.00 17.91 ? 34  THR A N   1 
ATOM   241  C  CA  . THR A 1 34  ? -2.561  -3.435  -12.414 1.00 18.90 ? 34  THR A CA  1 
ATOM   242  C  C   . THR A 1 34  ? -2.139  -3.762  -10.953 1.00 19.47 ? 34  THR A C   1 
ATOM   243  O  O   . THR A 1 34  ? -2.023  -4.911  -10.564 1.00 19.91 ? 34  THR A O   1 
ATOM   244  C  CB  . THR A 1 34  ? -1.445  -2.912  -13.235 1.00 22.78 ? 34  THR A CB  1 
ATOM   245  O  OG1 . THR A 1 34  ? -1.875  -2.925  -14.628 1.00 26.55 ? 34  THR A OG1 1 
ATOM   246  C  CG2 . THR A 1 34  ? -0.179  -3.727  -13.087 1.00 25.09 ? 34  THR A CG2 1 
ATOM   247  N  N   . VAL A 1 35  ? -1.976  -2.706  -10.212 1.00 20.42 ? 35  VAL A N   1 
ATOM   248  C  CA  . VAL A 1 35  ? -1.623  -2.908  -8.799  1.00 21.61 ? 35  VAL A CA  1 
ATOM   249  C  C   . VAL A 1 35  ? -2.715  -3.647  -8.053  1.00 20.72 ? 35  VAL A C   1 
ATOM   250  O  O   . VAL A 1 35  ? -2.412  -4.652  -7.350  1.00 21.88 ? 35  VAL A O   1 
ATOM   251  C  CB  . VAL A 1 35  ? -1.275  -1.584  -8.143  1.00 21.82 ? 35  VAL A CB  1 
ATOM   252  C  CG1 . VAL A 1 35  ? -1.187  -1.809  -6.637  1.00 23.73 ? 35  VAL A CG1 1 
ATOM   253  C  CG2 . VAL A 1 35  ? 0.033   -1.092  -8.745  1.00 24.93 ? 35  VAL A CG2 1 
ATOM   254  N  N   . MET A 1 36  ? -3.937  -3.178  -8.192  1.00 21.09 ? 36  MET A N   1 
ATOM   255  C  CA  A MET A 1 36  ? -5.057  -3.778  -7.485  0.50 22.13 ? 36  MET A CA  1 
ATOM   256  C  CA  B MET A 1 36  ? -5.005  -3.785  -7.445  0.50 22.73 ? 36  MET A CA  1 
ATOM   257  C  C   . MET A 1 36  ? -5.193  -5.262  -7.816  1.00 21.98 ? 36  MET A C   1 
ATOM   258  O  O   . MET A 1 36  ? -5.371  -6.100  -6.949  1.00 23.57 ? 36  MET A O   1 
ATOM   259  C  CB  A MET A 1 36  ? -6.384  -3.027  -7.786  0.50 22.22 ? 36  MET A CB  1 
ATOM   260  C  CB  B MET A 1 36  ? -6.286  -2.938  -7.555  0.50 22.58 ? 36  MET A CB  1 
ATOM   261  C  CG  A MET A 1 36  ? -6.494  -1.689  -7.173  0.50 19.47 ? 36  MET A CG  1 
ATOM   262  C  CG  B MET A 1 36  ? -6.066  -1.527  -7.150  0.50 25.53 ? 36  MET A CG  1 
ATOM   263  S  SD  A MET A 1 36  ? -6.549  -1.853  -5.386  0.50 25.48 ? 36  MET A SD  1 
ATOM   264  S  SD  B MET A 1 36  ? -7.579  -0.732  -6.757  0.50 33.81 ? 36  MET A SD  1 
ATOM   265  C  CE  A MET A 1 36  ? -8.181  -2.526  -5.261  0.50 33.18 ? 36  MET A CE  1 
ATOM   266  C  CE  B MET A 1 36  ? -8.134  -1.927  -5.572  0.50 31.41 ? 36  MET A CE  1 
ATOM   267  N  N   . ARG A 1 37  ? -5.073  -5.614  -9.095  1.00 20.37 ? 37  ARG A N   1 
ATOM   268  C  CA  . ARG A 1 37  ? -5.149  -7.024  -9.500  1.00 19.04 ? 37  ARG A CA  1 
ATOM   269  C  C   . ARG A 1 37  ? -3.982  -7.886  -8.925  1.00 22.18 ? 37  ARG A C   1 
ATOM   270  O  O   . ARG A 1 37  ? -4.212  -9.036  -8.512  1.00 24.01 ? 37  ARG A O   1 
ATOM   271  C  CB  . ARG A 1 37  ? -5.248  -7.196  -11.046 1.00 18.65 ? 37  ARG A CB  1 
ATOM   272  C  CG  . ARG A 1 37  ? -6.566  -6.728  -11.520 1.00 20.72 ? 37  ARG A CG  1 
ATOM   273  C  CD  . ARG A 1 37  ? -6.682  -6.960  -12.993 1.00 20.01 ? 37  ARG A CD  1 
ATOM   274  N  NE  . ARG A 1 37  ? -5.830  -6.122  -13.796 1.00 18.13 ? 37  ARG A NE  1 
ATOM   275  C  CZ  . ARG A 1 37  ? -6.084  -4.916  -14.237 1.00 17.92 ? 37  ARG A CZ  1 
ATOM   276  N  NH1 . ARG A 1 37  ? -7.230  -4.318  -13.911 1.00 20.21 ? 37  ARG A NH1 1 
ATOM   277  N  NH2 . ARG A 1 37  ? -5.210  -4.345  -14.990 1.00 19.24 ? 37  ARG A NH2 1 
ATOM   278  N  N   . SER A 1 38  ? -2.797  -7.299  -8.815  1.00 23.31 ? 38  SER A N   1 
ATOM   279  C  CA  . SER A 1 38  ? -1.632  -8.001  -8.322  1.00 24.12 ? 38  SER A CA  1 
ATOM   280  C  C   . SER A 1 38  ? -1.830  -8.278  -6.817  1.00 27.43 ? 38  SER A C   1 
ATOM   281  O  O   . SER A 1 38  ? -1.132  -9.168  -6.232  1.00 31.49 ? 38  SER A O   1 
ATOM   282  C  CB  . SER A 1 38  ? -0.337  -7.255  -8.592  0.50 19.01 ? 38  SER A CB  1 
ATOM   283  O  OG  . SER A 1 38  ? -0.213  -6.042  -7.867  0.50 18.73 ? 38  SER A OG  1 
ATOM   284  N  N   . LEU A 1 39  ? -2.700  -7.487  -6.222  1.00 25.50 ? 39  LEU A N   1 
ATOM   285  C  CA  . LEU A 1 39  ? -3.144  -7.647  -4.798  1.00 29.01 ? 39  LEU A CA  1 
ATOM   286  C  C   . LEU A 1 39  ? -4.471  -8.366  -4.639  1.00 31.93 ? 39  LEU A C   1 
ATOM   287  O  O   . LEU A 1 39  ? -5.104  -8.229  -3.560  1.00 37.57 ? 39  LEU A O   1 
ATOM   288  C  CB  . LEU A 1 39  ? -3.218  -6.314  -4.129  1.00 26.39 ? 39  LEU A CB  1 
ATOM   289  C  CG  . LEU A 1 39  ? -1.994  -5.465  -4.175  1.00 30.13 ? 39  LEU A CG  1 
ATOM   290  C  CD1 . LEU A 1 39  ? -2.153  -4.037  -3.716  1.00 30.79 ? 39  LEU A CD1 1 
ATOM   291  C  CD2 . LEU A 1 39  ? -0.928  -6.077  -3.337  1.00 32.41 ? 39  LEU A CD2 1 
ATOM   292  N  N   . GLY A 1 40  ? -4.918  -9.071  -5.679  1.00 30.22 ? 40  GLY A N   1 
ATOM   293  C  CA  . GLY A 1 40  ? -6.036  -9.909  -5.571  1.00 31.30 ? 40  GLY A CA  1 
ATOM   294  C  C   . GLY A 1 40  ? -7.365  -9.215  -5.665  1.00 32.79 ? 40  GLY A C   1 
ATOM   295  O  O   . GLY A 1 40  ? -8.361  -9.866  -5.351  1.00 34.58 ? 40  GLY A O   1 
ATOM   296  N  N   . GLN A 1 41  ? -7.429  -7.954  -6.094  1.00 30.26 ? 41  GLN A N   1 
ATOM   297  C  CA  . GLN A 1 41  ? -8.689  -7.178  -6.154  1.00 32.44 ? 41  GLN A CA  1 
ATOM   298  C  C   . GLN A 1 41  ? -9.104  -7.106  -7.603  1.00 33.17 ? 41  GLN A C   1 
ATOM   299  O  O   . GLN A 1 41  ? -8.268  -7.362  -8.463  1.00 34.86 ? 41  GLN A O   1 
ATOM   300  C  CB  . GLN A 1 41  ? -8.527  -5.789  -5.575  1.00 31.94 ? 41  GLN A CB  1 
ATOM   301  C  CG  . GLN A 1 41  ? -7.803  -5.809  -4.245  1.00 33.17 ? 41  GLN A CG  1 
ATOM   302  C  CD  . GLN A 1 41  ? -8.617  -6.445  -3.168  1.00 39.88 ? 41  GLN A CD  1 
ATOM   303  O  OE1 . GLN A 1 41  ? -9.830  -6.210  -3.044  1.00 43.78 ? 41  GLN A OE1 1 
ATOM   304  N  NE2 . GLN A 1 41  ? -7.963  -7.279  -2.361  1.00 43.44 ? 41  GLN A NE2 1 
ATOM   305  N  N   . ASN A 1 42  ? -10.389 -6.816  -7.872  1.00 31.26 ? 42  ASN A N   1 
ATOM   306  C  CA  . ASN A 1 42  ? -10.875 -6.803  -9.249  1.00 32.56 ? 42  ASN A CA  1 
ATOM   307  C  C   . ASN A 1 42  ? -11.782 -5.563  -9.529  1.00 33.91 ? 42  ASN A C   1 
ATOM   308  O  O   . ASN A 1 42  ? -12.934 -5.671  -9.964  1.00 34.36 ? 42  ASN A O   1 
ATOM   309  C  CB  . ASN A 1 42  ? -11.615 -8.131  -9.538  1.00 31.91 ? 42  ASN A CB  1 
ATOM   310  N  N   . PRO A 1 43  ? -11.252 -4.363  -9.343  1.00 29.88 ? 43  PRO A N   1 
ATOM   311  C  CA  . PRO A 1 43  ? -12.058 -3.185  -9.540  1.00 29.15 ? 43  PRO A CA  1 
ATOM   312  C  C   . PRO A 1 43  ? -12.370 -3.041  -11.056 1.00 29.30 ? 43  PRO A C   1 
ATOM   313  O  O   . PRO A 1 43  ? -11.543 -3.373  -11.856 1.00 28.44 ? 43  PRO A O   1 
ATOM   314  C  CB  . PRO A 1 43  ? -11.138 -2.052  -9.056  1.00 28.94 ? 43  PRO A CB  1 
ATOM   315  C  CG  . PRO A 1 43  ? -9.764  -2.627  -9.402  1.00 29.79 ? 43  PRO A CG  1 
ATOM   316  C  CD  . PRO A 1 43  ? -9.843  -3.997  -9.009  1.00 30.40 ? 43  PRO A CD  1 
ATOM   317  N  N   . THR A 1 44  ? -13.560 -2.535  -11.341 1.00 28.57 ? 44  THR A N   1 
ATOM   318  C  CA  . THR A 1 44  ? -13.965 -2.118  -12.688 1.00 26.97 ? 44  THR A CA  1 
ATOM   319  C  C   . THR A 1 44  ? -13.360 -0.827  -13.073 1.00 24.67 ? 44  THR A C   1 
ATOM   320  O  O   . THR A 1 44  ? -12.838 -0.050  -12.275 1.00 24.07 ? 44  THR A O   1 
ATOM   321  C  CB  . THR A 1 44  ? -15.501 -1.866  -12.816 1.00 28.43 ? 44  THR A CB  1 
ATOM   322  O  OG1 . THR A 1 44  ? -15.890 -0.770  -11.949 1.00 29.88 ? 44  THR A OG1 1 
ATOM   323  C  CG2 . THR A 1 44  ? -16.269 -3.149  -12.449 1.00 31.53 ? 44  THR A CG2 1 
ATOM   324  N  N   . GLU A 1 45  ? -13.420 -0.516  -14.371 1.00 23.11 ? 45  GLU A N   1 
ATOM   325  C  CA  . GLU A 1 45  ? -13.006 0.751   -14.830 1.00 25.27 ? 45  GLU A CA  1 
ATOM   326  C  C   . GLU A 1 45  ? -13.566 1.952   -14.082 1.00 24.14 ? 45  GLU A C   1 
ATOM   327  O  O   . GLU A 1 45  ? -12.819 2.866   -13.754 1.00 25.26 ? 45  GLU A O   1 
ATOM   328  C  CB  . GLU A 1 45  ? -13.104 0.900   -16.367 1.00 25.49 ? 45  GLU A CB  1 
ATOM   329  C  CG  . GLU A 1 45  ? -14.474 1.229   -16.968 1.00 32.05 ? 45  GLU A CG  1 
ATOM   330  C  CD  . GLU A 1 45  ? -15.575 0.224   -16.668 1.00 42.03 ? 45  GLU A CD  1 
ATOM   331  O  OE1 . GLU A 1 45  ? -16.550 0.534   -15.900 1.00 42.16 ? 45  GLU A OE1 1 
ATOM   332  O  OE2 . GLU A 1 45  ? -15.513 -0.893  -17.231 1.00 44.86 ? 45  GLU A OE2 1 
ATOM   333  N  N   . ALA A 1 46  ? -14.860 1.911   -13.807 1.00 26.69 ? 46  ALA A N   1 
ATOM   334  C  CA  . ALA A 1 46  ? -15.508 3.029   -13.214 1.00 26.34 ? 46  ALA A CA  1 
ATOM   335  C  C   . ALA A 1 46  ? -15.060 3.120   -11.748 1.00 26.65 ? 46  ALA A C   1 
ATOM   336  O  O   . ALA A 1 46  ? -14.926 4.195   -11.248 1.00 28.58 ? 46  ALA A O   1 
ATOM   337  C  CB  . ALA A 1 46  ? -17.011 2.803   -13.285 1.00 29.21 ? 46  ALA A CB  1 
ATOM   338  N  N   . GLU A 1 47  ? -14.916 1.982   -11.092 1.00 26.61 ? 47  GLU A N   1 
ATOM   339  C  CA  . GLU A 1 47  ? -14.351 1.966   -9.769  1.00 28.11 ? 47  GLU A CA  1 
ATOM   340  C  C   . GLU A 1 47  ? -12.966 2.591   -9.690  1.00 25.87 ? 47  GLU A C   1 
ATOM   341  O  O   . GLU A 1 47  ? -12.661 3.347   -8.720  1.00 26.66 ? 47  GLU A O   1 
ATOM   342  C  CB  . GLU A 1 47  ? -14.366 0.550   -9.205  1.00 28.40 ? 47  GLU A CB  1 
ATOM   343  C  CG  . GLU A 1 47  ? -15.876 0.210   -8.753  1.00 34.21 ? 47  GLU A CG  1 
ATOM   344  N  N   . LEU A 1 48  ? -12.112 2.223   -10.623 1.00 23.51 ? 48  LEU A N   1 
ATOM   345  C  CA  . LEU A 1 48  ? -10.785 2.799   -10.681 1.00 23.03 ? 48  LEU A CA  1 
ATOM   346  C  C   . LEU A 1 48  ? -10.815 4.254   -10.851 1.00 23.22 ? 48  LEU A C   1 
ATOM   347  O  O   . LEU A 1 48  ? -10.040 4.977   -10.212 1.00 23.24 ? 48  LEU A O   1 
ATOM   348  C  CB  . LEU A 1 48  ? -10.001 2.150   -11.852 1.00 20.97 ? 48  LEU A CB  1 
ATOM   349  C  CG  . LEU A 1 48  ? -9.617  0.746   -11.518 1.00 20.73 ? 48  LEU A CG  1 
ATOM   350  C  CD1 . LEU A 1 48  ? -9.146  -0.018  -12.807 1.00 20.49 ? 48  LEU A CD1 1 
ATOM   351  C  CD2 . LEU A 1 48  ? -8.511  0.645   -10.407 1.00 22.77 ? 48  LEU A CD2 1 
ATOM   352  N  N   . GLN A 1 49  ? -11.702 4.766   -11.739 1.00 23.82 ? 49  GLN A N   1 
ATOM   353  C  CA  . GLN A 1 49  ? -11.854 6.192   -11.901 1.00 26.78 ? 49  GLN A CA  1 
ATOM   354  C  C   . GLN A 1 49  ? -12.284 6.876   -10.602 1.00 27.97 ? 49  GLN A C   1 
ATOM   355  O  O   . GLN A 1 49  ? -11.755 7.948   -10.284 1.00 29.15 ? 49  GLN A O   1 
ATOM   356  C  CB  . GLN A 1 49  ? -12.809 6.538   -13.026 1.00 29.77 ? 49  GLN A CB  1 
ATOM   357  C  CG  . GLN A 1 49  ? -12.177 6.137   -14.341 1.00 31.37 ? 49  GLN A CG  1 
ATOM   358  C  CD  . GLN A 1 49  ? -13.026 6.468   -15.522 1.00 32.81 ? 49  GLN A CD  1 
ATOM   359  O  OE1 . GLN A 1 49  ? -12.603 7.198   -16.456 1.00 37.41 ? 49  GLN A OE1 1 
ATOM   360  N  NE2 . GLN A 1 49  ? -14.213 5.970   -15.512 1.00 31.66 ? 49  GLN A NE2 1 
ATOM   361  N  N   . ASP A 1 50  ? -13.226 6.255   -9.899  1.00 27.17 ? 50  ASP A N   1 
ATOM   362  C  CA  . ASP A 1 50  ? -13.719 6.785   -8.607  1.00 29.57 ? 50  ASP A CA  1 
ATOM   363  C  C   . ASP A 1 50  ? -12.586 6.830   -7.606  1.00 29.18 ? 50  ASP A C   1 
ATOM   364  O  O   . ASP A 1 50  ? -12.537 7.802   -6.807  1.00 28.77 ? 50  ASP A O   1 
ATOM   365  C  CB  . ASP A 1 50  ? -14.843 5.925   -8.038  1.00 31.06 ? 50  ASP A CB  1 
ATOM   366  C  CG  . ASP A 1 50  ? -16.177 6.089   -8.803  1.00 39.30 ? 50  ASP A CG  1 
ATOM   367  O  OD1 . ASP A 1 50  ? -16.356 7.113   -9.521  1.00 41.84 ? 50  ASP A OD1 1 
ATOM   368  O  OD2 . ASP A 1 50  ? -17.070 5.197   -8.694  1.00 46.35 ? 50  ASP A OD2 1 
ATOM   369  N  N   . MET A 1 51  ? -11.734 5.815   -7.554  1.00 27.38 ? 51  MET A N   1 
ATOM   370  C  CA  . MET A 1 51  ? -10.590 5.759   -6.599  1.00 29.65 ? 51  MET A CA  1 
ATOM   371  C  C   . MET A 1 51  ? -9.654  6.889   -6.939  1.00 29.14 ? 51  MET A C   1 
ATOM   372  O  O   . MET A 1 51  ? -9.220  7.633   -6.038  1.00 29.95 ? 51  MET A O   1 
ATOM   373  C  CB  . MET A 1 51  ? -9.863  4.416   -6.686  1.00 29.45 ? 51  MET A CB  1 
ATOM   374  C  CG  . MET A 1 51  ? -10.579 3.335   -5.995  1.00 31.60 ? 51  MET A CG  1 
ATOM   375  S  SD  . MET A 1 51  ? -9.841  1.706   -6.353  1.00 37.20 ? 51  MET A SD  1 
ATOM   376  C  CE  . MET A 1 51  ? -11.255 0.609   -6.160  1.00 42.65 ? 51  MET A CE  1 
ATOM   377  N  N   . ILE A 1 52  ? -9.263  7.042   -8.186  1.00 26.24 ? 52  ILE A N   1 
ATOM   378  C  CA  A ILE A 1 52  ? -8.360  8.125   -8.573  0.50 27.96 ? 52  ILE A CA  1 
ATOM   379  C  CA  B ILE A 1 52  ? -8.387  8.121   -8.547  0.50 28.24 ? 52  ILE A CA  1 
ATOM   380  C  C   . ILE A 1 52  ? -8.994  9.476   -8.223  1.00 29.76 ? 52  ILE A C   1 
ATOM   381  O  O   . ILE A 1 52  ? -8.276  10.361  -7.699  1.00 29.24 ? 52  ILE A O   1 
ATOM   382  C  CB  A ILE A 1 52  ? -7.961  8.089   -10.091 0.50 27.76 ? 52  ILE A CB  1 
ATOM   383  C  CB  B ILE A 1 52  ? -7.988  7.977   -10.002 0.50 28.06 ? 52  ILE A CB  1 
ATOM   384  C  CG1 A ILE A 1 52  ? -7.149  6.829   -10.485 0.50 27.54 ? 52  ILE A CG1 1 
ATOM   385  C  CG1 B ILE A 1 52  ? -6.999  6.816   -10.091 0.50 29.29 ? 52  ILE A CG1 1 
ATOM   386  C  CG2 A ILE A 1 52  ? -7.149  9.344   -10.511 0.50 29.31 ? 52  ILE A CG2 1 
ATOM   387  C  CG2 B ILE A 1 52  ? -7.412  9.287   -10.598 0.50 30.18 ? 52  ILE A CG2 1 
ATOM   388  C  CD1 A ILE A 1 52  ? -5.662  6.767   -10.052 0.50 26.32 ? 52  ILE A CD1 1 
ATOM   389  C  CD1 B ILE A 1 52  ? -6.096  6.874   -11.265 0.50 32.01 ? 52  ILE A CD1 1 
ATOM   390  N  N   . ASN A 1 53  ? -10.302 9.625   -8.483  1.00 29.80 ? 53  ASN A N   1 
ATOM   391  C  CA  . ASN A 1 53  ? -10.979 10.876  -8.228  1.00 34.47 ? 53  ASN A CA  1 
ATOM   392  C  C   . ASN A 1 53  ? -10.924 11.276  -6.763  1.00 33.96 ? 53  ASN A C   1 
ATOM   393  O  O   . ASN A 1 53  ? -10.982 12.475  -6.445  1.00 36.39 ? 53  ASN A O   1 
ATOM   394  C  CB  . ASN A 1 53  ? -12.424 10.822  -8.671  1.00 36.82 ? 53  ASN A CB  1 
ATOM   395  C  CG  . ASN A 1 53  ? -13.106 12.163  -8.507  1.00 45.57 ? 53  ASN A CG  1 
ATOM   396  O  OD1 . ASN A 1 53  ? -12.650 13.173  -9.070  1.00 55.79 ? 53  ASN A OD1 1 
ATOM   397  N  ND2 . ASN A 1 53  ? -14.146 12.211  -7.664  1.00 46.59 ? 53  ASN A ND2 1 
ATOM   398  N  N   . GLU A 1 54  ? -10.907 10.331  -5.847  1.00 33.48 ? 54  GLU A N   1 
ATOM   399  C  CA  . GLU A 1 54  ? -10.880 10.702  -4.434  1.00 37.04 ? 54  GLU A CA  1 
ATOM   400  C  C   . GLU A 1 54  ? -9.557  11.347  -4.066  1.00 35.96 ? 54  GLU A C   1 
ATOM   401  O  O   . GLU A 1 54  ? -9.543  12.195  -3.138  1.00 40.13 ? 54  GLU A O   1 
ATOM   402  C  CB  . GLU A 1 54  ? -11.102 9.508   -3.510  1.00 37.85 ? 54  GLU A CB  1 
ATOM   403  C  CG  . GLU A 1 54  ? -12.525 8.986   -3.577  1.00 45.36 ? 54  GLU A CG  1 
ATOM   404  C  CD  . GLU A 1 54  ? -13.618 10.034  -3.250  1.00 50.75 ? 54  GLU A CD  1 
ATOM   405  O  OE1 . GLU A 1 54  ? -13.384 10.978  -2.469  1.00 50.63 ? 54  GLU A OE1 1 
ATOM   406  O  OE2 . GLU A 1 54  ? -14.748 9.890   -3.784  1.00 54.60 ? 54  GLU A OE2 1 
ATOM   407  N  N   . VAL A 1 55  ? -8.505  10.978  -4.782  1.00 33.94 ? 55  VAL A N   1 
ATOM   408  C  CA  . VAL A 1 55  ? -7.087  11.329  -4.432  1.00 35.37 ? 55  VAL A CA  1 
ATOM   409  C  C   . VAL A 1 55  ? -6.626  12.488  -5.321  1.00 32.16 ? 55  VAL A C   1 
ATOM   410  O  O   . VAL A 1 55  ? -5.591  13.135  -5.076  1.00 31.39 ? 55  VAL A O   1 
ATOM   411  C  CB  . VAL A 1 55  ? -6.138  10.066  -4.641  1.00 33.71 ? 55  VAL A CB  1 
ATOM   412  C  CG1 . VAL A 1 55  ? -6.641  8.865   -3.935  1.00 38.19 ? 55  VAL A CG1 1 
ATOM   413  C  CG2 . VAL A 1 55  ? -6.104  9.770   -5.991  1.00 40.72 ? 55  VAL A CG2 1 
ATOM   414  N  N   . ASP A 1 56  ? -7.359  12.762  -6.387  1.00 33.63 ? 56  ASP A N   1 
ATOM   415  C  CA  . ASP A 1 56  ? -6.851  13.615  -7.462  1.00 31.81 ? 56  ASP A CA  1 
ATOM   416  C  C   . ASP A 1 56  ? -7.199  15.056  -7.231  1.00 34.40 ? 56  ASP A C   1 
ATOM   417  O  O   . ASP A 1 56  ? -8.098  15.596  -7.827  1.00 36.48 ? 56  ASP A O   1 
ATOM   418  C  CB  . ASP A 1 56  ? -7.394  13.121  -8.764  1.00 33.15 ? 56  ASP A CB  1 
ATOM   419  C  CG  . ASP A 1 56  ? -6.901  13.884  -9.967  1.00 31.91 ? 56  ASP A CG  1 
ATOM   420  O  OD1 . ASP A 1 56  ? -5.784  14.457  -9.970  1.00 32.97 ? 56  ASP A OD1 1 
ATOM   421  O  OD2 . ASP A 1 56  ? -7.741  13.916  -10.942 1.00 34.16 ? 56  ASP A OD2 1 
ATOM   422  N  N   . ALA A 1 57  ? -6.391  15.697  -6.413  1.00 33.19 ? 57  ALA A N   1 
ATOM   423  C  CA  . ALA A 1 57  ? -6.650  17.037  -5.984  1.00 35.66 ? 57  ALA A CA  1 
ATOM   424  C  C   . ALA A 1 57  ? -6.740  18.044  -7.139  1.00 38.09 ? 57  ALA A C   1 
ATOM   425  O  O   . ALA A 1 57  ? -7.550  18.987  -7.057  1.00 41.47 ? 57  ALA A O   1 
ATOM   426  C  CB  . ALA A 1 57  ? -5.558  17.477  -4.987  1.00 34.02 ? 57  ALA A CB  1 
ATOM   427  N  N   . ASP A 1 58  ? -5.901  17.927  -8.156  1.00 36.19 ? 58  ASP A N   1 
ATOM   428  C  CA  . ASP A 1 58  ? -5.932  18.904  -9.238  1.00 37.96 ? 58  ASP A CA  1 
ATOM   429  C  C   . ASP A 1 58  ? -6.871  18.574  -10.374 1.00 40.43 ? 58  ASP A C   1 
ATOM   430  O  O   . ASP A 1 58  ? -6.950  19.346  -11.281 1.00 41.70 ? 58  ASP A O   1 
ATOM   431  C  CB  . ASP A 1 58  ? -4.522  19.254  -9.758  1.00 39.64 ? 58  ASP A CB  1 
ATOM   432  C  CG  . ASP A 1 58  ? -3.851  18.132  -10.505 1.00 42.76 ? 58  ASP A CG  1 
ATOM   433  O  OD1 . ASP A 1 58  ? -4.503  17.097  -10.667 1.00 33.05 ? 58  ASP A OD1 1 
ATOM   434  O  OD2 . ASP A 1 58  ? -2.653  18.291  -10.909 1.00 44.65 ? 58  ASP A OD2 1 
ATOM   435  N  N   . GLY A 1 59  ? -7.556  17.424  -10.310 1.00 40.65 ? 59  GLY A N   1 
ATOM   436  C  CA  . GLY A 1 59  ? -8.614  17.043  -11.256 1.00 39.71 ? 59  GLY A CA  1 
ATOM   437  C  C   . GLY A 1 59  ? -8.117  16.675  -12.641 1.00 40.06 ? 59  GLY A C   1 
ATOM   438  O  O   . GLY A 1 59  ? -8.910  16.589  -13.584 1.00 39.58 ? 59  GLY A O   1 
ATOM   439  N  N   . ASN A 1 60  ? -6.810  16.418  -12.785 1.00 37.40 ? 60  ASN A N   1 
ATOM   440  C  CA  . ASN A 1 60  ? -6.269  16.065  -14.109 1.00 36.79 ? 60  ASN A CA  1 
ATOM   441  C  C   . ASN A 1 60  ? -6.435  14.591  -14.486 1.00 35.98 ? 60  ASN A C   1 
ATOM   442  O  O   . ASN A 1 60  ? -6.076  14.212  -15.588 1.00 39.26 ? 60  ASN A O   1 
ATOM   443  C  CB  . ASN A 1 60  ? -4.853  16.549  -14.334 1.00 36.91 ? 60  ASN A CB  1 
ATOM   444  C  CG  . ASN A 1 60  ? -3.812  15.725  -13.560 1.00 35.06 ? 60  ASN A CG  1 
ATOM   445  O  OD1 . ASN A 1 60  ? -4.149  14.898  -12.666 1.00 35.56 ? 60  ASN A OD1 1 
ATOM   446  N  ND2 . ASN A 1 60  ? -2.554  15.969  -13.867 1.00 39.68 ? 60  ASN A ND2 1 
ATOM   447  N  N   . GLY A 1 61  ? -6.977  13.758  -13.599 1.00 34.00 ? 61  GLY A N   1 
ATOM   448  C  CA  . GLY A 1 61  ? -7.318  12.378  -13.925 1.00 32.88 ? 61  GLY A CA  1 
ATOM   449  C  C   . GLY A 1 61  ? -6.180  11.406  -13.595 1.00 31.42 ? 61  GLY A C   1 
ATOM   450  O  O   . GLY A 1 61  ? -6.336  10.197  -13.787 1.00 27.51 ? 61  GLY A O   1 
ATOM   451  N  N   . THR A 1 62  ? -5.064  11.923  -13.078 1.00 28.22 ? 62  THR A N   1 
ATOM   452  C  CA  . THR A 1 62  ? -4.007  11.033  -12.673 1.00 23.59 ? 62  THR A CA  1 
ATOM   453  C  C   . THR A 1 62  ? -3.420  11.526  -11.338 1.00 24.61 ? 62  THR A C   1 
ATOM   454  O  O   . THR A 1 62  ? -3.636  12.706  -10.936 1.00 25.14 ? 62  THR A O   1 
ATOM   455  C  CB  . THR A 1 62  ? -2.827  10.938  -13.672 1.00 25.83 ? 62  THR A CB  1 
ATOM   456  O  OG1 . THR A 1 62  ? -2.169  12.226  -13.795 1.00 29.87 ? 62  THR A OG1 1 
ATOM   457  C  CG2 . THR A 1 62  ? -3.258  10.422  -15.076 1.00 28.69 ? 62  THR A CG2 1 
ATOM   458  N  N   . ILE A 1 63  ? -2.666  10.638  -10.720 1.00 22.48 ? 63  ILE A N   1 
ATOM   459  C  CA  . ILE A 1 63  ? -2.140  10.897  -9.344  1.00 20.96 ? 63  ILE A CA  1 
ATOM   460  C  C   . ILE A 1 63  ? -0.652  11.168  -9.396  1.00 22.75 ? 63  ILE A C   1 
ATOM   461  O  O   . ILE A 1 63  ? 0.080   10.307  -9.777  1.00 21.86 ? 63  ILE A O   1 
ATOM   462  C  CB  . ILE A 1 63  ? -2.435  9.777   -8.388  1.00 21.93 ? 63  ILE A CB  1 
ATOM   463  C  CG1 . ILE A 1 63  ? -3.928  9.471   -8.288  1.00 23.91 ? 63  ILE A CG1 1 
ATOM   464  C  CG2 . ILE A 1 63  ? -1.793  10.012  -6.988  1.00 21.81 ? 63  ILE A CG2 1 
ATOM   465  C  CD1 . ILE A 1 63  ? -4.770  10.693  -8.006  1.00 32.19 ? 63  ILE A CD1 1 
ATOM   466  N  N   . ASP A 1 64  ? -0.214  12.371  -8.990  1.00 23.20 ? 64  ASP A N   1 
ATOM   467  C  CA  . ASP A 1 64  ? 1.195   12.647  -8.903  1.00 23.43 ? 64  ASP A CA  1 
ATOM   468  C  C   . ASP A 1 64  ? 1.688   12.429  -7.499  1.00 21.63 ? 64  ASP A C   1 
ATOM   469  O  O   . ASP A 1 64  ? 0.926   12.122  -6.593  1.00 22.53 ? 64  ASP A O   1 
ATOM   470  C  CB  . ASP A 1 64  ? 1.532   14.089  -9.328  1.00 24.73 ? 64  ASP A CB  1 
ATOM   471  C  CG  . ASP A 1 64  ? 0.778   15.120  -8.512  1.00 30.28 ? 64  ASP A CG  1 
ATOM   472  O  OD1 . ASP A 1 64  ? 0.425   14.870  -7.350  1.00 33.90 ? 64  ASP A OD1 1 
ATOM   473  O  OD2 . ASP A 1 64  ? 0.548   16.259  -8.998  1.00 40.51 ? 64  ASP A OD2 1 
ATOM   474  N  N   . PHE A 1 65  ? 3.009   12.491  -7.315  1.00 21.73 ? 65  PHE A N   1 
ATOM   475  C  CA  . PHE A 1 65  ? 3.515   12.179  -6.014  1.00 22.12 ? 65  PHE A CA  1 
ATOM   476  C  C   . PHE A 1 65  ? 2.989   13.106  -4.885  1.00 20.55 ? 65  PHE A C   1 
ATOM   477  O  O   . PHE A 1 65  ? 2.674   12.628  -3.811  1.00 21.21 ? 65  PHE A O   1 
ATOM   478  C  CB  . PHE A 1 65  ? 5.029   12.134  -5.971  1.00 22.76 ? 65  PHE A CB  1 
ATOM   479  C  CG  . PHE A 1 65  ? 5.562   11.791  -4.613  1.00 22.97 ? 65  PHE A CG  1 
ATOM   480  C  CD1 . PHE A 1 65  ? 5.347   10.574  -4.052  1.00 21.00 ? 65  PHE A CD1 1 
ATOM   481  C  CD2 . PHE A 1 65  ? 6.242   12.745  -3.872  1.00 24.24 ? 65  PHE A CD2 1 
ATOM   482  C  CE1 . PHE A 1 65  ? 5.813   10.219  -2.810  1.00 22.15 ? 65  PHE A CE1 1 
ATOM   483  C  CE2 . PHE A 1 65  ? 6.700   12.394  -2.664  1.00 23.54 ? 65  PHE A CE2 1 
ATOM   484  C  CZ  . PHE A 1 65  ? 6.447   11.172  -2.086  1.00 24.30 ? 65  PHE A CZ  1 
ATOM   485  N  N   . PRO A 1 66  ? 2.904   14.446  -5.121  1.00 21.89 ? 66  PRO A N   1 
ATOM   486  C  CA  . PRO A 1 66  ? 2.299   15.224  -4.027  1.00 23.81 ? 66  PRO A CA  1 
ATOM   487  C  C   . PRO A 1 66  ? 0.909   14.860  -3.664  1.00 22.19 ? 66  PRO A C   1 
ATOM   488  O  O   . PRO A 1 66  ? 0.593   14.815  -2.470  1.00 22.96 ? 66  PRO A O   1 
ATOM   489  C  CB  . PRO A 1 66  ? 2.375   16.681  -4.542  1.00 24.01 ? 66  PRO A CB  1 
ATOM   490  C  CG  . PRO A 1 66  ? 3.546   16.622  -5.549  1.00 23.73 ? 66  PRO A CG  1 
ATOM   491  C  CD  . PRO A 1 66  ? 3.374   15.290  -6.223  1.00 24.99 ? 66  PRO A CD  1 
ATOM   492  N  N   . GLU A 1 67  ? 0.098   14.427  -4.635  1.00 23.50 ? 67  GLU A N   1 
ATOM   493  C  CA  . GLU A 1 67  ? -1.235  13.932  -4.318  1.00 23.10 ? 67  GLU A CA  1 
ATOM   494  C  C   . GLU A 1 67  ? -1.209  12.578  -3.586  1.00 23.16 ? 67  GLU A C   1 
ATOM   495  O  O   . GLU A 1 67  ? -1.984  12.346  -2.625  1.00 22.06 ? 67  GLU A O   1 
ATOM   496  C  CB  . GLU A 1 67  ? -1.987  13.723  -5.658  1.00 23.03 ? 67  GLU A CB  1 
ATOM   497  C  CG  . GLU A 1 67  ? -2.398  15.058  -6.253  1.00 26.83 ? 67  GLU A CG  1 
ATOM   498  C  CD  . GLU A 1 67  ? -2.936  14.970  -7.659  1.00 30.62 ? 67  GLU A CD  1 
ATOM   499  O  OE1 . GLU A 1 67  ? -2.656  13.979  -8.357  1.00 26.09 ? 67  GLU A OE1 1 
ATOM   500  O  OE2 . GLU A 1 67  ? -3.568  15.930  -8.079  1.00 28.19 ? 67  GLU A OE2 1 
ATOM   501  N  N   . PHE A 1 68  ? -0.290  11.684  -4.000  1.00 21.68 ? 68  PHE A N   1 
ATOM   502  C  CA  . PHE A 1 68  ? -0.127  10.380  -3.304  1.00 22.73 ? 68  PHE A CA  1 
ATOM   503  C  C   . PHE A 1 68  ? 0.313   10.596  -1.832  1.00 24.32 ? 68  PHE A C   1 
ATOM   504  O  O   . PHE A 1 68  ? -0.246  10.035  -0.876  1.00 25.24 ? 68  PHE A O   1 
ATOM   505  C  CB  . PHE A 1 68  ? 0.859   9.584   -4.071  1.00 24.18 ? 68  PHE A CB  1 
ATOM   506  C  CG  . PHE A 1 68  ? 1.169   8.217   -3.533  1.00 24.20 ? 68  PHE A CG  1 
ATOM   507  C  CD1 . PHE A 1 68  ? 0.449   7.140   -4.019  1.00 24.47 ? 68  PHE A CD1 1 
ATOM   508  C  CD2 . PHE A 1 68  ? 2.187   7.964   -2.683  1.00 22.82 ? 68  PHE A CD2 1 
ATOM   509  C  CE1 . PHE A 1 68  ? 0.743   5.887   -3.619  1.00 29.05 ? 68  PHE A CE1 1 
ATOM   510  C  CE2 . PHE A 1 68  ? 2.514   6.724   -2.281  1.00 25.86 ? 68  PHE A CE2 1 
ATOM   511  C  CZ  . PHE A 1 68  ? 1.800   5.669   -2.739  1.00 27.30 ? 68  PHE A CZ  1 
ATOM   512  N  N   . LEU A 1 69  ? 1.282   11.514  -1.638  1.00 23.07 ? 69  LEU A N   1 
ATOM   513  C  CA  . LEU A 1 69  ? 1.834   11.782  -0.327  1.00 23.87 ? 69  LEU A CA  1 
ATOM   514  C  C   . LEU A 1 69  ? 0.748   12.438  0.570   1.00 23.15 ? 69  LEU A C   1 
ATOM   515  O  O   . LEU A 1 69  ? 0.630   12.113  1.743   1.00 27.52 ? 69  LEU A O   1 
ATOM   516  C  CB  . LEU A 1 69  ? 3.041   12.718  -0.444  1.00 22.66 ? 69  LEU A CB  1 
ATOM   517  C  CG  . LEU A 1 69  ? 3.749   13.004  0.846   1.00 25.10 ? 69  LEU A CG  1 
ATOM   518  C  CD1 . LEU A 1 69  ? 4.356   11.681  1.427   1.00 26.76 ? 69  LEU A CD1 1 
ATOM   519  C  CD2 . LEU A 1 69  ? 4.836   14.013  0.638   1.00 25.20 ? 69  LEU A CD2 1 
ATOM   520  N  N   . THR A 1 70  ? -0.089  13.283  0.005   1.00 22.49 ? 70  THR A N   1 
ATOM   521  C  CA  . THR A 1 70  ? -1.255  13.907  0.677   1.00 25.26 ? 70  THR A CA  1 
ATOM   522  C  C   . THR A 1 70  ? -2.221  12.870  1.200   1.00 28.59 ? 70  THR A C   1 
ATOM   523  O  O   . THR A 1 70  ? -2.559  12.885  2.359   1.00 30.20 ? 70  THR A O   1 
ATOM   524  C  CB  . THR A 1 70  ? -1.944  14.859  -0.216  1.00 21.89 ? 70  THR A CB  1 
ATOM   525  O  OG1 . THR A 1 70  ? -1.087  15.944  -0.538  1.00 24.75 ? 70  THR A OG1 1 
ATOM   526  C  CG2 . THR A 1 70  ? -3.207  15.511  0.445   1.00 28.47 ? 70  THR A CG2 1 
ATOM   527  N  N   . MET A 1 71  ? -2.457  11.862  0.359   1.00 27.77 ? 71  MET A N   1 
ATOM   528  C  CA  . MET A 1 71  ? -3.269  10.682  0.829   1.00 31.98 ? 71  MET A CA  1 
ATOM   529  C  C   . MET A 1 71  ? -2.618  9.903   1.906   1.00 33.04 ? 71  MET A C   1 
ATOM   530  O  O   . MET A 1 71  ? -3.290  9.571   2.903   1.00 36.81 ? 71  MET A O   1 
ATOM   531  C  CB  . MET A 1 71  ? -3.543  9.761   -0.372  1.00 34.88 ? 71  MET A CB  1 
ATOM   532  C  CG  . MET A 1 71  ? -4.070  8.384   0.000   1.00 36.59 ? 71  MET A CG  1 
ATOM   533  S  SD  . MET A 1 71  ? -3.950  7.302   -1.445  1.00 44.09 ? 71  MET A SD  1 
ATOM   534  C  CE  . MET A 1 71  ? -2.352  6.493   -1.176  1.00 47.04 ? 71  MET A CE  1 
ATOM   535  N  N   . MET A 1 72  ? -1.329  9.574   1.788   1.00 34.57 ? 72  MET A N   1 
ATOM   536  C  CA  . MET A 1 72  ? -0.581  8.784   2.780   1.00 40.29 ? 72  MET A CA  1 
ATOM   537  C  C   . MET A 1 72  ? -0.373  9.503   4.089   1.00 44.16 ? 72  MET A C   1 
ATOM   538  O  O   . MET A 1 72  ? -0.447  8.888   5.131   1.00 49.02 ? 72  MET A O   1 
ATOM   539  C  CB  . MET A 1 72  ? 0.855   8.466   2.340   1.00 40.70 ? 72  MET A CB  1 
ATOM   540  C  CG  . MET A 1 72  ? 1.027   7.772   1.037   1.00 45.86 ? 72  MET A CG  1 
ATOM   541  S  SD  . MET A 1 72  ? 0.291   6.159   1.141   1.00 51.81 ? 72  MET A SD  1 
ATOM   542  C  CE  . MET A 1 72  ? 1.563   5.223   1.920   1.00 53.72 ? 72  MET A CE  1 
ATOM   543  N  N   . ALA A 1 73  ? -0.031  10.779  4.031   1.00 45.79 ? 73  ALA A N   1 
ATOM   544  C  CA  . ALA A 1 73  ? 0.133   11.607  5.238   1.00 48.77 ? 73  ALA A CA  1 
ATOM   545  C  C   . ALA A 1 73  ? -1.025  11.415  6.170   1.00 50.96 ? 73  ALA A C   1 
ATOM   546  O  O   . ALA A 1 73  ? -0.811  11.122  7.335   1.00 52.47 ? 73  ALA A O   1 
ATOM   547  C  CB  . ALA A 1 73  ? 0.221   13.079  4.890   1.00 48.04 ? 73  ALA A CB  1 
ATOM   548  N  N   . ARG A 1 74  ? -2.246  11.591  5.661   1.00 51.72 ? 74  ARG A N   1 
ATOM   549  C  CA  . ARG A 1 74  ? -3.418  11.599  6.530   1.00 55.45 ? 74  ARG A CA  1 
ATOM   550  C  C   . ARG A 1 74  ? -3.770  10.208  7.085   1.00 56.13 ? 74  ARG A C   1 
ATOM   551  O  O   . ARG A 1 74  ? -4.384  10.086  8.152   1.00 56.55 ? 74  ARG A O   1 
ATOM   552  C  CB  . ARG A 1 74  ? -4.616  12.197  5.801   1.00 56.73 ? 74  ARG A CB  1 
ATOM   553  C  CG  . ARG A 1 74  ? -5.133  11.419  4.617   1.00 58.38 ? 74  ARG A CG  1 
ATOM   554  C  CD  . ARG A 1 74  ? -6.448  12.011  4.154   1.00 62.21 ? 74  ARG A CD  1 
ATOM   555  N  NE  . ARG A 1 74  ? -6.324  13.461  3.990   1.00 64.32 ? 74  ARG A NE  1 
ATOM   556  C  CZ  . ARG A 1 74  ? -6.185  14.116  2.831   1.00 64.06 ? 74  ARG A CZ  1 
ATOM   557  N  NH1 . ARG A 1 74  ? -6.168  13.479  1.665   1.00 61.23 ? 74  ARG A NH1 1 
ATOM   558  N  NH2 . ARG A 1 74  ? -6.067  15.448  2.848   1.00 63.00 ? 74  ARG A NH2 1 
ATOM   559  N  N   . LYS A 1 75  ? -3.354  9.178   6.350   1.00 55.88 ? 75  LYS A N   1 
ATOM   560  C  CA  . LYS A 1 75  ? -3.621  7.785   6.690   1.00 57.80 ? 75  LYS A CA  1 
ATOM   561  C  C   . LYS A 1 75  ? -5.135  7.541   6.816   1.00 60.50 ? 75  LYS A C   1 
ATOM   562  O  O   . LYS A 1 75  ? -5.924  8.159   6.087   1.00 59.51 ? 75  LYS A O   1 
ATOM   563  C  CB  . LYS A 1 75  ? -2.819  7.375   7.926   1.00 57.82 ? 75  LYS A CB  1 
ATOM   564  C  CG  . LYS A 1 75  ? -1.313  7.395   7.710   1.00 56.83 ? 75  LYS A CG  1 
ATOM   565  N  N   . MET A 1 76  ? -5.541  6.617   7.682   1.00 63.27 ? 76  MET A N   1 
ATOM   566  C  CA  . MET A 1 76  ? -6.950  6.470   8.016   1.00 66.37 ? 76  MET A CA  1 
ATOM   567  C  C   . MET A 1 76  ? -7.259  7.181   9.347   1.00 68.49 ? 76  MET A C   1 
ATOM   568  O  O   . MET A 1 76  ? -6.365  7.606   10.085  1.00 68.58 ? 76  MET A O   1 
ATOM   569  C  CB  . MET A 1 76  ? -7.330  4.982   8.104   1.00 67.47 ? 76  MET A CB  1 
ATOM   570  C  CG  . MET A 1 76  ? -6.793  4.078   6.994   1.00 68.40 ? 76  MET A CG  1 
ATOM   571  S  SD  . MET A 1 76  ? -7.915  3.890   5.591   1.00 75.50 ? 76  MET A SD  1 
ATOM   572  C  CE  . MET A 1 76  ? -7.189  5.086   4.440   1.00 74.55 ? 76  MET A CE  1 
ATOM   573  N  N   . LYS A 1 77  ? -8.545  7.323   9.620   1.00 71.04 ? 77  LYS A N   1 
ATOM   574  C  CA  . LYS A 1 77  ? -9.037  7.822   10.896  1.00 73.61 ? 77  LYS A CA  1 
ATOM   575  C  C   . LYS A 1 77  ? -10.219 6.940   11.263  1.00 75.99 ? 77  LYS A C   1 
ATOM   576  O  O   . LYS A 1 77  ? -10.442 5.913   10.613  1.00 75.79 ? 77  LYS A O   1 
ATOM   577  C  CB  . LYS A 1 77  ? -9.463  9.285   10.755  1.00 74.24 ? 77  LYS A CB  1 
ATOM   578  N  N   . ASP A 1 78  ? -10.986 7.320   12.279  1.00 78.71 ? 78  ASP A N   1 
ATOM   579  C  CA  . ASP A 1 78  ? -12.216 6.590   12.615  1.00 81.18 ? 78  ASP A CA  1 
ATOM   580  C  C   . ASP A 1 78  ? -13.191 6.467   11.428  1.00 81.26 ? 78  ASP A C   1 
ATOM   581  O  O   . ASP A 1 78  ? -13.386 5.380   10.868  1.00 81.35 ? 78  ASP A O   1 
ATOM   582  N  N   . SER A 1 81  ? -14.195 3.151   8.326   1.00 62.98 ? 81  SER A N   1 
ATOM   583  C  CA  . SER A 1 81  ? -13.193 2.508   7.444   1.00 60.60 ? 81  SER A CA  1 
ATOM   584  C  C   . SER A 1 81  ? -12.899 1.034   7.722   1.00 57.38 ? 81  SER A C   1 
ATOM   585  O  O   . SER A 1 81  ? -12.086 0.428   6.999   1.00 57.85 ? 81  SER A O   1 
ATOM   586  C  CB  . SER A 1 81  ? -11.865 3.284   7.466   1.00 60.01 ? 81  SER A CB  1 
ATOM   587  N  N   . GLU A 1 82  ? -13.549 0.457   8.736   1.00 55.65 ? 82  GLU A N   1 
ATOM   588  C  CA  . GLU A 1 82  ? -13.212 -0.880  9.259   1.00 53.37 ? 82  GLU A CA  1 
ATOM   589  C  C   . GLU A 1 82  ? -12.944 -1.901  8.134   1.00 50.33 ? 82  GLU A C   1 
ATOM   590  O  O   . GLU A 1 82  ? -11.845 -2.470  8.012   1.00 49.24 ? 82  GLU A O   1 
ATOM   591  C  CB  . GLU A 1 82  ? -14.348 -1.404  10.161  1.00 54.50 ? 82  GLU A CB  1 
ATOM   592  N  N   . GLU A 1 83  ? -13.960 -2.129  7.301   1.00 47.15 ? 83  GLU A N   1 
ATOM   593  C  CA  . GLU A 1 83  ? -13.902 -3.261  6.383   1.00 44.87 ? 83  GLU A CA  1 
ATOM   594  C  C   . GLU A 1 83  ? -12.814 -3.213  5.310   1.00 40.49 ? 83  GLU A C   1 
ATOM   595  O  O   . GLU A 1 83  ? -12.300 -4.253  4.957   1.00 38.01 ? 83  GLU A O   1 
ATOM   596  C  CB  . GLU A 1 83  ? -15.251 -3.647  5.766   1.00 48.83 ? 83  GLU A CB  1 
ATOM   597  C  CG  . GLU A 1 83  ? -15.296 -5.192  5.646   1.00 53.78 ? 83  GLU A CG  1 
ATOM   598  C  CD  . GLU A 1 83  ? -15.202 -5.900  7.034   1.00 58.24 ? 83  GLU A CD  1 
ATOM   599  O  OE1 . GLU A 1 83  ? -15.807 -5.389  8.032   1.00 58.71 ? 83  GLU A OE1 1 
ATOM   600  O  OE2 . GLU A 1 83  ? -14.545 -6.968  7.109   1.00 54.73 ? 83  GLU A OE2 1 
ATOM   601  N  N   . GLU A 1 84  ? -12.458 -2.045  4.814   1.00 35.55 ? 84  GLU A N   1 
ATOM   602  C  CA  . GLU A 1 84  ? -11.394 -1.898  3.854   1.00 34.36 ? 84  GLU A CA  1 
ATOM   603  C  C   . GLU A 1 84  ? -10.065 -2.358  4.490   1.00 30.29 ? 84  GLU A C   1 
ATOM   604  O  O   . GLU A 1 84  ? -9.168  -2.880  3.818   1.00 32.08 ? 84  GLU A O   1 
ATOM   605  C  CB  . GLU A 1 84  ? -11.216 -0.426  3.542   1.00 35.51 ? 84  GLU A CB  1 
ATOM   606  N  N   . ILE A 1 85  ? -9.905  -2.048  5.772   1.00 31.64 ? 85  ILE A N   1 
ATOM   607  C  CA  . ILE A 1 85  ? -8.671  -2.423  6.479   1.00 27.65 ? 85  ILE A CA  1 
ATOM   608  C  C   . ILE A 1 85  ? -8.581  -3.896  6.625   1.00 26.71 ? 85  ILE A C   1 
ATOM   609  O  O   . ILE A 1 85  ? -7.527  -4.428  6.437   1.00 22.64 ? 85  ILE A O   1 
ATOM   610  C  CB  . ILE A 1 85  ? -8.522  -1.732  7.880   1.00 28.01 ? 85  ILE A CB  1 
ATOM   611  C  CG1 . ILE A 1 85  ? -8.547  -0.246  7.685   1.00 30.64 ? 85  ILE A CG1 1 
ATOM   612  C  CG2 . ILE A 1 85  ? -7.204  -2.182  8.590   1.00 27.63 ? 85  ILE A CG2 1 
ATOM   613  C  CD1 . ILE A 1 85  ? -8.766  0.483   8.988   1.00 37.58 ? 85  ILE A CD1 1 
ATOM   614  N  N   . ARG A 1 86  ? -9.695  -4.566  6.996   1.00 26.32 ? 86  ARG A N   1 
ATOM   615  C  CA  . ARG A 1 86  ? -9.646  -6.056  6.990   1.00 27.34 ? 86  ARG A CA  1 
ATOM   616  C  C   . ARG A 1 86  ? -9.358  -6.651  5.616   1.00 25.11 ? 86  ARG A C   1 
ATOM   617  O  O   . ARG A 1 86  ? -8.597  -7.626  5.462   1.00 24.62 ? 86  ARG A O   1 
ATOM   618  C  CB  . ARG A 1 86  ? -10.982 -6.567  7.404   1.00 30.71 ? 86  ARG A CB  1 
ATOM   619  C  CG  . ARG A 1 86  ? -11.176 -6.740  8.771   1.00 36.72 ? 86  ARG A CG  1 
ATOM   620  C  CD  . ARG A 1 86  ? -10.757 -8.154  9.005   1.00 43.10 ? 86  ARG A CD  1 
ATOM   621  N  NE  . ARG A 1 86  ? -10.684 -8.230  10.401  1.00 44.29 ? 86  ARG A NE  1 
ATOM   622  C  CZ  . ARG A 1 86  ? -9.817  -8.984  11.069  1.00 35.61 ? 86  ARG A CZ  1 
ATOM   623  N  NH1 . ARG A 1 86  ? -8.933  -9.788  10.441  1.00 28.30 ? 86  ARG A NH1 1 
ATOM   624  N  NH2 . ARG A 1 86  ? -9.876  -8.821  12.365  1.00 35.61 ? 86  ARG A NH2 1 
ATOM   625  N  N   . GLU A 1 87  ? -9.938  -6.055  4.566   1.00 26.91 ? 87  GLU A N   1 
ATOM   626  C  CA  . GLU A 1 87  ? -9.609  -6.521  3.205   1.00 27.27 ? 87  GLU A CA  1 
ATOM   627  C  C   . GLU A 1 87  ? -8.128  -6.347  2.887   1.00 26.82 ? 87  GLU A C   1 
ATOM   628  O  O   . GLU A 1 87  ? -7.511  -7.267  2.280   1.00 27.62 ? 87  GLU A O   1 
ATOM   629  C  CB  . GLU A 1 87  ? -10.464 -5.820  2.192   1.00 31.87 ? 87  GLU A CB  1 
ATOM   630  C  CG  . GLU A 1 87  ? -11.893 -6.241  2.400   1.00 40.62 ? 87  GLU A CG  1 
ATOM   631  C  CD  . GLU A 1 87  ? -12.949 -5.308  1.785   1.00 48.55 ? 87  GLU A CD  1 
ATOM   632  O  OE1 . GLU A 1 87  ? -12.618 -4.171  1.329   1.00 53.57 ? 87  GLU A OE1 1 
ATOM   633  O  OE2 . GLU A 1 87  ? -14.135 -5.705  1.823   1.00 53.63 ? 87  GLU A OE2 1 
ATOM   634  N  N   . ALA A 1 88  ? -7.547  -5.202  3.310   1.00 23.77 ? 88  ALA A N   1 
ATOM   635  C  CA  . ALA A 1 88  ? -6.169  -4.966  3.057   1.00 25.60 ? 88  ALA A CA  1 
ATOM   636  C  C   . ALA A 1 88  ? -5.343  -5.967  3.841   1.00 22.00 ? 88  ALA A C   1 
ATOM   637  O  O   . ALA A 1 88  ? -4.371  -6.463  3.325   1.00 23.76 ? 88  ALA A O   1 
ATOM   638  C  CB  . ALA A 1 88  ? -5.729  -3.561  3.408   1.00 25.90 ? 88  ALA A CB  1 
ATOM   639  N  N   . PHE A 1 89  ? -5.711  -6.251  5.079   1.00 21.35 ? 89  PHE A N   1 
ATOM   640  C  CA  . PHE A 1 89  ? -5.025  -7.245  5.866   1.00 20.07 ? 89  PHE A CA  1 
ATOM   641  C  C   . PHE A 1 89  ? -4.956  -8.576  5.185   1.00 19.77 ? 89  PHE A C   1 
ATOM   642  O  O   . PHE A 1 89  ? -3.935  -9.202  5.137   1.00 21.74 ? 89  PHE A O   1 
ATOM   643  C  CB  . PHE A 1 89  ? -5.613  -7.322  7.268   1.00 18.85 ? 89  PHE A CB  1 
ATOM   644  C  CG  . PHE A 1 89  ? -4.869  -8.238  8.205   1.00 18.84 ? 89  PHE A CG  1 
ATOM   645  C  CD1 . PHE A 1 89  ? -3.692  -7.852  8.797   1.00 16.94 ? 89  PHE A CD1 1 
ATOM   646  C  CD2 . PHE A 1 89  ? -5.314  -9.491  8.417   1.00 20.51 ? 89  PHE A CD2 1 
ATOM   647  C  CE1 . PHE A 1 89  ? -3.014  -8.685  9.620   1.00 17.04 ? 89  PHE A CE1 1 
ATOM   648  C  CE2 . PHE A 1 89  ? -4.603  -10.353 9.233   1.00 22.39 ? 89  PHE A CE2 1 
ATOM   649  C  CZ  . PHE A 1 89  ? -3.483  -9.894  9.867   1.00 19.59 ? 89  PHE A CZ  1 
ATOM   650  N  N   . ARG A 1 90  ? -6.124  -9.051  4.649   1.00 22.48 ? 90  ARG A N   1 
ATOM   651  C  CA  . ARG A 1 90  ? -6.214  -10.311 3.959   1.00 23.77 ? 90  ARG A CA  1 
ATOM   652  C  C   . ARG A 1 90  ? -5.368  -10.356 2.713   1.00 24.26 ? 90  ARG A C   1 
ATOM   653  O  O   . ARG A 1 90  ? -4.986  -11.470 2.335   1.00 26.70 ? 90  ARG A O   1 
ATOM   654  C  CB  . ARG A 1 90  ? -7.649  -10.596 3.586   1.00 27.43 ? 90  ARG A CB  1 
ATOM   655  C  CG  . ARG A 1 90  ? -8.622  -10.780 4.812   1.00 32.42 ? 90  ARG A CG  1 
ATOM   656  C  CD  . ARG A 1 90  ? -9.732  -11.784 4.557   1.00 42.91 ? 90  ARG A CD  1 
ATOM   657  N  NE  . ARG A 1 90  ? -10.248 -11.522 3.257   1.00 47.87 ? 90  ARG A NE  1 
ATOM   658  C  CZ  . ARG A 1 90  ? -11.100 -10.559 2.965   1.00 47.92 ? 90  ARG A CZ  1 
ATOM   659  N  NH1 . ARG A 1 90  ? -11.658 -9.802  3.925   1.00 44.31 ? 90  ARG A NH1 1 
ATOM   660  N  NH2 . ARG A 1 90  ? -11.403 -10.393 1.695   1.00 54.49 ? 90  ARG A NH2 1 
ATOM   661  N  N   . VAL A 1 91  ? -5.085  -9.219  2.080   1.00 23.72 ? 91  VAL A N   1 
ATOM   662  C  CA  . VAL A 1 91  ? -4.107  -9.161  0.948   1.00 25.27 ? 91  VAL A CA  1 
ATOM   663  C  C   . VAL A 1 91  ? -2.767  -9.721  1.360   1.00 24.75 ? 91  VAL A C   1 
ATOM   664  O  O   . VAL A 1 91  ? -2.089  -10.406 0.585   1.00 27.67 ? 91  VAL A O   1 
ATOM   665  C  CB  . VAL A 1 91  ? -3.882  -7.748  0.397   1.00 26.64 ? 91  VAL A CB  1 
ATOM   666  C  CG1 . VAL A 1 91  ? -2.602  -7.612  -0.505  1.00 30.80 ? 91  VAL A CG1 1 
ATOM   667  C  CG2 . VAL A 1 91  ? -5.128  -7.210  -0.346  1.00 33.67 ? 91  VAL A CG2 1 
ATOM   668  N  N   . PHE A 1 92  ? -2.342  -9.387  2.565   1.00 21.55 ? 92  PHE A N   1 
ATOM   669  C  CA  . PHE A 1 92  ? -1.039  -9.821  3.041   1.00 23.05 ? 92  PHE A CA  1 
ATOM   670  C  C   . PHE A 1 92  ? -1.087  -11.176 3.717   1.00 22.53 ? 92  PHE A C   1 
ATOM   671  O  O   . PHE A 1 92  ? -0.223  -12.031 3.472   1.00 23.86 ? 92  PHE A O   1 
ATOM   672  C  CB  . PHE A 1 92  ? -0.520  -8.782  4.057   1.00 22.77 ? 92  PHE A CB  1 
ATOM   673  C  CG  . PHE A 1 92  ? -0.138  -7.489  3.430   1.00 26.45 ? 92  PHE A CG  1 
ATOM   674  C  CD1 . PHE A 1 92  ? 1.137   -7.316  2.854   1.00 28.41 ? 92  PHE A CD1 1 
ATOM   675  C  CD2 . PHE A 1 92  ? -1.015  -6.450  3.350   1.00 26.90 ? 92  PHE A CD2 1 
ATOM   676  C  CE1 . PHE A 1 92  ? 1.480   -6.133  2.268   1.00 35.77 ? 92  PHE A CE1 1 
ATOM   677  C  CE2 . PHE A 1 92  ? -0.690  -5.228  2.742   1.00 31.59 ? 92  PHE A CE2 1 
ATOM   678  C  CZ  . PHE A 1 92  ? 0.563   -5.070  2.197   1.00 35.25 ? 92  PHE A CZ  1 
ATOM   679  N  N   . ASP A 1 93  ? -2.140  -11.386 4.533   1.00 21.66 ? 93  ASP A N   1 
ATOM   680  C  CA  . ASP A 1 93  ? -2.286  -12.655 5.255   1.00 22.68 ? 93  ASP A CA  1 
ATOM   681  C  C   . ASP A 1 93  ? -2.894  -13.759 4.407   1.00 23.49 ? 93  ASP A C   1 
ATOM   682  O  O   . ASP A 1 93  ? -4.036  -14.137 4.592   1.00 26.96 ? 93  ASP A O   1 
ATOM   683  C  CB  . ASP A 1 93  ? -3.040  -12.412 6.534   1.00 22.68 ? 93  ASP A CB  1 
ATOM   684  C  CG  . ASP A 1 93  ? -3.215  -13.689 7.341   1.00 22.63 ? 93  ASP A CG  1 
ATOM   685  O  OD1 . ASP A 1 93  ? -2.343  -14.542 7.259   1.00 23.84 ? 93  ASP A OD1 1 
ATOM   686  O  OD2 . ASP A 1 93  ? -4.322  -13.771 8.000   1.00 22.21 ? 93  ASP A OD2 1 
ATOM   687  N  N   . LYS A 1 94  ? -2.111  -14.214 3.443   1.00 26.95 ? 94  LYS A N   1 
ATOM   688  C  CA  . LYS A 1 94  ? -2.644  -15.073 2.406   1.00 34.04 ? 94  LYS A CA  1 
ATOM   689  C  C   . LYS A 1 94  ? -3.019  -16.438 2.903   1.00 33.73 ? 94  LYS A C   1 
ATOM   690  O  O   . LYS A 1 94  ? -3.904  -17.052 2.296   1.00 35.83 ? 94  LYS A O   1 
ATOM   691  C  CB  . LYS A 1 94  ? -1.644  -15.167 1.264   1.00 38.20 ? 94  LYS A CB  1 
ATOM   692  C  CG  . LYS A 1 94  ? -1.509  -13.851 0.429   1.00 42.83 ? 94  LYS A CG  1 
ATOM   693  C  CD  . LYS A 1 94  ? -2.830  -13.475 -0.283  1.00 49.36 ? 94  LYS A CD  1 
ATOM   694  C  CE  . LYS A 1 94  ? -2.599  -12.875 -1.703  1.00 47.44 ? 94  LYS A CE  1 
ATOM   695  N  NZ  . LYS A 1 94  ? -2.129  -11.424 -1.801  1.00 45.00 ? 94  LYS A NZ  1 
ATOM   696  N  N   . ASP A 1 95  ? -2.391  -16.934 3.975   1.00 30.78 ? 95  ASP A N   1 
ATOM   697  C  CA  . ASP A 1 95  ? -2.858  -18.186 4.552   1.00 30.21 ? 95  ASP A CA  1 
ATOM   698  C  C   . ASP A 1 95  ? -4.027  -18.043 5.512   1.00 28.09 ? 95  ASP A C   1 
ATOM   699  O  O   . ASP A 1 95  ? -4.566  -19.041 6.000   1.00 32.21 ? 95  ASP A O   1 
ATOM   700  C  CB  . ASP A 1 95  ? -1.731  -19.063 5.123   1.00 31.23 ? 95  ASP A CB  1 
ATOM   701  C  CG  . ASP A 1 95  ? -1.087  -18.489 6.353   1.00 35.38 ? 95  ASP A CG  1 
ATOM   702  O  OD1 . ASP A 1 95  ? -1.546  -17.402 6.798   1.00 27.13 ? 95  ASP A OD1 1 
ATOM   703  O  OD2 . ASP A 1 95  ? -0.142  -19.157 6.877   1.00 36.64 ? 95  ASP A OD2 1 
ATOM   704  N  N   . GLY A 1 96  ? -4.447  -16.832 5.802   1.00 23.87 ? 96  GLY A N   1 
ATOM   705  C  CA  . GLY A 1 96  ? -5.577  -16.602 6.665   1.00 22.72 ? 96  GLY A CA  1 
ATOM   706  C  C   . GLY A 1 96  ? -5.400  -16.851 8.129   1.00 22.68 ? 96  GLY A C   1 
ATOM   707  O  O   . GLY A 1 96  ? -6.427  -16.926 8.855   1.00 21.66 ? 96  GLY A O   1 
ATOM   708  N  N   . ASN A 1 97  ? -4.147  -17.089 8.582   1.00 21.93 ? 97  ASN A N   1 
ATOM   709  C  CA  . ASN A 1 97  ? -3.971  -17.449 10.030  1.00 19.43 ? 97  ASN A CA  1 
ATOM   710  C  C   . ASN A 1 97  ? -3.970  -16.294 10.936  1.00 18.73 ? 97  ASN A C   1 
ATOM   711  O  O   . ASN A 1 97  ? -3.898  -16.519 12.138  1.00 19.82 ? 97  ASN A O   1 
ATOM   712  C  CB  . ASN A 1 97  ? -2.740  -18.281 10.265  1.00 20.76 ? 97  ASN A CB  1 
ATOM   713  C  CG  . ASN A 1 97  ? -1.456  -17.490 10.187  1.00 19.94 ? 97  ASN A CG  1 
ATOM   714  O  OD1 . ASN A 1 97  ? -1.361  -16.410 9.644   1.00 20.27 ? 97  ASN A OD1 1 
ATOM   715  N  ND2 . ASN A 1 97  ? -0.393  -18.105 10.740  1.00 23.00 ? 97  ASN A ND2 1 
ATOM   716  N  N   . GLY A 1 98  ? -4.174  -15.064 10.466  1.00 19.49 ? 98  GLY A N   1 
ATOM   717  C  CA  . GLY A 1 98  ? -4.262  -13.941 11.363  1.00 19.96 ? 98  GLY A CA  1 
ATOM   718  C  C   . GLY A 1 98  ? -3.001  -13.206 11.631  1.00 16.02 ? 98  GLY A C   1 
ATOM   719  O  O   . GLY A 1 98  ? -2.984  -12.214 12.370  1.00 17.52 ? 98  GLY A O   1 
ATOM   720  N  N   . TYR A 1 99  ? -1.916  -13.618 10.963  1.00 16.84 ? 99  TYR A N   1 
ATOM   721  C  CA  . TYR A 1 99  ? -0.601  -13.003 11.095  1.00 17.08 ? 99  TYR A CA  1 
ATOM   722  C  C   . TYR A 1 99  ? 0.082   -12.854 9.796   1.00 16.54 ? 99  TYR A C   1 
ATOM   723  O  O   . TYR A 1 99  ? 0.140   -13.830 8.985   1.00 19.11 ? 99  TYR A O   1 
ATOM   724  C  CB  . TYR A 1 99  ? 0.266   -13.901 11.999  1.00 15.55 ? 99  TYR A CB  1 
ATOM   725  C  CG  . TYR A 1 99  ? -0.210  -14.013 13.431  1.00 16.97 ? 99  TYR A CG  1 
ATOM   726  C  CD1 . TYR A 1 99  ? -1.156  -14.922 13.805  1.00 17.43 ? 99  TYR A CD1 1 
ATOM   727  C  CD2 . TYR A 1 99  ? 0.257   -13.123 14.374  1.00 18.34 ? 99  TYR A CD2 1 
ATOM   728  C  CE1 . TYR A 1 99  ? -1.639  -14.941 15.047  1.00 17.96 ? 99  TYR A CE1 1 
ATOM   729  C  CE2 . TYR A 1 99  ? -0.230  -13.191 15.662  1.00 17.48 ? 99  TYR A CE2 1 
ATOM   730  C  CZ  . TYR A 1 99  ? -1.169  -14.078 15.974  1.00 19.00 ? 99  TYR A CZ  1 
ATOM   731  O  OH  . TYR A 1 99  ? -1.674  -14.122 17.270  1.00 23.65 ? 99  TYR A OH  1 
ATOM   732  N  N   . ILE A 1 100 ? 0.638   -11.709 9.536   1.00 15.46 ? 100 ILE A N   1 
ATOM   733  C  CA  . ILE A 1 100 ? 1.437   -11.467 8.383   1.00 16.77 ? 100 ILE A CA  1 
ATOM   734  C  C   . ILE A 1 100 ? 2.883   -11.780 8.688   1.00 19.26 ? 100 ILE A C   1 
ATOM   735  O  O   . ILE A 1 100 ? 3.478   -11.157 9.543   1.00 18.07 ? 100 ILE A O   1 
ATOM   736  C  CB  . ILE A 1 100 ? 1.344   -10.036 7.869   1.00 16.69 ? 100 ILE A CB  1 
ATOM   737  C  CG1 . ILE A 1 100 ? -0.119  -9.612  7.503   1.00 18.43 ? 100 ILE A CG1 1 
ATOM   738  C  CG2 . ILE A 1 100 ? 2.235   -9.800  6.650   1.00 19.57 ? 100 ILE A CG2 1 
ATOM   739  C  CD1 . ILE A 1 100 ? -0.295  -8.130  7.386   1.00 19.80 ? 100 ILE A CD1 1 
ATOM   740  N  N   . SER A 1 101 ? 3.387   -12.770 8.010   1.00 18.60 ? 101 SER A N   1 
ATOM   741  C  CA  . SER A 1 101 ? 4.752   -13.155 8.175   1.00 18.99 ? 101 SER A CA  1 
ATOM   742  C  C   . SER A 1 101 ? 5.692   -12.400 7.241   1.00 19.59 ? 101 SER A C   1 
ATOM   743  O  O   . SER A 1 101 ? 5.271   -11.770 6.255   1.00 18.80 ? 101 SER A O   1 
ATOM   744  C  CB  . SER A 1 101 ? 4.925   -14.650 7.975   1.00 22.59 ? 101 SER A CB  1 
ATOM   745  O  OG  . SER A 1 101 ? 4.695   -14.989 6.608   1.00 22.40 ? 101 SER A OG  1 
ATOM   746  N  N   . ALA A 1 102 ? 7.026   -12.403 7.515   1.00 20.33 ? 102 ALA A N   1 
ATOM   747  C  CA  . ALA A 1 102 ? 7.915   -11.797 6.603   1.00 21.25 ? 102 ALA A CA  1 
ATOM   748  C  C   . ALA A 1 102 ? 7.829   -12.478 5.211   1.00 20.11 ? 102 ALA A C   1 
ATOM   749  O  O   . ALA A 1 102 ? 7.928   -11.764 4.214   1.00 23.09 ? 102 ALA A O   1 
ATOM   750  C  CB  . ALA A 1 102 ? 9.408   -11.944 7.126   1.00 26.50 ? 102 ALA A CB  1 
ATOM   751  N  N   . ALA A 1 103 ? 7.610   -13.789 5.151   1.00 20.83 ? 103 ALA A N   1 
ATOM   752  C  CA  . ALA A 1 103 ? 7.523   -14.475 3.839   1.00 23.12 ? 103 ALA A CA  1 
ATOM   753  C  C   . ALA A 1 103 ? 6.300   -13.971 3.125   1.00 23.09 ? 103 ALA A C   1 
ATOM   754  O  O   . ALA A 1 103 ? 6.401   -13.694 1.944   1.00 25.06 ? 103 ALA A O   1 
ATOM   755  C  CB  . ALA A 1 103 ? 7.448   -15.946 3.955   1.00 26.59 ? 103 ALA A CB  1 
ATOM   756  N  N   . GLU A 1 104 ? 5.163   -13.854 3.819   1.00 22.33 ? 104 GLU A N   1 
ATOM   757  C  CA  . GLU A 1 104 ? 3.937   -13.273 3.229   1.00 19.47 ? 104 GLU A CA  1 
ATOM   758  C  C   . GLU A 1 104 ? 4.153   -11.881 2.698   1.00 20.59 ? 104 GLU A C   1 
ATOM   759  O  O   . GLU A 1 104 ? 3.724   -11.503 1.567   1.00 22.33 ? 104 GLU A O   1 
ATOM   760  C  CB  . GLU A 1 104 ? 2.757   -13.327 4.164   1.00 21.16 ? 104 GLU A CB  1 
ATOM   761  C  CG  . GLU A 1 104 ? 2.174   -14.721 4.236   1.00 19.97 ? 104 GLU A CG  1 
ATOM   762  C  CD  . GLU A 1 104 ? 1.200   -14.890 5.344   1.00 27.34 ? 104 GLU A CD  1 
ATOM   763  O  OE1 . GLU A 1 104 ? 1.285   -14.204 6.395   1.00 22.42 ? 104 GLU A OE1 1 
ATOM   764  O  OE2 . GLU A 1 104 ? 0.309   -15.739 5.264   1.00 25.92 ? 104 GLU A OE2 1 
ATOM   765  N  N   . LEU A 1 105 ? 4.820   -11.016 3.455   1.00 20.48 ? 105 LEU A N   1 
ATOM   766  C  CA  . LEU A 1 105 ? 5.096   -9.659  3.001   1.00 21.25 ? 105 LEU A CA  1 
ATOM   767  C  C   . LEU A 1 105 ? 6.031   -9.682  1.744   1.00 22.98 ? 105 LEU A C   1 
ATOM   768  O  O   . LEU A 1 105 ? 5.849   -9.020  0.767   1.00 25.07 ? 105 LEU A O   1 
ATOM   769  C  CB  . LEU A 1 105 ? 5.741   -8.884  4.114   1.00 21.96 ? 105 LEU A CB  1 
ATOM   770  C  CG  . LEU A 1 105 ? 6.135   -7.521  3.650   1.00 24.50 ? 105 LEU A CG  1 
ATOM   771  C  CD1 . LEU A 1 105 ? 4.993   -6.691  3.121   1.00 25.62 ? 105 LEU A CD1 1 
ATOM   772  C  CD2 . LEU A 1 105 ? 6.663   -6.757  4.908   1.00 27.81 ? 105 LEU A CD2 1 
ATOM   773  N  N   . ARG A 1 106 ? 7.016   -10.541 1.761   1.00 23.52 ? 106 ARG A N   1 
ATOM   774  C  CA  . ARG A 1 106 ? 7.924   -10.571 0.665   1.00 26.06 ? 106 ARG A CA  1 
ATOM   775  C  C   . ARG A 1 106 ? 7.168   -11.041 -0.600  1.00 27.06 ? 106 ARG A C   1 
ATOM   776  O  O   . ARG A 1 106 ? 7.420   -10.517 -1.704  1.00 27.95 ? 106 ARG A O   1 
ATOM   777  C  CB  . ARG A 1 106 ? 9.052   -11.516 1.013   1.00 26.35 ? 106 ARG A CB  1 
ATOM   778  C  CG  . ARG A 1 106 ? 10.149  -11.634 -0.094  1.00 35.76 ? 106 ARG A CG  1 
ATOM   779  C  CD  . ARG A 1 106 ? 11.296  -12.539 0.476   1.00 46.98 ? 106 ARG A CD  1 
ATOM   780  N  NE  . ARG A 1 106 ? 10.781  -13.880 0.827   1.00 56.20 ? 106 ARG A NE  1 
ATOM   781  C  CZ  . ARG A 1 106 ? 10.793  -14.492 2.024   1.00 57.76 ? 106 ARG A CZ  1 
ATOM   782  N  NH1 . ARG A 1 106 ? 11.310  -13.926 3.120   1.00 59.09 ? 106 ARG A NH1 1 
ATOM   783  N  NH2 . ARG A 1 106 ? 10.256  -15.712 2.122   1.00 58.13 ? 106 ARG A NH2 1 
ATOM   784  N  N   . HIS A 1 107 ? 6.249   -11.963 -0.452  1.00 24.69 ? 107 HIS A N   1 
ATOM   785  C  CA  . HIS A 1 107 ? 5.469   -12.445 -1.612  1.00 28.00 ? 107 HIS A CA  1 
ATOM   786  C  C   . HIS A 1 107 ? 4.639   -11.326 -2.176  1.00 26.93 ? 107 HIS A C   1 
ATOM   787  O  O   . HIS A 1 107 ? 4.617   -11.181 -3.448  1.00 30.32 ? 107 HIS A O   1 
ATOM   788  C  CB  . HIS A 1 107 ? 4.575   -13.578 -1.189  1.00 29.82 ? 107 HIS A CB  1 
ATOM   789  C  CG  . HIS A 1 107 ? 5.315   -14.845 -0.902  1.00 37.98 ? 107 HIS A CG  1 
ATOM   790  N  ND1 . HIS A 1 107 ? 4.836   -15.800 -0.020  1.00 48.35 ? 107 HIS A ND1 1 
ATOM   791  C  CD2 . HIS A 1 107 ? 6.487   -15.318 -1.375  1.00 47.55 ? 107 HIS A CD2 1 
ATOM   792  C  CE1 . HIS A 1 107 ? 5.683   -16.818 0.012   1.00 51.01 ? 107 HIS A CE1 1 
ATOM   793  N  NE2 . HIS A 1 107 ? 6.688   -16.547 -0.800  1.00 52.29 ? 107 HIS A NE2 1 
ATOM   794  N  N   . VAL A 1 108 ? 3.987   -10.535 -1.320  1.00 25.18 ? 108 VAL A N   1 
ATOM   795  C  CA  . VAL A 1 108 ? 3.237   -9.374  -1.790  1.00 26.29 ? 108 VAL A CA  1 
ATOM   796  C  C   . VAL A 1 108 ? 4.157   -8.406  -2.563  1.00 27.33 ? 108 VAL A C   1 
ATOM   797  O  O   . VAL A 1 108 ? 3.864   -7.970  -3.736  1.00 27.36 ? 108 VAL A O   1 
ATOM   798  C  CB  . VAL A 1 108 ? 2.435   -8.705  -0.703  1.00 27.22 ? 108 VAL A CB  1 
ATOM   799  C  CG1 . VAL A 1 108 ? 1.751   -7.516  -1.315  1.00 30.23 ? 108 VAL A CG1 1 
ATOM   800  C  CG2 . VAL A 1 108 ? 1.461   -9.736  -0.211  1.00 29.81 ? 108 VAL A CG2 1 
ATOM   801  N  N   . MET A 1 109 ? 5.301   -8.114  -2.008  1.00 26.66 ? 109 MET A N   1 
ATOM   802  C  CA  . MET A 1 109 ? 6.138   -7.101  -2.557  1.00 28.99 ? 109 MET A CA  1 
ATOM   803  C  C   . MET A 1 109 ? 6.637   -7.646  -3.903  1.00 28.36 ? 109 MET A C   1 
ATOM   804  O  O   . MET A 1 109 ? 6.746   -6.891  -4.837  1.00 30.45 ? 109 MET A O   1 
ATOM   805  C  CB  . MET A 1 109 ? 7.296   -6.757  -1.605  1.00 29.99 ? 109 MET A CB  1 
ATOM   806  C  CG  . MET A 1 109 ? 6.825   -6.118  -0.327  1.00 33.42 ? 109 MET A CG  1 
ATOM   807  S  SD  . MET A 1 109 ? 5.923   -4.597  -0.524  1.00 38.23 ? 109 MET A SD  1 
ATOM   808  C  CE  . MET A 1 109 ? 7.339   -3.633  -0.959  1.00 41.46 ? 109 MET A CE  1 
ATOM   809  N  N   . THR A 1 110 ? 6.902   -8.941  -3.975  1.00 27.43 ? 110 THR A N   1 
ATOM   810  C  CA  . THR A 1 110 ? 7.315   -9.527  -5.288  1.00 28.38 ? 110 THR A CA  1 
ATOM   811  C  C   . THR A 1 110 ? 6.215   -9.462  -6.300  1.00 30.64 ? 110 THR A C   1 
ATOM   812  O  O   . THR A 1 110 ? 6.504   -9.169  -7.502  1.00 32.55 ? 110 THR A O   1 
ATOM   813  C  CB  . THR A 1 110 ? 7.726   -10.978 -5.165  1.00 29.38 ? 110 THR A CB  1 
ATOM   814  O  OG1 . THR A 1 110 ? 8.885   -11.069 -4.307  1.00 35.47 ? 110 THR A OG1 1 
ATOM   815  C  CG2 . THR A 1 110 ? 8.069   -11.643 -6.508  1.00 31.37 ? 110 THR A CG2 1 
ATOM   816  N  N   . ASN A 1 111 ? 4.983   -9.765  -5.905  1.00 30.15 ? 111 ASN A N   1 
ATOM   817  C  CA  . ASN A 1 111 ? 3.876   -9.561  -6.907  1.00 32.87 ? 111 ASN A CA  1 
ATOM   818  C  C   . ASN A 1 111 ? 3.698   -8.090  -7.401  1.00 33.69 ? 111 ASN A C   1 
ATOM   819  O  O   . ASN A 1 111 ? 3.183   -7.867  -8.590  1.00 34.79 ? 111 ASN A O   1 
ATOM   820  C  CB  . ASN A 1 111 ? 2.562   -10.174 -6.374  1.00 34.76 ? 111 ASN A CB  1 
ATOM   821  C  CG  . ASN A 1 111 ? 1.669   -10.881 -7.510  1.00 39.63 ? 111 ASN A CG  1 
ATOM   822  O  OD1 . ASN A 1 111 ? 2.126   -11.705 -8.341  1.00 40.05 ? 111 ASN A OD1 1 
ATOM   823  N  ND2 . ASN A 1 111 ? 0.373   -10.571 -7.483  1.00 37.57 ? 111 ASN A ND2 1 
ATOM   824  N  N   . LEU A 1 112 ? 4.123   -7.087  -6.585  1.00 31.32 ? 112 LEU A N   1 
ATOM   825  C  CA  . LEU A 1 112 ? 4.096   -5.628  -6.955  1.00 33.44 ? 112 LEU A CA  1 
ATOM   826  C  C   . LEU A 1 112 ? 5.345   -5.260  -7.739  1.00 36.74 ? 112 LEU A C   1 
ATOM   827  O  O   . LEU A 1 112 ? 5.513   -4.074  -8.104  1.00 38.75 ? 112 LEU A O   1 
ATOM   828  C  CB  . LEU A 1 112 ? 3.994   -4.693  -5.723  1.00 32.20 ? 112 LEU A CB  1 
ATOM   829  C  CG  . LEU A 1 112 ? 2.661   -4.722  -4.990  1.00 33.97 ? 112 LEU A CG  1 
ATOM   830  C  CD1 . LEU A 1 112 ? 2.875   -4.088  -3.541  1.00 35.76 ? 112 LEU A CD1 1 
ATOM   831  C  CD2 . LEU A 1 112 ? 1.502   -3.994  -5.748  1.00 34.98 ? 112 LEU A CD2 1 
ATOM   832  N  N   . GLY A 1 113 ? 6.228   -6.237  -7.990  1.00 36.03 ? 113 GLY A N   1 
ATOM   833  C  CA  . GLY A 1 113 ? 7.487   -5.991  -8.710  1.00 38.69 ? 113 GLY A CA  1 
ATOM   834  C  C   . GLY A 1 113 ? 8.587   -5.317  -7.918  1.00 38.49 ? 113 GLY A C   1 
ATOM   835  O  O   . GLY A 1 113 ? 9.534   -4.749  -8.494  1.00 41.06 ? 113 GLY A O   1 
ATOM   836  N  N   . GLU A 1 114 ? 8.514   -5.397  -6.582  1.00 38.03 ? 114 GLU A N   1 
ATOM   837  C  CA  . GLU A 1 114 ? 9.571   -4.894  -5.724  1.00 40.98 ? 114 GLU A CA  1 
ATOM   838  C  C   . GLU A 1 114 ? 10.384  -6.080  -5.194  1.00 42.37 ? 114 GLU A C   1 
ATOM   839  O  O   . GLU A 1 114 ? 9.860   -6.940  -4.434  1.00 43.78 ? 114 GLU A O   1 
ATOM   840  C  CB  . GLU A 1 114 ? 9.000   -4.126  -4.541  1.00 41.68 ? 114 GLU A CB  1 
ATOM   841  C  CG  . GLU A 1 114 ? 10.041  -3.439  -3.666  1.00 46.10 ? 114 GLU A CG  1 
ATOM   842  C  CD  . GLU A 1 114 ? 10.458  -2.049  -4.181  1.00 54.00 ? 114 GLU A CD  1 
ATOM   843  O  OE1 . GLU A 1 114 ? 10.960  -1.257  -3.342  1.00 57.16 ? 114 GLU A OE1 1 
ATOM   844  O  OE2 . GLU A 1 114 ? 10.298  -1.753  -5.402  1.00 59.03 ? 114 GLU A OE2 1 
ATOM   845  N  N   . LYS A 1 115 ? 11.669  -6.065  -5.555  1.00 46.17 ? 115 LYS A N   1 
ATOM   846  C  CA  . LYS A 1 115 ? 12.628  -7.044  -5.076  1.00 48.38 ? 115 LYS A CA  1 
ATOM   847  C  C   . LYS A 1 115 ? 13.401  -6.421  -3.904  1.00 49.34 ? 115 LYS A C   1 
ATOM   848  O  O   . LYS A 1 115 ? 14.141  -5.419  -4.067  1.00 53.32 ? 115 LYS A O   1 
ATOM   849  C  CB  . LYS A 1 115 ? 13.534  -7.504  -6.217  1.00 50.80 ? 115 LYS A CB  1 
ATOM   850  C  CG  . LYS A 1 115 ? 12.859  -8.548  -7.122  1.00 49.46 ? 115 LYS A CG  1 
ATOM   851  N  N   . LEU A 1 116 ? 13.177  -7.012  -2.741  1.00 47.91 ? 116 LEU A N   1 
ATOM   852  C  CA  . LEU A 1 116 ? 13.754  -6.594  -1.476  1.00 46.44 ? 116 LEU A CA  1 
ATOM   853  C  C   . LEU A 1 116 ? 14.748  -7.616  -0.893  1.00 44.86 ? 116 LEU A C   1 
ATOM   854  O  O   . LEU A 1 116 ? 14.526  -8.825  -0.961  1.00 43.55 ? 116 LEU A O   1 
ATOM   855  C  CB  . LEU A 1 116 ? 12.632  -6.429  -0.441  1.00 45.24 ? 116 LEU A CB  1 
ATOM   856  C  CG  . LEU A 1 116 ? 11.665  -5.270  -0.621  1.00 48.05 ? 116 LEU A CG  1 
ATOM   857  C  CD1 . LEU A 1 116 ? 10.374  -5.632  0.021   1.00 47.24 ? 116 LEU A CD1 1 
ATOM   858  C  CD2 . LEU A 1 116 ? 12.185  -3.957  -0.041  1.00 52.86 ? 116 LEU A CD2 1 
ATOM   859  N  N   . THR A 1 117 ? 15.750  -7.116  -0.167  1.00 44.35 ? 117 THR A N   1 
ATOM   860  C  CA  . THR A 1 117 ? 16.545  -8.012  0.676   1.00 44.00 ? 117 THR A CA  1 
ATOM   861  C  C   . THR A 1 117 ? 15.776  -8.468  1.921   1.00 44.24 ? 117 THR A C   1 
ATOM   862  O  O   . THR A 1 117 ? 14.801  -7.832  2.333   1.00 40.03 ? 117 THR A O   1 
ATOM   863  C  CB  . THR A 1 117 ? 17.814  -7.321  1.119   1.00 45.12 ? 117 THR A CB  1 
ATOM   864  O  OG1 . THR A 1 117 ? 17.517  -6.283  2.047   1.00 42.59 ? 117 THR A OG1 1 
ATOM   865  C  CG2 . THR A 1 117 ? 18.545  -6.734  -0.098  1.00 47.65 ? 117 THR A CG2 1 
ATOM   866  N  N   . ASP A 1 118 ? 16.277  -9.542  2.540   1.00 45.37 ? 118 ASP A N   1 
ATOM   867  C  CA  . ASP A 1 118 ? 15.711  -10.110 3.730   1.00 48.07 ? 118 ASP A CA  1 
ATOM   868  C  C   . ASP A 1 118 ? 15.763  -9.091  4.872   1.00 47.37 ? 118 ASP A C   1 
ATOM   869  O  O   . ASP A 1 118 ? 14.786  -8.992  5.632   1.00 46.18 ? 118 ASP A O   1 
ATOM   870  C  CB  . ASP A 1 118 ? 16.390  -11.456 4.101   1.00 50.66 ? 118 ASP A CB  1 
ATOM   871  C  CG  . ASP A 1 118 ? 15.774  -12.658 3.316   1.00 57.79 ? 118 ASP A CG  1 
ATOM   872  O  OD1 . ASP A 1 118 ? 15.431  -12.493 2.108   1.00 66.13 ? 118 ASP A OD1 1 
ATOM   873  O  OD2 . ASP A 1 118 ? 15.584  -13.756 3.910   1.00 65.82 ? 118 ASP A OD2 1 
ATOM   874  N  N   . GLU A 1 119 ? 16.834  -8.296  4.928   1.00 46.44 ? 119 GLU A N   1 
ATOM   875  C  CA  . GLU A 1 119 ? 17.000  -7.191  5.900   1.00 45.79 ? 119 GLU A CA  1 
ATOM   876  C  C   . GLU A 1 119 ? 15.878  -6.164  5.758   1.00 41.59 ? 119 GLU A C   1 
ATOM   877  O  O   . GLU A 1 119 ? 15.346  -5.656  6.752   1.00 39.89 ? 119 GLU A O   1 
ATOM   878  C  CB  . GLU A 1 119 ? 18.345  -6.470  5.679   1.00 49.21 ? 119 GLU A CB  1 
ATOM   879  C  CG  . GLU A 1 119 ? 18.579  -5.056  6.403   1.00 52.69 ? 119 GLU A CG  1 
ATOM   880  C  CD  . GLU A 1 119 ? 19.423  -4.051  5.560   1.00 60.79 ? 119 GLU A CD  1 
ATOM   881  O  OE1 . GLU A 1 119 ? 18.870  -3.004  5.135   1.00 62.78 ? 119 GLU A OE1 1 
ATOM   882  O  OE2 . GLU A 1 119 ? 20.647  -4.297  5.304   1.00 65.21 ? 119 GLU A OE2 1 
ATOM   883  N  N   . GLU A 1 120 ? 15.596  -5.817  4.508   1.00 37.79 ? 120 GLU A N   1 
ATOM   884  C  CA  . GLU A 1 120 ? 14.588  -4.843  4.194   1.00 34.89 ? 120 GLU A CA  1 
ATOM   885  C  C   . GLU A 1 120 ? 13.242  -5.393  4.618   1.00 31.48 ? 120 GLU A C   1 
ATOM   886  O  O   . GLU A 1 120 ? 12.492  -4.665  5.238   1.00 29.07 ? 120 GLU A O   1 
ATOM   887  C  CB  . GLU A 1 120 ? 14.606  -4.466  2.708   1.00 37.16 ? 120 GLU A CB  1 
ATOM   888  C  CG  . GLU A 1 120 ? 15.805  -3.557  2.385   1.00 39.18 ? 120 GLU A CG  1 
ATOM   889  C  CD  . GLU A 1 120 ? 16.093  -3.315  0.869   1.00 45.80 ? 120 GLU A CD  1 
ATOM   890  O  OE1 . GLU A 1 120 ? 15.684  -4.116  0.012   1.00 44.61 ? 120 GLU A OE1 1 
ATOM   891  O  OE2 . GLU A 1 120 ? 16.756  -2.293  0.533   1.00 53.01 ? 120 GLU A OE2 1 
ATOM   892  N  N   . VAL A 1 121 ? 12.945  -6.639  4.285   1.00 29.49 ? 121 VAL A N   1 
ATOM   893  C  CA  . VAL A 1 121 ? 11.618  -7.225  4.685   1.00 29.11 ? 121 VAL A CA  1 
ATOM   894  C  C   . VAL A 1 121 ? 11.530  -7.225  6.179   1.00 28.89 ? 121 VAL A C   1 
ATOM   895  O  O   . VAL A 1 121 ? 10.466  -6.868  6.778   1.00 24.82 ? 121 VAL A O   1 
ATOM   896  C  CB  . VAL A 1 121 ? 11.347  -8.645  4.099   1.00 32.07 ? 121 VAL A CB  1 
ATOM   897  C  CG1 . VAL A 1 121 ? 9.876   -9.035  4.378   1.00 29.92 ? 121 VAL A CG1 1 
ATOM   898  C  CG2 . VAL A 1 121 ? 11.483  -8.673  2.613   1.00 34.94 ? 121 VAL A CG2 1 
ATOM   899  N  N   . ASP A 1 122 ? 12.581  -7.684  6.863   1.00 28.75 ? 122 ASP A N   1 
ATOM   900  C  CA  . ASP A 1 122 ? 12.555  -7.676  8.347   1.00 31.18 ? 122 ASP A CA  1 
ATOM   901  C  C   . ASP A 1 122 ? 12.356  -6.278  8.968   1.00 28.77 ? 122 ASP A C   1 
ATOM   902  O  O   . ASP A 1 122 ? 11.597  -6.137  9.937   1.00 28.90 ? 122 ASP A O   1 
ATOM   903  C  CB  . ASP A 1 122 ? 13.865  -8.273  8.876   1.00 32.45 ? 122 ASP A CB  1 
ATOM   904  N  N   . GLU A 1 123 ? 13.023  -5.256  8.397   1.00 27.88 ? 123 GLU A N   1 
ATOM   905  C  CA  . GLU A 1 123 ? 12.842  -3.848  8.763   1.00 29.24 ? 123 GLU A CA  1 
ATOM   906  C  C   . GLU A 1 123 ? 11.396  -3.411  8.608   1.00 28.13 ? 123 GLU A C   1 
ATOM   907  O  O   . GLU A 1 123 ? 10.838  -2.715  9.467   1.00 28.28 ? 123 GLU A O   1 
ATOM   908  C  CB  . GLU A 1 123 ? 13.713  -2.905  7.934   1.00 33.48 ? 123 GLU A CB  1 
ATOM   909  C  CG  . GLU A 1 123 ? 15.117  -2.670  8.403   1.00 41.58 ? 123 GLU A CG  1 
ATOM   910  C  CD  . GLU A 1 123 ? 15.826  -1.614  7.585   1.00 50.40 ? 123 GLU A CD  1 
ATOM   911  O  OE1 . GLU A 1 123 ? 15.901  -0.434  8.069   1.00 56.31 ? 123 GLU A OE1 1 
ATOM   912  O  OE2 . GLU A 1 123 ? 16.300  -1.964  6.462   1.00 60.66 ? 123 GLU A OE2 1 
ATOM   913  N  N   . MET A 1 124 ? 10.765  -3.814  7.512   1.00 25.12 ? 124 MET A N   1 
ATOM   914  C  CA  . MET A 1 124 ? 9.341   -3.491  7.334   1.00 24.25 ? 124 MET A CA  1 
ATOM   915  C  C   . MET A 1 124 ? 8.446   -4.106  8.395   1.00 22.00 ? 124 MET A C   1 
ATOM   916  O  O   . MET A 1 124 ? 7.627   -3.432  8.986   1.00 23.00 ? 124 MET A O   1 
ATOM   917  C  CB  . MET A 1 124 ? 8.857   -3.930  5.922   1.00 25.05 ? 124 MET A CB  1 
ATOM   918  C  CG  . MET A 1 124 ? 9.495   -3.128  4.888   1.00 25.55 ? 124 MET A CG  1 
ATOM   919  S  SD  . MET A 1 124 ? 9.053   -3.732  3.218   1.00 31.88 ? 124 MET A SD  1 
ATOM   920  C  CE  . MET A 1 124 ? 7.400   -3.150  3.082   1.00 35.08 ? 124 MET A CE  1 
ATOM   921  N  N   . ILE A 1 125 ? 8.602   -5.394  8.652   1.00 22.58 ? 125 ILE A N   1 
ATOM   922  C  CA  . ILE A 1 125 ? 7.887   -6.073  9.722   1.00 22.10 ? 125 ILE A CA  1 
ATOM   923  C  C   . ILE A 1 125 ? 8.138   -5.384  11.080  1.00 23.62 ? 125 ILE A C   1 
ATOM   924  O  O   . ILE A 1 125 ? 7.169   -5.050  11.791  1.00 24.85 ? 125 ILE A O   1 
ATOM   925  C  CB  . ILE A 1 125 ? 8.244   -7.506  9.776   1.00 22.97 ? 125 ILE A CB  1 
ATOM   926  C  CG1 . ILE A 1 125 ? 7.828   -8.250  8.479   1.00 25.77 ? 125 ILE A CG1 1 
ATOM   927  C  CG2 . ILE A 1 125 ? 7.701   -8.178  11.064  1.00 26.38 ? 125 ILE A CG2 1 
ATOM   928  C  CD1 . ILE A 1 125 ? 6.369   -8.560  8.304   1.00 28.35 ? 125 ILE A CD1 1 
ATOM   929  N  N   . ARG A 1 126 ? 9.373   -5.033  11.338  1.00 25.83 ? 126 ARG A N   1 
ATOM   930  C  CA  . ARG A 1 126 ? 9.771   -4.402  12.622  1.00 27.54 ? 126 ARG A CA  1 
ATOM   931  C  C   . ARG A 1 126 ? 9.061   -3.109  12.836  1.00 26.74 ? 126 ARG A C   1 
ATOM   932  O  O   . ARG A 1 126 ? 8.618   -2.754  13.983  1.00 30.29 ? 126 ARG A O   1 
ATOM   933  C  CB  . ARG A 1 126 ? 11.301  -4.195  12.628  1.00 31.31 ? 126 ARG A CB  1 
ATOM   934  C  CG  . ARG A 1 126 ? 11.861  -4.485  13.956  1.00 38.96 ? 126 ARG A CG  1 
ATOM   935  C  CD  . ARG A 1 126 ? 13.405  -4.705  13.966  1.00 44.27 ? 126 ARG A CD  1 
ATOM   936  N  NE  . ARG A 1 126 ? 14.197  -3.976  12.967  1.00 51.08 ? 126 ARG A NE  1 
ATOM   937  C  CZ  . ARG A 1 126 ? 14.866  -4.529  11.936  1.00 51.08 ? 126 ARG A CZ  1 
ATOM   938  N  NH1 . ARG A 1 126 ? 14.873  -5.846  11.700  1.00 50.86 ? 126 ARG A NH1 1 
ATOM   939  N  NH2 . ARG A 1 126 ? 15.587  -3.761  11.139  1.00 55.04 ? 126 ARG A NH2 1 
ATOM   940  N  N   . GLU A 1 127 ? 8.868   -2.319  11.787  1.00 26.48 ? 127 GLU A N   1 
ATOM   941  C  CA  . GLU A 1 127 ? 8.199   -1.067  11.909  1.00 29.68 ? 127 GLU A CA  1 
ATOM   942  C  C   . GLU A 1 127 ? 6.737   -1.203  12.342  1.00 27.79 ? 127 GLU A C   1 
ATOM   943  O  O   . GLU A 1 127 ? 6.248   -0.388  13.104  1.00 31.32 ? 127 GLU A O   1 
ATOM   944  C  CB  . GLU A 1 127 ? 8.262   -0.291  10.598  1.00 33.54 ? 127 GLU A CB  1 
ATOM   945  C  CG  . GLU A 1 127 ? 9.612   0.147   10.207  1.00 44.65 ? 127 GLU A CG  1 
ATOM   946  C  CD  . GLU A 1 127 ? 9.846   1.589   10.576  1.00 56.26 ? 127 GLU A CD  1 
ATOM   947  O  OE1 . GLU A 1 127 ? 9.210   2.018   11.574  1.00 58.58 ? 127 GLU A OE1 1 
ATOM   948  O  OE2 . GLU A 1 127 ? 10.667  2.272   9.896   1.00 62.89 ? 127 GLU A OE2 1 
ATOM   949  N  N   . ALA A 1 128 ? 6.023   -2.234  11.899  1.00 23.68 ? 128 ALA A N   1 
ATOM   950  C  CA  . ALA A 1 128 ? 4.670   -2.420  12.297  1.00 22.56 ? 128 ALA A CA  1 
ATOM   951  C  C   . ALA A 1 128 ? 4.497   -3.318  13.505  1.00 21.04 ? 128 ALA A C   1 
ATOM   952  O  O   . ALA A 1 128 ? 3.462   -3.293  14.157  1.00 23.46 ? 128 ALA A O   1 
ATOM   953  C  CB  . ALA A 1 128 ? 3.911   -3.095  11.127  1.00 22.81 ? 128 ALA A CB  1 
ATOM   954  N  N   . ASP A 1 129 ? 5.491   -4.141  13.806  1.00 21.03 ? 129 ASP A N   1 
ATOM   955  C  CA  . ASP A 1 129 ? 5.361   -5.099  14.915  1.00 20.98 ? 129 ASP A CA  1 
ATOM   956  C  C   . ASP A 1 129 ? 5.364   -4.304  16.223  1.00 20.16 ? 129 ASP A C   1 
ATOM   957  O  O   . ASP A 1 129 ? 6.146   -3.339  16.361  1.00 25.88 ? 129 ASP A O   1 
ATOM   958  C  CB  . ASP A 1 129 ? 6.535   -6.022  14.816  1.00 18.35 ? 129 ASP A CB  1 
ATOM   959  C  CG  . ASP A 1 129 ? 6.447   -7.264  15.716  1.00 18.16 ? 129 ASP A CG  1 
ATOM   960  O  OD1 . ASP A 1 129 ? 5.424   -7.517  16.351  1.00 18.50 ? 129 ASP A OD1 1 
ATOM   961  O  OD2 . ASP A 1 129 ? 7.492   -7.950  15.791  1.00 20.07 ? 129 ASP A OD2 1 
ATOM   962  N  N   . ILE A 1 130 ? 4.422   -4.565  17.114  1.00 18.06 ? 130 ILE A N   1 
ATOM   963  C  CA  . ILE A 1 130 ? 4.296   -3.898  18.396  1.00 17.07 ? 130 ILE A CA  1 
ATOM   964  C  C   . ILE A 1 130 ? 4.695   -4.902  19.485  1.00 20.50 ? 130 ILE A C   1 
ATOM   965  O  O   . ILE A 1 130 ? 5.483   -4.539  20.391  1.00 21.04 ? 130 ILE A O   1 
ATOM   966  C  CB  . ILE A 1 130 ? 2.874   -3.401  18.632  1.00 18.94 ? 130 ILE A CB  1 
ATOM   967  C  CG1 . ILE A 1 130 ? 2.530   -2.325  17.650  1.00 19.71 ? 130 ILE A CG1 1 
ATOM   968  C  CG2 . ILE A 1 130 ? 2.719   -2.832  20.119  1.00 24.02 ? 130 ILE A CG2 1 
ATOM   969  C  CD1 . ILE A 1 130 ? 1.095   -1.784  17.713  1.00 25.42 ? 130 ILE A CD1 1 
ATOM   970  N  N   . ASP A 1 131 ? 4.247   -6.144  19.393  1.00 18.63 ? 131 ASP A N   1 
ATOM   971  C  CA  . ASP A 1 131 ? 4.517   -7.126  20.435  1.00 18.75 ? 131 ASP A CA  1 
ATOM   972  C  C   . ASP A 1 131 ? 5.877   -7.820  20.302  1.00 19.12 ? 131 ASP A C   1 
ATOM   973  O  O   . ASP A 1 131 ? 6.389   -8.430  21.279  1.00 19.85 ? 131 ASP A O   1 
ATOM   974  C  CB  . ASP A 1 131 ? 3.376   -8.141  20.614  1.00 19.92 ? 131 ASP A CB  1 
ATOM   975  C  CG  . ASP A 1 131 ? 3.065   -8.900  19.313  1.00 23.77 ? 131 ASP A CG  1 
ATOM   976  O  OD1 . ASP A 1 131 ? 3.895   -9.019  18.439  1.00 20.47 ? 131 ASP A OD1 1 
ATOM   977  O  OD2 . ASP A 1 131 ? 1.880   -9.281  19.161  1.00 26.48 ? 131 ASP A OD2 1 
ATOM   978  N  N   . GLY A 1 132 ? 6.504   -7.717  19.176  1.00 18.48 ? 132 GLY A N   1 
ATOM   979  C  CA  . GLY A 1 132 ? 7.804   -8.280  18.983  1.00 18.03 ? 132 GLY A CA  1 
ATOM   980  C  C   . GLY A 1 132 ? 7.858   -9.734  18.612  1.00 19.32 ? 132 GLY A C   1 
ATOM   981  O  O   . GLY A 1 132 ? 8.987   -10.338 18.579  1.00 18.86 ? 132 GLY A O   1 
ATOM   982  N  N   . ASP A 1 133 ? 6.707   -10.296 18.230  1.00 17.58 ? 133 ASP A N   1 
ATOM   983  C  CA  . ASP A 1 133 ? 6.703   -11.647 17.718  1.00 17.19 ? 133 ASP A CA  1 
ATOM   984  C  C   . ASP A 1 133 ? 7.244   -11.869 16.352  1.00 18.36 ? 133 ASP A C   1 
ATOM   985  O  O   . ASP A 1 133 ? 7.346   -12.980 15.924  1.00 19.66 ? 133 ASP A O   1 
ATOM   986  C  CB  . ASP A 1 133 ? 5.315   -12.293 17.846  1.00 18.40 ? 133 ASP A CB  1 
ATOM   987  C  CG  . ASP A 1 133 ? 4.302   -11.749 16.901  1.00 20.36 ? 133 ASP A CG  1 
ATOM   988  O  OD1 . ASP A 1 133 ? 4.588   -10.813 16.215  1.00 20.17 ? 133 ASP A OD1 1 
ATOM   989  O  OD2 . ASP A 1 133 ? 3.180   -12.385 16.903  1.00 21.89 ? 133 ASP A OD2 1 
ATOM   990  N  N   . GLY A 1 134 ? 7.638   -10.829 15.624  1.00 17.30 ? 134 GLY A N   1 
ATOM   991  C  CA  . GLY A 1 134 ? 8.117   -10.940 14.323  1.00 19.43 ? 134 GLY A CA  1 
ATOM   992  C  C   . GLY A 1 134 ? 7.098   -11.146 13.185  1.00 18.67 ? 134 GLY A C   1 
ATOM   993  O  O   . GLY A 1 134 ? 7.485   -11.341 12.053  1.00 20.30 ? 134 GLY A O   1 
ATOM   994  N  N   . GLN A 1 135 ? 5.847   -10.911 13.507  1.00 17.36 ? 135 GLN A N   1 
ATOM   995  C  CA  . GLN A 1 135 ? 4.740   -11.014 12.539  1.00 15.55 ? 135 GLN A CA  1 
ATOM   996  C  C   . GLN A 1 135 ? 3.884   -9.793  12.830  1.00 16.38 ? 135 GLN A C   1 
ATOM   997  O  O   . GLN A 1 135 ? 3.944   -9.119  13.900  1.00 17.25 ? 135 GLN A O   1 
ATOM   998  C  CB  . GLN A 1 135 ? 3.956   -12.300 12.698  1.00 17.22 ? 135 GLN A CB  1 
ATOM   999  C  CG  . GLN A 1 135 ? 4.735   -13.517 12.619  1.00 19.89 ? 135 GLN A CG  1 
ATOM   1000 C  CD  . GLN A 1 135 ? 3.906   -14.763 12.373  1.00 20.04 ? 135 GLN A CD  1 
ATOM   1001 O  OE1 . GLN A 1 135 ? 3.276   -15.367 13.288  1.00 21.48 ? 135 GLN A OE1 1 
ATOM   1002 N  NE2 . GLN A 1 135 ? 3.869   -15.119 11.151  1.00 22.11 ? 135 GLN A NE2 1 
ATOM   1003 N  N   . VAL A 1 136 ? 2.964   -9.453  11.915  1.00 16.92 ? 136 VAL A N   1 
ATOM   1004 C  CA  . VAL A 1 136 ? 2.032   -8.389  12.063  1.00 17.20 ? 136 VAL A CA  1 
ATOM   1005 C  C   . VAL A 1 136 ? 0.618   -8.944  12.205  1.00 18.79 ? 136 VAL A C   1 
ATOM   1006 O  O   . VAL A 1 136 ? 0.128   -9.544  11.285  1.00 17.67 ? 136 VAL A O   1 
ATOM   1007 C  CB  . VAL A 1 136 ? 2.116   -7.372  10.939  1.00 16.34 ? 136 VAL A CB  1 
ATOM   1008 C  CG1 . VAL A 1 136 ? 1.121   -6.250  11.139  1.00 21.30 ? 136 VAL A CG1 1 
ATOM   1009 C  CG2 . VAL A 1 136 ? 3.602   -6.817  10.807  1.00 20.39 ? 136 VAL A CG2 1 
ATOM   1010 N  N   . ASN A 1 137 ? -0.004  -8.769  13.335  1.00 16.64 ? 137 ASN A N   1 
ATOM   1011 C  CA  . ASN A 1 137 ? -1.379  -9.196  13.531  1.00 17.15 ? 137 ASN A CA  1 
ATOM   1012 C  C   . ASN A 1 137 ? -2.311  -8.067  13.119  1.00 18.01 ? 137 ASN A C   1 
ATOM   1013 O  O   . ASN A 1 137 ? -1.889  -6.986  12.724  1.00 17.06 ? 137 ASN A O   1 
ATOM   1014 C  CB  . ASN A 1 137 ? -1.654  -9.722  14.903  1.00 17.04 ? 137 ASN A CB  1 
ATOM   1015 C  CG  . ASN A 1 137 ? -1.591  -8.664  15.999  1.00 18.69 ? 137 ASN A CG  1 
ATOM   1016 O  OD1 . ASN A 1 137 ? -1.671  -7.445  15.792  1.00 19.76 ? 137 ASN A OD1 1 
ATOM   1017 N  ND2 . ASN A 1 137 ? -1.404  -9.197  17.267  1.00 23.61 ? 137 ASN A ND2 1 
ATOM   1018 N  N   . TYR A 1 138 ? -3.607  -8.296  13.192  1.00 18.19 ? 138 TYR A N   1 
ATOM   1019 C  CA  . TYR A 1 138 ? -4.514  -7.284  12.685  1.00 18.13 ? 138 TYR A CA  1 
ATOM   1020 C  C   . TYR A 1 138 ? -4.510  -5.997  13.518  1.00 19.53 ? 138 TYR A C   1 
ATOM   1021 O  O   . TYR A 1 138 ? -4.563  -4.914  12.991  1.00 20.33 ? 138 TYR A O   1 
ATOM   1022 C  CB  . TYR A 1 138 ? -5.935  -7.854  12.626  1.00 19.76 ? 138 TYR A CB  1 
ATOM   1023 C  CG  . TYR A 1 138 ? -6.977  -6.863  12.195  1.00 19.08 ? 138 TYR A CG  1 
ATOM   1024 C  CD1 . TYR A 1 138 ? -7.085  -6.547  10.860  1.00 21.95 ? 138 TYR A CD1 1 
ATOM   1025 C  CD2 . TYR A 1 138 ? -7.677  -6.156  13.088  1.00 24.36 ? 138 TYR A CD2 1 
ATOM   1026 C  CE1 . TYR A 1 138 ? -7.995  -5.585  10.448  1.00 23.12 ? 138 TYR A CE1 1 
ATOM   1027 C  CE2 . TYR A 1 138 ? -8.615  -5.274  12.667  1.00 28.78 ? 138 TYR A CE2 1 
ATOM   1028 C  CZ  . TYR A 1 138 ? -8.722  -4.998  11.332  1.00 30.44 ? 138 TYR A CZ  1 
ATOM   1029 O  OH  . TYR A 1 138 ? -9.672  -4.051  10.941  1.00 37.14 ? 138 TYR A OH  1 
ATOM   1030 N  N   . GLU A 1 139 ? -4.424  -6.151  14.844  1.00 20.16 ? 139 GLU A N   1 
ATOM   1031 C  CA  . GLU A 1 139 ? -4.412  -4.951  15.697  1.00 21.01 ? 139 GLU A CA  1 
ATOM   1032 C  C   . GLU A 1 139 ? -3.176  -4.091  15.377  1.00 19.74 ? 139 GLU A C   1 
ATOM   1033 O  O   . GLU A 1 139 ? -3.268  -2.830  15.326  1.00 21.91 ? 139 GLU A O   1 
ATOM   1034 C  CB  . GLU A 1 139 ? -4.312  -5.431  17.181  1.00 24.72 ? 139 GLU A CB  1 
ATOM   1035 N  N   . GLU A 1 140 ? -2.021  -4.738  15.071  1.00 18.26 ? 140 GLU A N   1 
ATOM   1036 C  CA  . GLU A 1 140 ? -0.869  -4.017  14.707  1.00 18.89 ? 140 GLU A CA  1 
ATOM   1037 C  C   . GLU A 1 140 ? -1.018  -3.305  13.396  1.00 19.89 ? 140 GLU A C   1 
ATOM   1038 O  O   . GLU A 1 140 ? -0.565  -2.200  13.173  1.00 21.67 ? 140 GLU A O   1 
ATOM   1039 C  CB  . GLU A 1 140 ? 0.352   -4.922  14.671  1.00 17.20 ? 140 GLU A CB  1 
ATOM   1040 C  CG  . GLU A 1 140 ? 0.703   -5.403  16.045  1.00 19.90 ? 140 GLU A CG  1 
ATOM   1041 C  CD  . GLU A 1 140 ? 1.681   -6.494  16.052  1.00 20.17 ? 140 GLU A CD  1 
ATOM   1042 O  OE1 . GLU A 1 140 ? 1.778   -7.322  15.142  1.00 17.79 ? 140 GLU A OE1 1 
ATOM   1043 O  OE2 . GLU A 1 140 ? 2.421   -6.646  17.072  1.00 18.12 ? 140 GLU A OE2 1 
ATOM   1044 N  N   . PHE A 1 141 ? -1.628  -4.031  12.448  1.00 19.55 ? 141 PHE A N   1 
ATOM   1045 C  CA  . PHE A 1 141 ? -1.885  -3.482  11.131  1.00 19.92 ? 141 PHE A CA  1 
ATOM   1046 C  C   . PHE A 1 141 ? -2.818  -2.270  11.184  1.00 20.51 ? 141 PHE A C   1 
ATOM   1047 O  O   . PHE A 1 141 ? -2.553  -1.291  10.509  1.00 23.31 ? 141 PHE A O   1 
ATOM   1048 C  CB  . PHE A 1 141 ? -2.498  -4.641  10.289  1.00 19.80 ? 141 PHE A CB  1 
ATOM   1049 C  CG  . PHE A 1 141 ? -2.686  -4.345  8.830   1.00 19.20 ? 141 PHE A CG  1 
ATOM   1050 C  CD1 . PHE A 1 141 ? -1.627  -4.570  7.954   1.00 22.04 ? 141 PHE A CD1 1 
ATOM   1051 C  CD2 . PHE A 1 141 ? -3.854  -3.928  8.356   1.00 21.50 ? 141 PHE A CD2 1 
ATOM   1052 C  CE1 . PHE A 1 141 ? -1.720  -4.314  6.574   1.00 25.51 ? 141 PHE A CE1 1 
ATOM   1053 C  CE2 . PHE A 1 141 ? -4.024  -3.778  6.957   1.00 24.63 ? 141 PHE A CE2 1 
ATOM   1054 C  CZ  . PHE A 1 141 ? -2.923  -3.924  6.081   1.00 23.92 ? 141 PHE A CZ  1 
ATOM   1055 N  N   . VAL A 1 142 ? -3.916  -2.342  11.955  1.00 20.39 ? 142 VAL A N   1 
ATOM   1056 C  CA  . VAL A 1 142 ? -4.825  -1.214  12.139  1.00 23.85 ? 142 VAL A CA  1 
ATOM   1057 C  C   . VAL A 1 142 ? -4.028  -0.048  12.690  1.00 24.96 ? 142 VAL A C   1 
ATOM   1058 O  O   . VAL A 1 142 ? -4.209  1.107   12.275  1.00 28.36 ? 142 VAL A O   1 
ATOM   1059 C  CB  . VAL A 1 142 ? -5.929  -1.558  13.091  1.00 26.65 ? 142 VAL A CB  1 
ATOM   1060 C  CG1 . VAL A 1 142 ? -6.727  -0.267  13.505  1.00 32.54 ? 142 VAL A CG1 1 
ATOM   1061 C  CG2 . VAL A 1 142 ? -6.764  -2.645  12.432  1.00 29.98 ? 142 VAL A CG2 1 
ATOM   1062 N  N   . GLN A 1 143 ? -3.134  -0.286  13.641  1.00 22.22 ? 143 GLN A N   1 
ATOM   1063 C  CA  . GLN A 1 143 ? -2.472  0.885   14.260  1.00 23.82 ? 143 GLN A CA  1 
ATOM   1064 C  C   . GLN A 1 143 ? -1.537  1.558   13.319  1.00 27.07 ? 143 GLN A C   1 
ATOM   1065 O  O   . GLN A 1 143 ? -1.346  2.775   13.368  1.00 29.44 ? 143 GLN A O   1 
ATOM   1066 C  CB  . GLN A 1 143 ? -1.693  0.393   15.470  1.00 23.68 ? 143 GLN A CB  1 
ATOM   1067 C  CG  . GLN A 1 143 ? -2.609  0.126   16.585  1.00 26.10 ? 143 GLN A CG  1 
ATOM   1068 C  CD  . GLN A 1 143 ? -1.928  0.129   17.983  1.00 31.21 ? 143 GLN A CD  1 
ATOM   1069 O  OE1 . GLN A 1 143 ? -2.328  -0.603  18.856  1.00 41.24 ? 143 GLN A OE1 1 
ATOM   1070 N  NE2 . GLN A 1 143 ? -0.966  1.008   18.169  1.00 30.76 ? 143 GLN A NE2 1 
ATOM   1071 N  N   . MET A 1 144 ? -0.964  0.804   12.394  1.00 27.76 ? 144 MET A N   1 
ATOM   1072 C  CA  . MET A 1 144 ? -0.080  1.340   11.366  1.00 32.16 ? 144 MET A CA  1 
ATOM   1073 C  C   . MET A 1 144 ? -0.837  2.278   10.378  1.00 36.19 ? 144 MET A C   1 
ATOM   1074 O  O   . MET A 1 144 ? -0.334  3.318   9.948   1.00 40.40 ? 144 MET A O   1 
ATOM   1075 C  CB  . MET A 1 144 ? 0.572   0.131   10.657  1.00 32.91 ? 144 MET A CB  1 
ATOM   1076 C  CG  . MET A 1 144 ? 1.267   0.330   9.362   1.00 40.87 ? 144 MET A CG  1 
ATOM   1077 S  SD  . MET A 1 144 ? 1.456   -1.315  8.699   1.00 41.24 ? 144 MET A SD  1 
ATOM   1078 C  CE  . MET A 1 144 ? -0.013  -1.368  7.608   1.00 35.19 ? 144 MET A CE  1 
ATOM   1079 N  N   . MET A 1 145 ? -2.072  1.913   10.100  1.00 39.99 ? 145 MET A N   1 
ATOM   1080 C  CA  . MET A 1 145 ? -2.917  2.520   9.055   1.00 41.76 ? 145 MET A CA  1 
ATOM   1081 C  C   . MET A 1 145 ? -3.545  3.770   9.578   1.00 44.65 ? 145 MET A C   1 
ATOM   1082 O  O   . MET A 1 145 ? -4.023  4.598   8.821   1.00 47.37 ? 145 MET A O   1 
ATOM   1083 C  CB  . MET A 1 145 ? -4.112  1.592   8.761   1.00 43.55 ? 145 MET A CB  1 
ATOM   1084 C  CG  . MET A 1 145 ? -3.918  0.417   7.892   1.00 46.62 ? 145 MET A CG  1 
ATOM   1085 S  SD  . MET A 1 145 ? -2.837  0.836   6.610   1.00 57.75 ? 145 MET A SD  1 
ATOM   1086 C  CE  . MET A 1 145 ? -3.668  2.315   6.004   1.00 59.38 ? 145 MET A CE  1 
ATOM   1087 N  N   . THR A 1 146 ? -3.672  3.862   10.880  1.00 45.67 ? 146 THR A N   1 
ATOM   1088 C  CA  . THR A 1 146 ? -4.402  4.923   11.500  1.00 48.04 ? 146 THR A CA  1 
ATOM   1089 C  C   . THR A 1 146 ? -3.317  5.712   12.210  1.00 49.70 ? 146 THR A C   1 
ATOM   1090 O  O   . THR A 1 146 ? -3.398  5.953   13.408  1.00 54.90 ? 146 THR A O   1 
ATOM   1091 C  CB  . THR A 1 146 ? -5.520  4.329   12.450  1.00 48.95 ? 146 THR A CB  1 
ATOM   1092 O  OG1 . THR A 1 146 ? -4.921  3.496   13.435  1.00 49.06 ? 146 THR A OG1 1 
ATOM   1093 C  CG2 . THR A 1 146 ? -6.468  3.388   11.695  1.00 45.10 ? 146 THR A CG2 1 
HETATM 1094 CA CA  . CA  B 2 .   ? 2.647   6.298   -14.875 1.00 23.22 ? 149 CA  A CA  1 
HETATM 1095 CA CA  . CA  C 2 .   ? -3.662  14.867  -10.359 1.00 27.34 ? 150 CA  A CA  1 
HETATM 1096 CA CA  . CA  D 2 .   ? -0.309  -15.565 7.643   1.00 19.60 ? 151 CA  A CA  1 
HETATM 1097 CA CA  . CA  E 2 .   ? 3.444   -8.771  16.155  1.00 16.12 ? 152 CA  A CA  1 
HETATM 1098 C  C11 . SPU F 3 .   ? -7.862  1.519   3.291   1.00 59.80 ? 153 SPU A C11 1 
HETATM 1099 C  C14 . SPU F 3 .   ? -7.045  0.282   3.650   1.00 58.65 ? 153 SPU A C14 1 
HETATM 1100 C  C17 . SPU F 3 .   ? -5.871  0.063   2.702   1.00 56.88 ? 153 SPU A C17 1 
HETATM 1101 C  C20 . SPU F 3 .   ? -4.574  0.405   3.403   1.00 56.35 ? 153 SPU A C20 1 
HETATM 1102 C  C23 . SPU F 3 .   ? -3.458  -0.612  3.195   1.00 54.27 ? 153 SPU A C23 1 
HETATM 1103 C  C26 . SPU F 3 .   ? -2.112  0.013   3.519   1.00 54.82 ? 153 SPU A C26 1 
HETATM 1104 C  C29 . SPU F 3 .   ? -0.963  -0.823  3.030   1.00 53.15 ? 153 SPU A C29 1 
HETATM 1105 C  C32 . SPU F 3 .   ? 0.342   -0.423  3.701   1.00 58.47 ? 153 SPU A C32 1 
HETATM 1106 C  C35 . SPU F 3 .   ? 1.278   -1.605  3.764   1.00 61.31 ? 153 SPU A C35 1 
HETATM 1107 C  C38 . SPU F 3 .   ? 0.662   -2.658  4.687   1.00 64.92 ? 153 SPU A C38 1 
HETATM 1108 C  C41 . SPU F 3 .   ? 1.678   -3.035  5.715   1.00 66.16 ? 153 SPU A C41 1 
HETATM 1109 C  C43 . SPU F 3 .   ? 1.879   -4.295  6.082   1.00 66.41 ? 153 SPU A C43 1 
HETATM 1110 C  C45 . SPU F 3 .   ? 2.941   -4.567  7.116   1.00 67.38 ? 153 SPU A C45 1 
HETATM 1111 O  O47 . SPU F 3 .   ? 3.091   -5.968  7.174   1.00 64.52 ? 153 SPU A O47 1 
HETATM 1112 C  C49 . SPU F 3 .   ? 4.273   -3.971  6.670   1.00 67.01 ? 153 SPU A C49 1 
HETATM 1113 N  N51 . SPU F 3 .   ? 4.244   -3.724  5.232   1.00 68.08 ? 153 SPU A N51 1 
HETATM 1114 C  C54 . SPU F 3 .   ? 4.652   -2.654  7.316   1.00 68.77 ? 153 SPU A C54 1 
HETATM 1115 O  O57 . SPU F 3 .   ? 5.359   -1.954  6.306   1.00 69.36 ? 153 SPU A O57 1 
HETATM 1116 P  P58 . SPU F 3 .   ? 5.803   -0.453  6.554   1.00 76.61 ? 153 SPU A P58 1 
HETATM 1117 O  O59 . SPU F 3 .   ? 4.608   0.419   6.182   1.00 76.18 ? 153 SPU A O59 1 
HETATM 1118 O  O60 . SPU F 3 .   ? 6.412   -0.459  7.949   1.00 79.77 ? 153 SPU A O60 1 
HETATM 1119 O  O61 . SPU F 3 .   ? 6.973   -0.136  5.481   1.00 75.57 ? 153 SPU A O61 1 
HETATM 1120 C  C62 . SPU F 3 .   ? 7.678   1.113   5.541   1.00 73.48 ? 153 SPU A C62 1 
HETATM 1121 C  C65 . SPU F 3 .   ? 9.127   0.940   5.059   1.00 73.34 ? 153 SPU A C65 1 
HETATM 1122 N  N68 . SPU F 3 .   ? 10.064  0.574   6.132   1.00 72.16 ? 153 SPU A N68 1 
HETATM 1123 C  C70 . SPU F 3 .   ? 9.456   -0.452  6.973   1.00 74.15 ? 153 SPU A C70 1 
HETATM 1124 C  C74 . SPU F 3 .   ? 11.334  0.053   5.573   1.00 73.58 ? 153 SPU A C74 1 
HETATM 1125 C  C78 . SPU F 3 .   ? 10.316  1.723   7.009   1.00 75.45 ? 153 SPU A C78 1 
HETATM 1126 C  C11 . SPU G 3 .   ? -11.892 -2.901  -2.822  1.00 71.46 ? 154 SPU A C11 1 
HETATM 1127 C  C14 . SPU G 3 .   ? -11.164 -2.822  -1.470  1.00 70.11 ? 154 SPU A C14 1 
HETATM 1128 C  C17 . SPU G 3 .   ? -9.666  -2.562  -1.636  1.00 67.26 ? 154 SPU A C17 1 
HETATM 1129 C  C20 . SPU G 3 .   ? -8.853  -2.866  -0.370  1.00 63.72 ? 154 SPU A C20 1 
HETATM 1130 C  C23 . SPU G 3 .   ? -7.459  -3.425  -0.680  1.00 62.40 ? 154 SPU A C23 1 
HETATM 1131 C  C26 . SPU G 3 .   ? -6.391  -2.346  -0.723  1.00 63.00 ? 154 SPU A C26 1 
HETATM 1132 C  C29 . SPU G 3 .   ? -5.020  -2.935  -1.035  1.00 62.01 ? 154 SPU A C29 1 
HETATM 1133 C  C32 . SPU G 3 .   ? -3.887  -2.194  -0.320  1.00 62.17 ? 154 SPU A C32 1 
HETATM 1134 C  C35 . SPU G 3 .   ? -2.539  -2.410  -1.002  1.00 64.71 ? 154 SPU A C35 1 
HETATM 1135 C  C38 . SPU G 3 .   ? -1.373  -1.849  -0.200  1.00 66.34 ? 154 SPU A C38 1 
HETATM 1136 C  C41 . SPU G 3 .   ? -0.038  -1.863  -0.928  1.00 68.02 ? 154 SPU A C41 1 
HETATM 1137 C  C43 . SPU G 3 .   ? 1.044   -1.657  -0.179  1.00 72.65 ? 154 SPU A C43 1 
HETATM 1138 C  C45 . SPU G 3 .   ? 2.446   -1.618  -0.723  1.00 76.08 ? 154 SPU A C45 1 
HETATM 1139 O  O47 . SPU G 3 .   ? 2.392   -0.699  -1.815  1.00 76.75 ? 154 SPU A O47 1 
HETATM 1140 C  C49 . SPU G 3 .   ? 3.442   -1.152  0.371   1.00 79.62 ? 154 SPU A C49 1 
HETATM 1141 N  N51 . SPU G 3 .   ? 3.620   -2.145  1.427   1.00 79.19 ? 154 SPU A N51 1 
HETATM 1142 C  C54 . SPU G 3 .   ? 4.825   -0.807  -0.205  1.00 83.72 ? 154 SPU A C54 1 
HETATM 1143 O  O57 . SPU G 3 .   ? 5.823   -0.622  0.816   1.00 86.27 ? 154 SPU A O57 1 
HETATM 1144 P  P58 . SPU G 3 .   ? 7.180   0.230   0.550   1.00 88.56 ? 154 SPU A P58 1 
HETATM 1145 O  O59 . SPU G 3 .   ? 7.554   0.206   -0.920  1.00 89.27 ? 154 SPU A O59 1 
HETATM 1146 O  O60 . SPU G 3 .   ? 6.972   1.508   1.329   1.00 88.97 ? 154 SPU A O60 1 
HETATM 1147 O  O61 . SPU G 3 .   ? 8.392   -0.567  1.252   1.00 89.83 ? 154 SPU A O61 1 
HETATM 1148 C  C26 . SPU H 3 .   ? 4.686   3.029   2.595   1.00 58.94 ? 155 SPU A C26 1 
HETATM 1149 C  C29 . SPU H 3 .   ? 3.325   2.364   2.386   1.00 60.78 ? 155 SPU A C29 1 
HETATM 1150 C  C32 . SPU H 3 .   ? 2.669   2.631   1.021   1.00 60.18 ? 155 SPU A C32 1 
HETATM 1151 C  C35 . SPU H 3 .   ? 1.194   2.262   1.065   1.00 57.39 ? 155 SPU A C35 1 
HETATM 1152 C  C38 . SPU H 3 .   ? 0.418   2.654   -0.181  1.00 58.50 ? 155 SPU A C38 1 
HETATM 1153 C  C41 . SPU H 3 .   ? -1.045  2.382   0.058   1.00 59.43 ? 155 SPU A C41 1 
HETATM 1154 C  C43 . SPU H 3 .   ? -1.939  2.431   -0.929  1.00 68.42 ? 155 SPU A C43 1 
HETATM 1155 C  C45 . SPU H 3 .   ? -3.400  2.134   -0.623  1.00 73.73 ? 155 SPU A C45 1 
HETATM 1156 O  O47 . SPU H 3 .   ? -4.012  3.253   0.053   1.00 77.21 ? 155 SPU A O47 1 
HETATM 1157 C  C49 . SPU H 3 .   ? -4.217  1.688   -1.857  1.00 78.30 ? 155 SPU A C49 1 
HETATM 1158 N  N51 . SPU H 3 .   ? -5.616  1.639   -1.463  1.00 78.36 ? 155 SPU A N51 1 
HETATM 1159 C  C54 . SPU H 3 .   ? -4.080  2.509   -3.154  1.00 82.69 ? 155 SPU A C54 1 
HETATM 1160 O  O57 . SPU H 3 .   ? -4.569  3.861   -3.057  1.00 87.92 ? 155 SPU A O57 1 
HETATM 1161 P  P58 . SPU H 3 .   ? -4.922  4.753   -4.379  1.00 91.15 ? 155 SPU A P58 1 
HETATM 1162 O  O59 . SPU H 3 .   ? -3.744  5.640   -4.729  1.00 91.04 ? 155 SPU A O59 1 
HETATM 1163 O  O60 . SPU H 3 .   ? -5.434  3.826   -5.456  1.00 95.19 ? 155 SPU A O60 1 
HETATM 1164 O  O61 . SPU H 3 .   ? -6.201  5.634   -3.932  1.00 91.65 ? 155 SPU A O61 1 
HETATM 1165 C  C62 . SPU H 3 .   ? -7.184  5.121   -3.026  1.00 91.39 ? 155 SPU A C62 1 
HETATM 1166 C  C65 . SPU H 3 .   ? -8.542  5.757   -3.309  1.00 94.28 ? 155 SPU A C65 1 
HETATM 1167 N  N68 . SPU H 3 .   ? -9.358  5.983   -2.099  1.00 95.39 ? 155 SPU A N68 1 
HETATM 1168 C  C70 . SPU H 3 .   ? -8.884  7.136   -1.312  1.00 94.65 ? 155 SPU A C70 1 
HETATM 1169 C  C74 . SPU H 3 .   ? -10.736 6.274   -2.524  1.00 98.60 ? 155 SPU A C74 1 
HETATM 1170 C  C78 . SPU H 3 .   ? -9.360  4.776   -1.254  1.00 94.65 ? 155 SPU A C78 1 
HETATM 1171 C  C11 . SPU I 3 .   ? 1.417   2.784   6.373   1.00 49.87 ? 156 SPU A C11 1 
HETATM 1172 C  C14 . SPU I 3 .   ? 0.732   3.264   5.098   1.00 49.03 ? 156 SPU A C14 1 
HETATM 1173 C  C17 . SPU I 3 .   ? -0.598  3.978   5.318   1.00 46.91 ? 156 SPU A C17 1 
HETATM 1174 C  C20 . SPU I 3 .   ? -1.405  4.111   4.024   1.00 49.55 ? 156 SPU A C20 1 
HETATM 1175 C  C23 . SPU I 3 .   ? -2.694  4.912   4.210   1.00 49.87 ? 156 SPU A C23 1 
HETATM 1176 C  C26 . SPU I 3 .   ? -3.685  4.678   3.079   1.00 53.03 ? 156 SPU A C26 1 
HETATM 1177 C  C21 . SPU I 3 .   ? 2.857   3.241   6.489   1.00 51.81 ? 156 SPU A C21 1 
HETATM 1178 O  O   . HOH J 4 .   ? -1.658  15.872  -10.652 1.00 34.82 ? 157 HOH A O   1 
HETATM 1179 O  O   . HOH J 4 .   ? 1.599   -10.187 16.440  1.00 20.98 ? 158 HOH A O   1 
HETATM 1180 O  O   . HOH J 4 .   ? -4.807  -10.923 13.707  1.00 17.47 ? 159 HOH A O   1 
HETATM 1181 O  O   . HOH J 4 .   ? 1.410   6.329   -16.969 1.00 26.46 ? 160 HOH A O   1 
HETATM 1182 O  O   . HOH J 4 .   ? 1.689   -1.127  14.126  1.00 22.00 ? 161 HOH A O   1 
HETATM 1183 O  O   . HOH J 4 .   ? 1.644   -4.644  -9.590  1.00 25.05 ? 162 HOH A O   1 
HETATM 1184 O  O   . HOH J 4 .   ? -1.889  -7.093  -12.275 1.00 19.32 ? 163 HOH A O   1 
HETATM 1185 O  O   . HOH J 4 .   ? 3.421   -15.050 16.119  0.50 20.12 ? 164 HOH A O   1 
HETATM 1186 O  O   . HOH J 4 .   ? -3.660  20.618  -6.546  1.00 27.60 ? 165 HOH A O   1 
HETATM 1187 O  O   . HOH J 4 .   ? 9.825   -7.483  14.731  1.00 29.93 ? 166 HOH A O   1 
HETATM 1188 O  O   . HOH J 4 .   ? -9.529  -5.080  -12.312 1.00 27.41 ? 167 HOH A O   1 
HETATM 1189 O  O   . HOH J 4 .   ? -4.550  13.586  -2.693  1.00 25.95 ? 168 HOH A O   1 
HETATM 1190 O  O   . HOH J 4 .   ? 9.735   -14.764 14.876  1.00 28.20 ? 169 HOH A O   1 
HETATM 1191 O  O   . HOH J 4 .   ? 6.726   -16.060 10.856  0.50 36.77 ? 170 HOH A O   1 
HETATM 1192 O  O   . HOH J 4 .   ? -0.492  4.292   -17.637 1.00 27.99 ? 171 HOH A O   1 
HETATM 1193 O  O   . HOH J 4 .   ? 5.025   12.836  -9.427  1.00 23.69 ? 172 HOH A O   1 
HETATM 1194 O  O   . HOH J 4 .   ? -9.639  8.011   -16.445 1.00 42.56 ? 173 HOH A O   1 
HETATM 1195 O  O   . HOH J 4 .   ? -13.539 -2.957  -15.966 1.00 27.89 ? 174 HOH A O   1 
HETATM 1196 O  O   . HOH J 4 .   ? -8.969  -17.096 7.898   1.00 27.19 ? 175 HOH A O   1 
HETATM 1197 O  O   . HOH J 4 .   ? 7.049   17.163  7.917   1.00 30.41 ? 176 HOH A O   1 
HETATM 1198 O  O   . HOH J 4 .   ? -5.443  -1.925  16.775  1.00 38.73 ? 177 HOH A O   1 
HETATM 1199 O  O   . HOH J 4 .   ? 11.255  -8.877  18.529  1.00 33.62 ? 178 HOH A O   1 
HETATM 1200 O  O   . HOH J 4 .   ? 7.698   -13.309 10.169  1.00 26.99 ? 179 HOH A O   1 
HETATM 1201 O  O   . HOH J 4 .   ? 1.379   -17.021 7.847   1.00 28.50 ? 180 HOH A O   1 
HETATM 1202 O  O   . HOH J 4 .   ? -4.897  -11.242 16.405  1.00 33.07 ? 181 HOH A O   1 
HETATM 1203 O  O   . HOH J 4 .   ? 3.808   -17.453 6.175   1.00 29.53 ? 182 HOH A O   1 
HETATM 1204 O  O   . HOH J 4 .   ? -6.228  -11.465 -8.251  1.00 34.63 ? 183 HOH A O   1 
HETATM 1205 O  O   . HOH J 4 .   ? -0.946  -11.869 18.625  1.00 27.55 ? 184 HOH A O   1 
HETATM 1206 O  O   . HOH J 4 .   ? -0.920  14.114  -12.221 1.00 39.15 ? 185 HOH A O   1 
HETATM 1207 O  O   . HOH J 4 .   ? -7.231  -11.178 12.197  1.00 23.48 ? 186 HOH A O   1 
HETATM 1208 O  O   . HOH J 4 .   ? 3.148   -11.779 21.104  1.00 30.50 ? 187 HOH A O   1 
HETATM 1209 O  O   . HOH J 4 .   ? -10.689 -2.317  12.799  1.00 36.58 ? 188 HOH A O   1 
HETATM 1210 O  O   . HOH J 4 .   ? 2.269   0.961   15.731  1.00 43.97 ? 189 HOH A O   1 
HETATM 1211 O  O   . HOH J 4 .   ? -7.516  -13.138 10.488  1.00 24.40 ? 190 HOH A O   1 
HETATM 1212 O  O   . HOH J 4 .   ? -1.745  17.410  -3.974  1.00 24.88 ? 191 HOH A O   1 
HETATM 1213 O  O   . HOH J 4 .   ? -6.549  -12.921 7.234   1.00 29.27 ? 192 HOH A O   1 
HETATM 1214 O  O   . HOH J 4 .   ? 11.043  -8.212  12.123  1.00 30.76 ? 193 HOH A O   1 
HETATM 1215 O  O   . HOH J 4 .   ? -3.575  18.902  -2.690  0.50 19.90 ? 194 HOH A O   1 
HETATM 1216 O  O   . HOH J 4 .   ? 0.113   18.072  -7.369  1.00 41.58 ? 195 HOH A O   1 
HETATM 1217 O  O   . HOH J 4 .   ? -2.445  18.234  -6.647  1.00 24.34 ? 196 HOH A O   1 
HETATM 1218 O  O   . HOH J 4 .   ? 8.435   -15.610 7.261   1.00 26.71 ? 197 HOH A O   1 
HETATM 1219 O  O   . HOH J 4 .   ? 2.184   1.895   -17.075 1.00 35.20 ? 198 HOH A O   1 
HETATM 1220 O  O   . HOH J 4 .   ? 7.859   7.298   -10.699 1.00 38.85 ? 199 HOH A O   1 
HETATM 1221 O  O   . HOH J 4 .   ? -5.654  5.222   -17.656 1.00 35.72 ? 200 HOH A O   1 
HETATM 1222 O  O   . HOH J 4 .   ? -0.414  -10.270 -3.865  1.00 40.01 ? 201 HOH A O   1 
HETATM 1223 O  O   . HOH J 4 .   ? 1.648   -12.890 19.105  1.00 26.08 ? 202 HOH A O   1 
HETATM 1224 O  O   . HOH J 4 .   ? -7.177  5.591   -20.933 1.00 37.65 ? 203 HOH A O   1 
HETATM 1225 O  O   . HOH J 4 .   ? -5.823  7.881   -15.179 1.00 22.58 ? 204 HOH A O   1 
HETATM 1226 O  O   . HOH J 4 .   ? 5.990   16.382  14.916  1.00 45.75 ? 205 HOH A O   1 
HETATM 1227 O  O   . HOH J 4 .   ? 10.263  15.921  10.020  1.00 39.03 ? 206 HOH A O   1 
HETATM 1228 O  O   . HOH J 4 .   ? -8.588  -8.580  0.251   1.00 33.14 ? 207 HOH A O   1 
HETATM 1229 O  O   . HOH J 4 .   ? 9.999   -8.855  -2.423  1.00 33.57 ? 208 HOH A O   1 
HETATM 1230 O  O   . HOH J 4 .   ? -5.946  17.782  -1.344  1.00 26.79 ? 209 HOH A O   1 
HETATM 1231 O  O   . HOH J 4 .   ? -9.084  9.010   -13.758 1.00 30.98 ? 210 HOH A O   1 
HETATM 1232 O  O   . HOH J 4 .   ? -7.922  -10.937 16.034  1.00 40.08 ? 211 HOH A O   1 
HETATM 1233 O  O   . HOH J 4 .   ? 14.454  -0.989  -2.187  1.00 53.70 ? 212 HOH A O   1 
HETATM 1234 O  O   . HOH J 4 .   ? 17.147  -5.454  -3.286  1.00 41.50 ? 213 HOH A O   1 
HETATM 1235 O  O   . HOH J 4 .   ? 13.856  0.637   -7.854  1.00 46.69 ? 214 HOH A O   1 
HETATM 1236 O  O   . HOH J 4 .   ? -13.505 10.598  -12.336 1.00 42.15 ? 215 HOH A O   1 
HETATM 1237 O  O   . HOH J 4 .   ? -10.700 9.790   -11.887 1.00 35.10 ? 216 HOH A O   1 
HETATM 1238 O  O   . HOH J 4 .   ? -3.148  14.999  4.138   1.00 33.25 ? 217 HOH A O   1 
HETATM 1239 O  O   . HOH J 4 .   ? 13.777  -3.286  -6.893  1.00 37.70 ? 218 HOH A O   1 
HETATM 1240 O  O   . HOH J 4 .   ? -9.107  1.243   -1.906  1.00 35.84 ? 219 HOH A O   1 
HETATM 1241 O  O   . HOH J 4 .   ? -10.381 3.515   12.355  1.00 48.35 ? 220 HOH A O   1 
HETATM 1242 O  O   . HOH J 4 .   ? 7.155   -0.017  -10.866 1.00 44.87 ? 221 HOH A O   1 
HETATM 1243 O  O   . HOH J 4 .   ? 6.853   -2.328  -10.045 1.00 46.82 ? 222 HOH A O   1 
HETATM 1244 O  O   . HOH J 4 .   ? -4.925  -10.852 -2.392  1.00 48.44 ? 223 HOH A O   1 
HETATM 1245 O  O   . HOH J 4 .   ? -15.223 -2.155  -8.828  1.00 29.53 ? 224 HOH A O   1 
HETATM 1246 O  O   . HOH J 4 .   ? -14.712 9.546   -6.317  1.00 34.59 ? 225 HOH A O   1 
HETATM 1247 O  O   . HOH J 4 .   ? -3.256  9.063   10.610  1.00 41.11 ? 226 HOH A O   1 
HETATM 1248 O  O   . HOH J 4 .   ? -4.838  -8.478  16.663  1.00 26.26 ? 227 HOH A O   1 
HETATM 1249 O  O   . HOH J 4 .   ? -7.344  -7.995  16.605  1.00 39.48 ? 228 HOH A O   1 
HETATM 1250 O  O   . HOH J 4 .   ? -0.733  4.726   14.848  1.00 45.77 ? 229 HOH A O   1 
HETATM 1251 O  O   . HOH J 4 .   ? -17.857 -5.546  -10.151 0.50 33.84 ? 230 HOH A O   1 
HETATM 1252 O  O   . HOH J 4 .   ? -14.993 -7.987  -3.839  1.00 81.92 ? 231 HOH A O   1 
HETATM 1253 O  O   . HOH J 4 .   ? -15.254 -6.346  -5.476  1.00 66.98 ? 232 HOH A O   1 
HETATM 1254 O  O   . HOH J 4 .   ? -10.567 3.243   9.909   1.00 56.90 ? 233 HOH A O   1 
HETATM 1255 O  O   . HOH J 4 .   ? 12.662  7.209   -2.470  1.00 33.79 ? 234 HOH A O   1 
HETATM 1256 O  O   . HOH J 4 .   ? -11.906 15.867  -5.093  1.00 49.28 ? 235 HOH A O   1 
# 
loop_
_pdbx_poly_seq_scheme.asym_id 
_pdbx_poly_seq_scheme.entity_id 
_pdbx_poly_seq_scheme.seq_id 
_pdbx_poly_seq_scheme.mon_id 
_pdbx_poly_seq_scheme.ndb_seq_num 
_pdbx_poly_seq_scheme.pdb_seq_num 
_pdbx_poly_seq_scheme.auth_seq_num 
_pdbx_poly_seq_scheme.pdb_mon_id 
_pdbx_poly_seq_scheme.auth_mon_id 
_pdbx_poly_seq_scheme.pdb_strand_id 
_pdbx_poly_seq_scheme.pdb_ins_code 
_pdbx_poly_seq_scheme.hetero 
A 1 1   ALA 1   1   ?   ?   ?   A . n 
A 1 2   ASP 2   2   ?   ?   ?   A . n 
A 1 3   GLN 3   3   3   GLN GLN A . n 
A 1 4   LEU 4   4   4   LEU LEU A . n 
A 1 5   THR 5   5   5   THR THR A . n 
A 1 6   GLU 6   6   6   GLU GLU A . n 
A 1 7   GLU 7   7   7   GLU GLU A . n 
A 1 8   GLN 8   8   8   GLN GLN A . n 
A 1 9   ILE 9   9   9   ILE ILE A . n 
A 1 10  ALA 10  10  10  ALA ALA A . n 
A 1 11  GLU 11  11  11  GLU GLU A . n 
A 1 12  PHE 12  12  12  PHE PHE A . n 
A 1 13  LYS 13  13  13  LYS LYS A . n 
A 1 14  GLU 14  14  14  GLU GLU A . n 
A 1 15  ALA 15  15  15  ALA ALA A . n 
A 1 16  PHE 16  16  16  PHE PHE A . n 
A 1 17  SER 17  17  17  SER SER A . n 
A 1 18  LEU 18  18  18  LEU LEU A . n 
A 1 19  PHE 19  19  19  PHE PHE A . n 
A 1 20  ASP 20  20  20  ASP ASP A . n 
A 1 21  LYS 21  21  21  LYS LYS A . n 
A 1 22  ASP 22  22  22  ASP ASP A . n 
A 1 23  GLY 23  23  23  GLY GLY A . n 
A 1 24  ASP 24  24  24  ASP ASP A . n 
A 1 25  GLY 25  25  25  GLY GLY A . n 
A 1 26  THR 26  26  26  THR THR A . n 
A 1 27  ILE 27  27  27  ILE ILE A . n 
A 1 28  THR 28  28  28  THR THR A . n 
A 1 29  THR 29  29  29  THR THR A . n 
A 1 30  LYS 30  30  30  LYS LYS A . n 
A 1 31  GLU 31  31  31  GLU GLU A . n 
A 1 32  LEU 32  32  32  LEU LEU A . n 
A 1 33  GLY 33  33  33  GLY GLY A . n 
A 1 34  THR 34  34  34  THR THR A . n 
A 1 35  VAL 35  35  35  VAL VAL A . n 
A 1 36  MET 36  36  36  MET MET A . n 
A 1 37  ARG 37  37  37  ARG ARG A . n 
A 1 38  SER 38  38  38  SER SER A . n 
A 1 39  LEU 39  39  39  LEU LEU A . n 
A 1 40  GLY 40  40  40  GLY GLY A . n 
A 1 41  GLN 41  41  41  GLN GLN A . n 
A 1 42  ASN 42  42  42  ASN ASN A . n 
A 1 43  PRO 43  43  43  PRO PRO A . n 
A 1 44  THR 44  44  44  THR THR A . n 
A 1 45  GLU 45  45  45  GLU GLU A . n 
A 1 46  ALA 46  46  46  ALA ALA A . n 
A 1 47  GLU 47  47  47  GLU GLU A . n 
A 1 48  LEU 48  48  48  LEU LEU A . n 
A 1 49  GLN 49  49  49  GLN GLN A . n 
A 1 50  ASP 50  50  50  ASP ASP A . n 
A 1 51  MET 51  51  51  MET MET A . n 
A 1 52  ILE 52  52  52  ILE ILE A . n 
A 1 53  ASN 53  53  53  ASN ASN A . n 
A 1 54  GLU 54  54  54  GLU GLU A . n 
A 1 55  VAL 55  55  55  VAL VAL A . n 
A 1 56  ASP 56  56  56  ASP ASP A . n 
A 1 57  ALA 57  57  57  ALA ALA A . n 
A 1 58  ASP 58  58  58  ASP ASP A . n 
A 1 59  GLY 59  59  59  GLY GLY A . n 
A 1 60  ASN 60  60  60  ASN ASN A . n 
A 1 61  GLY 61  61  61  GLY GLY A . n 
A 1 62  THR 62  62  62  THR THR A . n 
A 1 63  ILE 63  63  63  ILE ILE A . n 
A 1 64  ASP 64  64  64  ASP ASP A . n 
A 1 65  PHE 65  65  65  PHE PHE A . n 
A 1 66  PRO 66  66  66  PRO PRO A . n 
A 1 67  GLU 67  67  67  GLU GLU A . n 
A 1 68  PHE 68  68  68  PHE PHE A . n 
A 1 69  LEU 69  69  69  LEU LEU A . n 
A 1 70  THR 70  70  70  THR THR A . n 
A 1 71  MET 71  71  71  MET MET A . n 
A 1 72  MET 72  72  72  MET MET A . n 
A 1 73  ALA 73  73  73  ALA ALA A . n 
A 1 74  ARG 74  74  74  ARG ARG A . n 
A 1 75  LYS 75  75  75  LYS LYS A . n 
A 1 76  MET 76  76  76  MET MET A . n 
A 1 77  LYS 77  77  77  LYS LYS A . n 
A 1 78  ASP 78  78  78  ASP ASP A . n 
A 1 79  THR 79  79  ?   ?   ?   A . n 
A 1 80  ASP 80  80  ?   ?   ?   A . n 
A 1 81  SER 81  81  81  SER SER A . n 
A 1 82  GLU 82  82  82  GLU GLU A . n 
A 1 83  GLU 83  83  83  GLU GLU A . n 
A 1 84  GLU 84  84  84  GLU GLU A . n 
A 1 85  ILE 85  85  85  ILE ILE A . n 
A 1 86  ARG 86  86  86  ARG ARG A . n 
A 1 87  GLU 87  87  87  GLU GLU A . n 
A 1 88  ALA 88  88  88  ALA ALA A . n 
A 1 89  PHE 89  89  89  PHE PHE A . n 
A 1 90  ARG 90  90  90  ARG ARG A . n 
A 1 91  VAL 91  91  91  VAL VAL A . n 
A 1 92  PHE 92  92  92  PHE PHE A . n 
A 1 93  ASP 93  93  93  ASP ASP A . n 
A 1 94  LYS 94  94  94  LYS LYS A . n 
A 1 95  ASP 95  95  95  ASP ASP A . n 
A 1 96  GLY 96  96  96  GLY GLY A . n 
A 1 97  ASN 97  97  97  ASN ASN A . n 
A 1 98  GLY 98  98  98  GLY GLY A . n 
A 1 99  TYR 99  99  99  TYR TYR A . n 
A 1 100 ILE 100 100 100 ILE ILE A . n 
A 1 101 SER 101 101 101 SER SER A . n 
A 1 102 ALA 102 102 102 ALA ALA A . n 
A 1 103 ALA 103 103 103 ALA ALA A . n 
A 1 104 GLU 104 104 104 GLU GLU A . n 
A 1 105 LEU 105 105 105 LEU LEU A . n 
A 1 106 ARG 106 106 106 ARG ARG A . n 
A 1 107 HIS 107 107 107 HIS HIS A . n 
A 1 108 VAL 108 108 108 VAL VAL A . n 
A 1 109 MET 109 109 109 MET MET A . n 
A 1 110 THR 110 110 110 THR THR A . n 
A 1 111 ASN 111 111 111 ASN ASN A . n 
A 1 112 LEU 112 112 112 LEU LEU A . n 
A 1 113 GLY 113 113 113 GLY GLY A . n 
A 1 114 GLU 114 114 114 GLU GLU A . n 
A 1 115 LYS 115 115 115 LYS LYS A . n 
A 1 116 LEU 116 116 116 LEU LEU A . n 
A 1 117 THR 117 117 117 THR THR A . n 
A 1 118 ASP 118 118 118 ASP ASP A . n 
A 1 119 GLU 119 119 119 GLU GLU A . n 
A 1 120 GLU 120 120 120 GLU GLU A . n 
A 1 121 VAL 121 121 121 VAL VAL A . n 
A 1 122 ASP 122 122 122 ASP ASP A . n 
A 1 123 GLU 123 123 123 GLU GLU A . n 
A 1 124 MET 124 124 124 MET MET A . n 
A 1 125 ILE 125 125 125 ILE ILE A . n 
A 1 126 ARG 126 126 126 ARG ARG A . n 
A 1 127 GLU 127 127 127 GLU GLU A . n 
A 1 128 ALA 128 128 128 ALA ALA A . n 
A 1 129 ASP 129 129 129 ASP ASP A . n 
A 1 130 ILE 130 130 130 ILE ILE A . n 
A 1 131 ASP 131 131 131 ASP ASP A . n 
A 1 132 GLY 132 132 132 GLY GLY A . n 
A 1 133 ASP 133 133 133 ASP ASP A . n 
A 1 134 GLY 134 134 134 GLY GLY A . n 
A 1 135 GLN 135 135 135 GLN GLN A . n 
A 1 136 VAL 136 136 136 VAL VAL A . n 
A 1 137 ASN 137 137 137 ASN ASN A . n 
A 1 138 TYR 138 138 138 TYR TYR A . n 
A 1 139 GLU 139 139 139 GLU GLU A . n 
A 1 140 GLU 140 140 140 GLU GLU A . n 
A 1 141 PHE 141 141 141 PHE PHE A . n 
A 1 142 VAL 142 142 142 VAL VAL A . n 
A 1 143 GLN 143 143 143 GLN GLN A . n 
A 1 144 MET 144 144 144 MET MET A . n 
A 1 145 MET 145 145 145 MET MET A . n 
A 1 146 THR 146 146 146 THR THR A . n 
A 1 147 ALA 147 147 ?   ?   ?   A . n 
A 1 148 LYS 148 148 ?   ?   ?   A . n 
# 
loop_
_pdbx_nonpoly_scheme.asym_id 
_pdbx_nonpoly_scheme.entity_id 
_pdbx_nonpoly_scheme.mon_id 
_pdbx_nonpoly_scheme.ndb_seq_num 
_pdbx_nonpoly_scheme.pdb_seq_num 
_pdbx_nonpoly_scheme.auth_seq_num 
_pdbx_nonpoly_scheme.pdb_mon_id 
_pdbx_nonpoly_scheme.auth_mon_id 
_pdbx_nonpoly_scheme.pdb_strand_id 
_pdbx_nonpoly_scheme.pdb_ins_code 
B 2 CA  1  149 149 CA  CA  A . 
C 2 CA  1  150 150 CA  CA  A . 
D 2 CA  1  151 151 CA  CA  A . 
E 2 CA  1  152 152 CA  CA  A . 
F 3 SPU 1  153 1   SPU SPU A . 
G 3 SPU 1  154 2   SPU SPU A . 
H 3 SPU 1  155 3   SPU SPU A . 
I 3 SPU 1  156 4   SPU SPU A . 
J 4 HOH 1  157 1   HOH HOH A . 
J 4 HOH 2  158 2   HOH HOH A . 
J 4 HOH 3  159 3   HOH HOH A . 
J 4 HOH 4  160 4   HOH HOH A . 
J 4 HOH 5  161 5   HOH HOH A . 
J 4 HOH 6  162 6   HOH HOH A . 
J 4 HOH 7  163 7   HOH HOH A . 
J 4 HOH 8  164 8   HOH HOH A . 
J 4 HOH 9  165 9   HOH HOH A . 
J 4 HOH 10 166 10  HOH HOH A . 
J 4 HOH 11 167 11  HOH HOH A . 
J 4 HOH 12 168 12  HOH HOH A . 
J 4 HOH 13 169 13  HOH HOH A . 
J 4 HOH 14 170 14  HOH HOH A . 
J 4 HOH 15 171 15  HOH HOH A . 
J 4 HOH 16 172 16  HOH HOH A . 
J 4 HOH 17 173 17  HOH HOH A . 
J 4 HOH 18 174 18  HOH HOH A . 
J 4 HOH 19 175 19  HOH HOH A . 
J 4 HOH 20 176 20  HOH HOH A . 
J 4 HOH 21 177 21  HOH HOH A . 
J 4 HOH 22 178 22  HOH HOH A . 
J 4 HOH 23 179 23  HOH HOH A . 
J 4 HOH 24 180 24  HOH HOH A . 
J 4 HOH 25 181 25  HOH HOH A . 
J 4 HOH 26 182 26  HOH HOH A . 
J 4 HOH 27 183 27  HOH HOH A . 
J 4 HOH 28 184 28  HOH HOH A . 
J 4 HOH 29 185 29  HOH HOH A . 
J 4 HOH 30 186 30  HOH HOH A . 
J 4 HOH 31 187 31  HOH HOH A . 
J 4 HOH 32 188 32  HOH HOH A . 
J 4 HOH 33 189 33  HOH HOH A . 
J 4 HOH 34 190 34  HOH HOH A . 
J 4 HOH 35 191 35  HOH HOH A . 
J 4 HOH 36 192 36  HOH HOH A . 
J 4 HOH 37 193 37  HOH HOH A . 
J 4 HOH 38 194 38  HOH HOH A . 
J 4 HOH 39 195 39  HOH HOH A . 
J 4 HOH 40 196 40  HOH HOH A . 
J 4 HOH 41 197 41  HOH HOH A . 
J 4 HOH 42 198 42  HOH HOH A . 
J 4 HOH 43 199 43  HOH HOH A . 
J 4 HOH 44 200 44  HOH HOH A . 
J 4 HOH 45 201 45  HOH HOH A . 
J 4 HOH 46 202 46  HOH HOH A . 
J 4 HOH 47 203 47  HOH HOH A . 
J 4 HOH 48 204 48  HOH HOH A . 
J 4 HOH 49 205 49  HOH HOH A . 
J 4 HOH 50 206 50  HOH HOH A . 
J 4 HOH 51 207 51  HOH HOH A . 
J 4 HOH 52 208 52  HOH HOH A . 
J 4 HOH 53 209 53  HOH HOH A . 
J 4 HOH 54 210 54  HOH HOH A . 
J 4 HOH 55 211 55  HOH HOH A . 
J 4 HOH 56 212 56  HOH HOH A . 
J 4 HOH 57 213 57  HOH HOH A . 
J 4 HOH 58 214 58  HOH HOH A . 
J 4 HOH 59 215 59  HOH HOH A . 
J 4 HOH 60 216 60  HOH HOH A . 
J 4 HOH 61 217 61  HOH HOH A . 
J 4 HOH 62 218 62  HOH HOH A . 
J 4 HOH 63 219 63  HOH HOH A . 
J 4 HOH 64 220 64  HOH HOH A . 
J 4 HOH 65 221 65  HOH HOH A . 
J 4 HOH 66 222 66  HOH HOH A . 
J 4 HOH 67 223 67  HOH HOH A . 
J 4 HOH 68 224 68  HOH HOH A . 
J 4 HOH 69 225 69  HOH HOH A . 
J 4 HOH 70 226 70  HOH HOH A . 
J 4 HOH 71 227 71  HOH HOH A . 
J 4 HOH 72 228 72  HOH HOH A . 
J 4 HOH 73 229 73  HOH HOH A . 
J 4 HOH 74 230 74  HOH HOH A . 
J 4 HOH 75 231 75  HOH HOH A . 
J 4 HOH 76 232 76  HOH HOH A . 
J 4 HOH 77 233 77  HOH HOH A . 
J 4 HOH 78 234 78  HOH HOH A . 
J 4 HOH 79 235 79  HOH HOH A . 
# 
_pdbx_struct_assembly.id                   1 
_pdbx_struct_assembly.details              author_and_software_defined_assembly 
_pdbx_struct_assembly.method_details       PISA 
_pdbx_struct_assembly.oligomeric_details   monomeric 
_pdbx_struct_assembly.oligomeric_count     1 
# 
_pdbx_struct_assembly_gen.assembly_id       1 
_pdbx_struct_assembly_gen.oper_expression   1 
_pdbx_struct_assembly_gen.asym_id_list      A,B,C,D,E,F,G,H,I,J 
# 
_pdbx_struct_oper_list.id                   1 
_pdbx_struct_oper_list.type                 'identity operation' 
_pdbx_struct_oper_list.name                 1_555 
_pdbx_struct_oper_list.symmetry_operation   x,y,z 
_pdbx_struct_oper_list.matrix[1][1]         1.0000000000 
_pdbx_struct_oper_list.matrix[1][2]         0.0000000000 
_pdbx_struct_oper_list.matrix[1][3]         0.0000000000 
_pdbx_struct_oper_list.vector[1]            0.0000000000 
_pdbx_struct_oper_list.matrix[2][1]         0.0000000000 
_pdbx_struct_oper_list.matrix[2][2]         1.0000000000 
_pdbx_struct_oper_list.matrix[2][3]         0.0000000000 
_pdbx_struct_oper_list.vector[2]            0.0000000000 
_pdbx_struct_oper_list.matrix[3][1]         0.0000000000 
_pdbx_struct_oper_list.matrix[3][2]         0.0000000000 
_pdbx_struct_oper_list.matrix[3][3]         1.0000000000 
_pdbx_struct_oper_list.vector[3]            0.0000000000 
# 
_pdbx_struct_special_symmetry.id              1 
_pdbx_struct_special_symmetry.PDB_model_num   1 
_pdbx_struct_special_symmetry.auth_asym_id    A 
_pdbx_struct_special_symmetry.auth_comp_id    HOH 
_pdbx_struct_special_symmetry.auth_seq_id     164 
_pdbx_struct_special_symmetry.PDB_ins_code    ? 
_pdbx_struct_special_symmetry.label_asym_id   J 
_pdbx_struct_special_symmetry.label_comp_id   HOH 
_pdbx_struct_special_symmetry.label_seq_id    . 
# 
loop_
_pdbx_struct_conn_angle.id 
_pdbx_struct_conn_angle.ptnr1_label_atom_id 
_pdbx_struct_conn_angle.ptnr1_label_alt_id 
_pdbx_struct_conn_angle.ptnr1_label_asym_id 
_pdbx_struct_conn_angle.ptnr1_label_comp_id 
_pdbx_struct_conn_angle.ptnr1_label_seq_id 
_pdbx_struct_conn_angle.ptnr1_auth_atom_id 
_pdbx_struct_conn_angle.ptnr1_auth_asym_id 
_pdbx_struct_conn_angle.ptnr1_auth_comp_id 
_pdbx_struct_conn_angle.ptnr1_auth_seq_id 
_pdbx_struct_conn_angle.ptnr1_PDB_ins_code 
_pdbx_struct_conn_angle.ptnr1_symmetry 
_pdbx_struct_conn_angle.ptnr2_label_atom_id 
_pdbx_struct_conn_angle.ptnr2_label_alt_id 
_pdbx_struct_conn_angle.ptnr2_label_asym_id 
_pdbx_struct_conn_angle.ptnr2_label_comp_id 
_pdbx_struct_conn_angle.ptnr2_label_seq_id 
_pdbx_struct_conn_angle.ptnr2_auth_atom_id 
_pdbx_struct_conn_angle.ptnr2_auth_asym_id 
_pdbx_struct_conn_angle.ptnr2_auth_comp_id 
_pdbx_struct_conn_angle.ptnr2_auth_seq_id 
_pdbx_struct_conn_angle.ptnr2_PDB_ins_code 
_pdbx_struct_conn_angle.ptnr2_symmetry 
_pdbx_struct_conn_angle.ptnr3_label_atom_id 
_pdbx_struct_conn_angle.ptnr3_label_alt_id 
_pdbx_struct_conn_angle.ptnr3_label_asym_id 
_pdbx_struct_conn_angle.ptnr3_label_comp_id 
_pdbx_struct_conn_angle.ptnr3_label_seq_id 
_pdbx_struct_conn_angle.ptnr3_auth_atom_id 
_pdbx_struct_conn_angle.ptnr3_auth_asym_id 
_pdbx_struct_conn_angle.ptnr3_auth_comp_id 
_pdbx_struct_conn_angle.ptnr3_auth_seq_id 
_pdbx_struct_conn_angle.ptnr3_PDB_ins_code 
_pdbx_struct_conn_angle.ptnr3_symmetry 
_pdbx_struct_conn_angle.value 
_pdbx_struct_conn_angle.value_esd 
1  OD1 ? A ASP 20  ? A ASP 20  ? 1_555 CA ? B CA . ? A CA 149 ? 1_555 OD1 ? A ASP 22  ? A ASP 22  ? 1_555 81.2  ? 
2  OD1 ? A ASP 20  ? A ASP 20  ? 1_555 CA ? B CA . ? A CA 149 ? 1_555 OD1 ? A ASP 24  ? A ASP 24  ? 1_555 86.8  ? 
3  OD1 ? A ASP 22  ? A ASP 22  ? 1_555 CA ? B CA . ? A CA 149 ? 1_555 OD1 ? A ASP 24  ? A ASP 24  ? 1_555 80.1  ? 
4  OD1 ? A ASP 20  ? A ASP 20  ? 1_555 CA ? B CA . ? A CA 149 ? 1_555 O   ? A THR 26  ? A THR 26  ? 1_555 82.8  ? 
5  OD1 ? A ASP 22  ? A ASP 22  ? 1_555 CA ? B CA . ? A CA 149 ? 1_555 O   ? A THR 26  ? A THR 26  ? 1_555 155.6 ? 
6  OD1 ? A ASP 24  ? A ASP 24  ? 1_555 CA ? B CA . ? A CA 149 ? 1_555 O   ? A THR 26  ? A THR 26  ? 1_555 80.8  ? 
7  OD1 ? A ASP 20  ? A ASP 20  ? 1_555 CA ? B CA . ? A CA 149 ? 1_555 OE1 ? A GLU 31  ? A GLU 31  ? 1_555 109.4 ? 
8  OD1 ? A ASP 22  ? A ASP 22  ? 1_555 CA ? B CA . ? A CA 149 ? 1_555 OE1 ? A GLU 31  ? A GLU 31  ? 1_555 127.0 ? 
9  OD1 ? A ASP 24  ? A ASP 24  ? 1_555 CA ? B CA . ? A CA 149 ? 1_555 OE1 ? A GLU 31  ? A GLU 31  ? 1_555 149.3 ? 
10 O   ? A THR 26  ? A THR 26  ? 1_555 CA ? B CA . ? A CA 149 ? 1_555 OE1 ? A GLU 31  ? A GLU 31  ? 1_555 75.8  ? 
11 OD1 ? A ASP 20  ? A ASP 20  ? 1_555 CA ? B CA . ? A CA 149 ? 1_555 OE2 ? A GLU 31  ? A GLU 31  ? 1_555 94.4  ? 
12 OD1 ? A ASP 22  ? A ASP 22  ? 1_555 CA ? B CA . ? A CA 149 ? 1_555 OE2 ? A GLU 31  ? A GLU 31  ? 1_555 75.3  ? 
13 OD1 ? A ASP 24  ? A ASP 24  ? 1_555 CA ? B CA . ? A CA 149 ? 1_555 OE2 ? A GLU 31  ? A GLU 31  ? 1_555 154.9 ? 
14 O   ? A THR 26  ? A THR 26  ? 1_555 CA ? B CA . ? A CA 149 ? 1_555 OE2 ? A GLU 31  ? A GLU 31  ? 1_555 124.3 ? 
15 OE1 ? A GLU 31  ? A GLU 31  ? 1_555 CA ? B CA . ? A CA 149 ? 1_555 OE2 ? A GLU 31  ? A GLU 31  ? 1_555 52.7  ? 
16 OD1 ? A ASP 20  ? A ASP 20  ? 1_555 CA ? B CA . ? A CA 149 ? 1_555 O   ? J HOH .   ? A HOH 160 ? 1_555 160.2 ? 
17 OD1 ? A ASP 22  ? A ASP 22  ? 1_555 CA ? B CA . ? A CA 149 ? 1_555 O   ? J HOH .   ? A HOH 160 ? 1_555 79.3  ? 
18 OD1 ? A ASP 24  ? A ASP 24  ? 1_555 CA ? B CA . ? A CA 149 ? 1_555 O   ? J HOH .   ? A HOH 160 ? 1_555 86.3  ? 
19 O   ? A THR 26  ? A THR 26  ? 1_555 CA ? B CA . ? A CA 149 ? 1_555 O   ? J HOH .   ? A HOH 160 ? 1_555 114.2 ? 
20 OE1 ? A GLU 31  ? A GLU 31  ? 1_555 CA ? B CA . ? A CA 149 ? 1_555 O   ? J HOH .   ? A HOH 160 ? 1_555 85.5  ? 
21 OE2 ? A GLU 31  ? A GLU 31  ? 1_555 CA ? B CA . ? A CA 149 ? 1_555 O   ? J HOH .   ? A HOH 160 ? 1_555 84.3  ? 
22 OD1 ? A ASP 56  ? A ASP 56  ? 1_555 CA ? C CA . ? A CA 150 ? 1_555 OD1 ? A ASP 58  ? A ASP 58  ? 1_555 81.8  ? 
23 OD1 ? A ASP 56  ? A ASP 56  ? 1_555 CA ? C CA . ? A CA 150 ? 1_555 OD1 ? A ASN 60  ? A ASN 60  ? 1_555 88.6  ? 
24 OD1 ? A ASP 58  ? A ASP 58  ? 1_555 CA ? C CA . ? A CA 150 ? 1_555 OD1 ? A ASN 60  ? A ASN 60  ? 1_555 77.9  ? 
25 OD1 ? A ASP 56  ? A ASP 56  ? 1_555 CA ? C CA . ? A CA 150 ? 1_555 O   ? A THR 62  ? A THR 62  ? 1_555 82.9  ? 
26 OD1 ? A ASP 58  ? A ASP 58  ? 1_555 CA ? C CA . ? A CA 150 ? 1_555 O   ? A THR 62  ? A THR 62  ? 1_555 150.2 ? 
27 OD1 ? A ASN 60  ? A ASN 60  ? 1_555 CA ? C CA . ? A CA 150 ? 1_555 O   ? A THR 62  ? A THR 62  ? 1_555 76.3  ? 
28 OD1 ? A ASP 56  ? A ASP 56  ? 1_555 CA ? C CA . ? A CA 150 ? 1_555 OE1 ? A GLU 67  ? A GLU 67  ? 1_555 100.8 ? 
29 OD1 ? A ASP 58  ? A ASP 58  ? 1_555 CA ? C CA . ? A CA 150 ? 1_555 OE1 ? A GLU 67  ? A GLU 67  ? 1_555 126.4 ? 
30 OD1 ? A ASN 60  ? A ASN 60  ? 1_555 CA ? C CA . ? A CA 150 ? 1_555 OE1 ? A GLU 67  ? A GLU 67  ? 1_555 154.7 ? 
31 O   ? A THR 62  ? A THR 62  ? 1_555 CA ? C CA . ? A CA 150 ? 1_555 OE1 ? A GLU 67  ? A GLU 67  ? 1_555 81.6  ? 
32 OD1 ? A ASP 56  ? A ASP 56  ? 1_555 CA ? C CA . ? A CA 150 ? 1_555 OE2 ? A GLU 67  ? A GLU 67  ? 1_555 87.4  ? 
33 OD1 ? A ASP 58  ? A ASP 58  ? 1_555 CA ? C CA . ? A CA 150 ? 1_555 OE2 ? A GLU 67  ? A GLU 67  ? 1_555 74.7  ? 
34 OD1 ? A ASN 60  ? A ASN 60  ? 1_555 CA ? C CA . ? A CA 150 ? 1_555 OE2 ? A GLU 67  ? A GLU 67  ? 1_555 152.6 ? 
35 O   ? A THR 62  ? A THR 62  ? 1_555 CA ? C CA . ? A CA 150 ? 1_555 OE2 ? A GLU 67  ? A GLU 67  ? 1_555 129.9 ? 
36 OE1 ? A GLU 67  ? A GLU 67  ? 1_555 CA ? C CA . ? A CA 150 ? 1_555 OE2 ? A GLU 67  ? A GLU 67  ? 1_555 52.2  ? 
37 OD1 ? A ASP 56  ? A ASP 56  ? 1_555 CA ? C CA . ? A CA 150 ? 1_555 O   ? J HOH .   ? A HOH 157 ? 1_555 164.2 ? 
38 OD1 ? A ASP 58  ? A ASP 58  ? 1_555 CA ? C CA . ? A CA 150 ? 1_555 O   ? J HOH .   ? A HOH 157 ? 1_555 83.2  ? 
39 OD1 ? A ASN 60  ? A ASN 60  ? 1_555 CA ? C CA . ? A CA 150 ? 1_555 O   ? J HOH .   ? A HOH 157 ? 1_555 92.9  ? 
40 O   ? A THR 62  ? A THR 62  ? 1_555 CA ? C CA . ? A CA 150 ? 1_555 O   ? J HOH .   ? A HOH 157 ? 1_555 112.7 ? 
41 OE1 ? A GLU 67  ? A GLU 67  ? 1_555 CA ? C CA . ? A CA 150 ? 1_555 O   ? J HOH .   ? A HOH 157 ? 1_555 84.4  ? 
42 OE2 ? A GLU 67  ? A GLU 67  ? 1_555 CA ? C CA . ? A CA 150 ? 1_555 O   ? J HOH .   ? A HOH 157 ? 1_555 84.0  ? 
43 OD1 ? A ASP 93  ? A ASP 93  ? 1_555 CA ? D CA . ? A CA 151 ? 1_555 OD1 ? A ASP 95  ? A ASP 95  ? 1_555 79.9  ? 
44 OD1 ? A ASP 93  ? A ASP 93  ? 1_555 CA ? D CA . ? A CA 151 ? 1_555 OD1 ? A ASN 97  ? A ASN 97  ? 1_555 84.8  ? 
45 OD1 ? A ASP 95  ? A ASP 95  ? 1_555 CA ? D CA . ? A CA 151 ? 1_555 OD1 ? A ASN 97  ? A ASN 97  ? 1_555 78.3  ? 
46 OD1 ? A ASP 93  ? A ASP 93  ? 1_555 CA ? D CA . ? A CA 151 ? 1_555 O   ? A TYR 99  ? A TYR 99  ? 1_555 86.2  ? 
47 OD1 ? A ASP 95  ? A ASP 95  ? 1_555 CA ? D CA . ? A CA 151 ? 1_555 O   ? A TYR 99  ? A TYR 99  ? 1_555 156.7 ? 
48 OD1 ? A ASN 97  ? A ASN 97  ? 1_555 CA ? D CA . ? A CA 151 ? 1_555 O   ? A TYR 99  ? A TYR 99  ? 1_555 82.0  ? 
49 OD1 ? A ASP 93  ? A ASP 93  ? 1_555 CA ? D CA . ? A CA 151 ? 1_555 OE1 ? A GLU 104 ? A GLU 104 ? 1_555 104.1 ? 
50 OD1 ? A ASP 95  ? A ASP 95  ? 1_555 CA ? D CA . ? A CA 151 ? 1_555 OE1 ? A GLU 104 ? A GLU 104 ? 1_555 126.2 ? 
51 OD1 ? A ASN 97  ? A ASN 97  ? 1_555 CA ? D CA . ? A CA 151 ? 1_555 OE1 ? A GLU 104 ? A GLU 104 ? 1_555 154.7 ? 
52 O   ? A TYR 99  ? A TYR 99  ? 1_555 CA ? D CA . ? A CA 151 ? 1_555 OE1 ? A GLU 104 ? A GLU 104 ? 1_555 75.1  ? 
53 OD1 ? A ASP 93  ? A ASP 93  ? 1_555 CA ? D CA . ? A CA 151 ? 1_555 OE2 ? A GLU 104 ? A GLU 104 ? 1_555 95.3  ? 
54 OD1 ? A ASP 95  ? A ASP 95  ? 1_555 CA ? D CA . ? A CA 151 ? 1_555 OE2 ? A GLU 104 ? A GLU 104 ? 1_555 74.5  ? 
55 OD1 ? A ASN 97  ? A ASN 97  ? 1_555 CA ? D CA . ? A CA 151 ? 1_555 OE2 ? A GLU 104 ? A GLU 104 ? 1_555 152.3 ? 
56 O   ? A TYR 99  ? A TYR 99  ? 1_555 CA ? D CA . ? A CA 151 ? 1_555 OE2 ? A GLU 104 ? A GLU 104 ? 1_555 125.7 ? 
57 OE1 ? A GLU 104 ? A GLU 104 ? 1_555 CA ? D CA . ? A CA 151 ? 1_555 OE2 ? A GLU 104 ? A GLU 104 ? 1_555 51.8  ? 
58 OD1 ? A ASP 93  ? A ASP 93  ? 1_555 CA ? D CA . ? A CA 151 ? 1_555 O   ? J HOH .   ? A HOH 180 ? 1_555 165.4 ? 
59 OD1 ? A ASP 95  ? A ASP 95  ? 1_555 CA ? D CA . ? A CA 151 ? 1_555 O   ? J HOH .   ? A HOH 180 ? 1_555 85.5  ? 
60 OD1 ? A ASN 97  ? A ASN 97  ? 1_555 CA ? D CA . ? A CA 151 ? 1_555 O   ? J HOH .   ? A HOH 180 ? 1_555 91.4  ? 
61 O   ? A TYR 99  ? A TYR 99  ? 1_555 CA ? D CA . ? A CA 151 ? 1_555 O   ? J HOH .   ? A HOH 180 ? 1_555 107.4 ? 
62 OE1 ? A GLU 104 ? A GLU 104 ? 1_555 CA ? D CA . ? A CA 151 ? 1_555 O   ? J HOH .   ? A HOH 180 ? 1_555 85.2  ? 
63 OE2 ? A GLU 104 ? A GLU 104 ? 1_555 CA ? D CA . ? A CA 151 ? 1_555 O   ? J HOH .   ? A HOH 180 ? 1_555 81.5  ? 
64 OD1 ? A ASP 129 ? A ASP 129 ? 1_555 CA ? E CA . ? A CA 152 ? 1_555 OD1 ? A ASP 131 ? A ASP 131 ? 1_555 79.2  ? 
65 OD1 ? A ASP 129 ? A ASP 129 ? 1_555 CA ? E CA . ? A CA 152 ? 1_555 OD1 ? A ASP 133 ? A ASP 133 ? 1_555 93.0  ? 
66 OD1 ? A ASP 131 ? A ASP 131 ? 1_555 CA ? E CA . ? A CA 152 ? 1_555 OD1 ? A ASP 133 ? A ASP 133 ? 1_555 77.8  ? 
67 OD1 ? A ASP 129 ? A ASP 129 ? 1_555 CA ? E CA . ? A CA 152 ? 1_555 O   ? A GLN 135 ? A GLN 135 ? 1_555 88.8  ? 
68 OD1 ? A ASP 131 ? A ASP 131 ? 1_555 CA ? E CA . ? A CA 152 ? 1_555 O   ? A GLN 135 ? A GLN 135 ? 1_555 152.2 ? 
69 OD1 ? A ASP 133 ? A ASP 133 ? 1_555 CA ? E CA . ? A CA 152 ? 1_555 O   ? A GLN 135 ? A GLN 135 ? 1_555 77.9  ? 
70 OD1 ? A ASP 129 ? A ASP 129 ? 1_555 CA ? E CA . ? A CA 152 ? 1_555 OE1 ? A GLU 140 ? A GLU 140 ? 1_555 107.1 ? 
71 OD1 ? A ASP 131 ? A ASP 131 ? 1_555 CA ? E CA . ? A CA 152 ? 1_555 OE1 ? A GLU 140 ? A GLU 140 ? 1_555 127.0 ? 
72 OD1 ? A ASP 133 ? A ASP 133 ? 1_555 CA ? E CA . ? A CA 152 ? 1_555 OE1 ? A GLU 140 ? A GLU 140 ? 1_555 150.0 ? 
73 O   ? A GLN 135 ? A GLN 135 ? 1_555 CA ? E CA . ? A CA 152 ? 1_555 OE1 ? A GLU 140 ? A GLU 140 ? 1_555 80.4  ? 
74 OD1 ? A ASP 129 ? A ASP 129 ? 1_555 CA ? E CA . ? A CA 152 ? 1_555 OE2 ? A GLU 140 ? A GLU 140 ? 1_555 82.1  ? 
75 OD1 ? A ASP 131 ? A ASP 131 ? 1_555 CA ? E CA . ? A CA 152 ? 1_555 OE2 ? A GLU 140 ? A GLU 140 ? 1_555 79.2  ? 
76 OD1 ? A ASP 133 ? A ASP 133 ? 1_555 CA ? E CA . ? A CA 152 ? 1_555 OE2 ? A GLU 140 ? A GLU 140 ? 1_555 157.0 ? 
77 O   ? A GLN 135 ? A GLN 135 ? 1_555 CA ? E CA . ? A CA 152 ? 1_555 OE2 ? A GLU 140 ? A GLU 140 ? 1_555 124.2 ? 
78 OE1 ? A GLU 140 ? A GLU 140 ? 1_555 CA ? E CA . ? A CA 152 ? 1_555 OE2 ? A GLU 140 ? A GLU 140 ? 1_555 51.2  ? 
79 OD1 ? A ASP 129 ? A ASP 129 ? 1_555 CA ? E CA . ? A CA 152 ? 1_555 O   ? J HOH .   ? A HOH 158 ? 1_555 167.2 ? 
80 OD1 ? A ASP 131 ? A ASP 131 ? 1_555 CA ? E CA . ? A CA 152 ? 1_555 O   ? J HOH .   ? A HOH 158 ? 1_555 88.2  ? 
81 OD1 ? A ASP 133 ? A ASP 133 ? 1_555 CA ? E CA . ? A CA 152 ? 1_555 O   ? J HOH .   ? A HOH 158 ? 1_555 81.6  ? 
82 O   ? A GLN 135 ? A GLN 135 ? 1_555 CA ? E CA . ? A CA 152 ? 1_555 O   ? J HOH .   ? A HOH 158 ? 1_555 101.3 ? 
83 OE1 ? A GLU 140 ? A GLU 140 ? 1_555 CA ? E CA . ? A CA 152 ? 1_555 O   ? J HOH .   ? A HOH 158 ? 1_555 82.6  ? 
84 OE2 ? A GLU 140 ? A GLU 140 ? 1_555 CA ? E CA . ? A CA 152 ? 1_555 O   ? J HOH .   ? A HOH 158 ? 1_555 98.3  ? 
# 
loop_
_pdbx_audit_revision_history.ordinal 
_pdbx_audit_revision_history.data_content_type 
_pdbx_audit_revision_history.major_revision 
_pdbx_audit_revision_history.minor_revision 
_pdbx_audit_revision_history.revision_date 
1 'Structure model' 1 0 2010-06-30 
2 'Structure model' 1 1 2011-07-13 
3 'Structure model' 1 2 2023-11-01 
# 
_pdbx_audit_revision_details.ordinal             1 
_pdbx_audit_revision_details.revision_ordinal    1 
_pdbx_audit_revision_details.data_content_type   'Structure model' 
_pdbx_audit_revision_details.provider            repository 
_pdbx_audit_revision_details.type                'Initial release' 
_pdbx_audit_revision_details.description         ? 
_pdbx_audit_revision_details.details             ? 
# 
loop_
_pdbx_audit_revision_group.ordinal 
_pdbx_audit_revision_group.revision_ordinal 
_pdbx_audit_revision_group.data_content_type 
_pdbx_audit_revision_group.group 
1 2 'Structure model' Advisory                    
2 2 'Structure model' 'Version format compliance' 
3 3 'Structure model' 'Data collection'           
4 3 'Structure model' 'Database references'       
5 3 'Structure model' 'Derived calculations'      
6 3 'Structure model' 'Refinement description'    
# 
loop_
_pdbx_audit_revision_category.ordinal 
_pdbx_audit_revision_category.revision_ordinal 
_pdbx_audit_revision_category.data_content_type 
_pdbx_audit_revision_category.category 
1 3 'Structure model' chem_comp_atom                
2 3 'Structure model' chem_comp_bond                
3 3 'Structure model' database_2                    
4 3 'Structure model' pdbx_initial_refinement_model 
5 3 'Structure model' struct_site                   
# 
loop_
_pdbx_audit_revision_item.ordinal 
_pdbx_audit_revision_item.revision_ordinal 
_pdbx_audit_revision_item.data_content_type 
_pdbx_audit_revision_item.item 
1 3 'Structure model' '_database_2.pdbx_DOI'                
2 3 'Structure model' '_database_2.pdbx_database_accession' 
3 3 'Structure model' '_struct_site.pdbx_auth_asym_id'      
4 3 'Structure model' '_struct_site.pdbx_auth_comp_id'      
5 3 'Structure model' '_struct_site.pdbx_auth_seq_id'       
# 
loop_
_pdbx_refine_tls.pdbx_refine_id 
_pdbx_refine_tls.id 
_pdbx_refine_tls.details 
_pdbx_refine_tls.method 
_pdbx_refine_tls.origin_x 
_pdbx_refine_tls.origin_y 
_pdbx_refine_tls.origin_z 
_pdbx_refine_tls.T[1][1] 
_pdbx_refine_tls.T[2][2] 
_pdbx_refine_tls.T[3][3] 
_pdbx_refine_tls.T[1][2] 
_pdbx_refine_tls.T[1][3] 
_pdbx_refine_tls.T[2][3] 
_pdbx_refine_tls.L[1][1] 
_pdbx_refine_tls.L[2][2] 
_pdbx_refine_tls.L[3][3] 
_pdbx_refine_tls.L[1][2] 
_pdbx_refine_tls.L[1][3] 
_pdbx_refine_tls.L[2][3] 
_pdbx_refine_tls.S[1][1] 
_pdbx_refine_tls.S[1][2] 
_pdbx_refine_tls.S[1][3] 
_pdbx_refine_tls.S[2][1] 
_pdbx_refine_tls.S[2][2] 
_pdbx_refine_tls.S[2][3] 
_pdbx_refine_tls.S[3][1] 
_pdbx_refine_tls.S[3][2] 
_pdbx_refine_tls.S[3][3] 
'X-RAY DIFFRACTION' 1 ? refined -1.4382 6.3159  -5.7598 0.0443 0.0308 0.0101 -0.0171 0.0001  -0.0137 0.9764 2.2024 1.8870 1.0551  1.2964  0.9966  0.0426 -0.1178 0.0461 0.1441  -0.1291 -0.0092 -0.0092 -0.1471 0.0865  
'X-RAY DIFFRACTION' 2 ? refined 2.0500  -7.5564 6.9438  0.0112 0.0264 0.0091 0.0053  -0.0021 0.0072  1.4341 1.6442 2.6628 -0.2815 -0.0404 -0.3788 0.0384 0.1563  0.0937 -0.1053 -0.0451 0.0249  -0.0644 0.0265  0.0067  
'X-RAY DIFFRACTION' 3 ? refined -0.9805 0.3538  1.7629  0.2885 0.2580 0.1818 0.0109  0.0167  0.0316  0.2508 8.0576 1.0358 0.9366  0.1890  2.7236  0.1642 0.0899  0.0796 -0.0781 -0.1222 0.0518  -0.1634 -0.1427 -0.0420 
# 
loop_
_pdbx_refine_tls_group.pdbx_refine_id 
_pdbx_refine_tls_group.id 
_pdbx_refine_tls_group.refine_tls_id 
_pdbx_refine_tls_group.beg_auth_asym_id 
_pdbx_refine_tls_group.beg_auth_seq_id 
_pdbx_refine_tls_group.beg_label_asym_id 
_pdbx_refine_tls_group.beg_label_seq_id 
_pdbx_refine_tls_group.end_auth_asym_id 
_pdbx_refine_tls_group.end_auth_seq_id 
_pdbx_refine_tls_group.end_label_asym_id 
_pdbx_refine_tls_group.end_label_seq_id 
_pdbx_refine_tls_group.selection 
_pdbx_refine_tls_group.selection_details 
'X-RAY DIFFRACTION' 1 1 A 3   ? ? A 78  ? ? ? ? 
'X-RAY DIFFRACTION' 2 1 A 149 ? ? A 150 ? ? ? ? 
'X-RAY DIFFRACTION' 3 2 A 81  ? ? A 146 ? ? ? ? 
'X-RAY DIFFRACTION' 4 2 A 151 ? ? A 152 ? ? ? ? 
'X-RAY DIFFRACTION' 5 3 A 153 ? ? A 156 ? ? ? ? 
# 
loop_
_software.name 
_software.classification 
_software.version 
_software.citation_id 
_software.pdbx_ordinal 
ADSC   'data collection' Quantum  ? 1 
MOLREP phasing           .        ? 2 
REFMAC refinement        5.5.0072 ? 3 
MOSFLM 'data reduction'  .        ? 4 
SCALA  'data scaling'    .        ? 5 
# 
_pdbx_validate_symm_contact.id                1 
_pdbx_validate_symm_contact.PDB_model_num     1 
_pdbx_validate_symm_contact.auth_atom_id_1    O 
_pdbx_validate_symm_contact.auth_asym_id_1    A 
_pdbx_validate_symm_contact.auth_comp_id_1    HOH 
_pdbx_validate_symm_contact.auth_seq_id_1     183 
_pdbx_validate_symm_contact.PDB_ins_code_1    ? 
_pdbx_validate_symm_contact.label_alt_id_1    ? 
_pdbx_validate_symm_contact.site_symmetry_1   1_555 
_pdbx_validate_symm_contact.auth_atom_id_2    O 
_pdbx_validate_symm_contact.auth_asym_id_2    A 
_pdbx_validate_symm_contact.auth_comp_id_2    HOH 
_pdbx_validate_symm_contact.auth_seq_id_2     211 
_pdbx_validate_symm_contact.PDB_ins_code_2    ? 
_pdbx_validate_symm_contact.label_alt_id_2    ? 
_pdbx_validate_symm_contact.site_symmetry_2   6_454 
_pdbx_validate_symm_contact.dist              2.05 
# 
loop_
_pdbx_validate_rmsd_bond.id 
_pdbx_validate_rmsd_bond.PDB_model_num 
_pdbx_validate_rmsd_bond.auth_atom_id_1 
_pdbx_validate_rmsd_bond.auth_asym_id_1 
_pdbx_validate_rmsd_bond.auth_comp_id_1 
_pdbx_validate_rmsd_bond.auth_seq_id_1 
_pdbx_validate_rmsd_bond.PDB_ins_code_1 
_pdbx_validate_rmsd_bond.label_alt_id_1 
_pdbx_validate_rmsd_bond.auth_atom_id_2 
_pdbx_validate_rmsd_bond.auth_asym_id_2 
_pdbx_validate_rmsd_bond.auth_comp_id_2 
_pdbx_validate_rmsd_bond.auth_seq_id_2 
_pdbx_validate_rmsd_bond.PDB_ins_code_2 
_pdbx_validate_rmsd_bond.label_alt_id_2 
_pdbx_validate_rmsd_bond.bond_value 
_pdbx_validate_rmsd_bond.bond_target_value 
_pdbx_validate_rmsd_bond.bond_deviation 
_pdbx_validate_rmsd_bond.bond_standard_deviation 
_pdbx_validate_rmsd_bond.linker_flag 
1 1 CB  A VAL 55  ? ? CG2 A VAL 55  ? ? 1.382 1.524 -0.142 0.021 N 
2 1 CE1 A TYR 138 ? ? CZ  A TYR 138 ? ? 1.286 1.381 -0.095 0.013 N 
# 
loop_
_pdbx_validate_rmsd_angle.id 
_pdbx_validate_rmsd_angle.PDB_model_num 
_pdbx_validate_rmsd_angle.auth_atom_id_1 
_pdbx_validate_rmsd_angle.auth_asym_id_1 
_pdbx_validate_rmsd_angle.auth_comp_id_1 
_pdbx_validate_rmsd_angle.auth_seq_id_1 
_pdbx_validate_rmsd_angle.PDB_ins_code_1 
_pdbx_validate_rmsd_angle.label_alt_id_1 
_pdbx_validate_rmsd_angle.auth_atom_id_2 
_pdbx_validate_rmsd_angle.auth_asym_id_2 
_pdbx_validate_rmsd_angle.auth_comp_id_2 
_pdbx_validate_rmsd_angle.auth_seq_id_2 
_pdbx_validate_rmsd_angle.PDB_ins_code_2 
_pdbx_validate_rmsd_angle.label_alt_id_2 
_pdbx_validate_rmsd_angle.auth_atom_id_3 
_pdbx_validate_rmsd_angle.auth_asym_id_3 
_pdbx_validate_rmsd_angle.auth_comp_id_3 
_pdbx_validate_rmsd_angle.auth_seq_id_3 
_pdbx_validate_rmsd_angle.PDB_ins_code_3 
_pdbx_validate_rmsd_angle.label_alt_id_3 
_pdbx_validate_rmsd_angle.angle_value 
_pdbx_validate_rmsd_angle.angle_target_value 
_pdbx_validate_rmsd_angle.angle_deviation 
_pdbx_validate_rmsd_angle.angle_standard_deviation 
_pdbx_validate_rmsd_angle.linker_flag 
1 1 NE A ARG 86 ? ? CZ A ARG 86 ? ? NH2 A ARG 86 ? ? 113.47 120.30 -6.83 0.50 N 
2 1 NE A ARG 90 ? ? CZ A ARG 90 ? ? NH2 A ARG 90 ? ? 117.02 120.30 -3.28 0.50 N 
# 
_pdbx_validate_torsion.id              1 
_pdbx_validate_torsion.PDB_model_num   1 
_pdbx_validate_torsion.auth_comp_id    LYS 
_pdbx_validate_torsion.auth_asym_id    A 
_pdbx_validate_torsion.auth_seq_id     75 
_pdbx_validate_torsion.PDB_ins_code    ? 
_pdbx_validate_torsion.label_alt_id    ? 
_pdbx_validate_torsion.phi             57.14 
_pdbx_validate_torsion.psi             -148.67 
# 
loop_
_pdbx_unobs_or_zero_occ_atoms.id 
_pdbx_unobs_or_zero_occ_atoms.PDB_model_num 
_pdbx_unobs_or_zero_occ_atoms.polymer_flag 
_pdbx_unobs_or_zero_occ_atoms.occupancy_flag 
_pdbx_unobs_or_zero_occ_atoms.auth_asym_id 
_pdbx_unobs_or_zero_occ_atoms.auth_comp_id 
_pdbx_unobs_or_zero_occ_atoms.auth_seq_id 
_pdbx_unobs_or_zero_occ_atoms.PDB_ins_code 
_pdbx_unobs_or_zero_occ_atoms.auth_atom_id 
_pdbx_unobs_or_zero_occ_atoms.label_alt_id 
_pdbx_unobs_or_zero_occ_atoms.label_asym_id 
_pdbx_unobs_or_zero_occ_atoms.label_comp_id 
_pdbx_unobs_or_zero_occ_atoms.label_seq_id 
_pdbx_unobs_or_zero_occ_atoms.label_atom_id 
1  1 Y 1 A GLU 7   ? CG   ? A GLU 7   CG   
2  1 Y 1 A GLU 7   ? CD   ? A GLU 7   CD   
3  1 Y 1 A GLU 7   ? OE1  ? A GLU 7   OE1  
4  1 Y 1 A GLU 7   ? OE2  ? A GLU 7   OE2  
5  1 Y 1 A ASN 42  ? CG   ? A ASN 42  CG   
6  1 Y 1 A ASN 42  ? OD1  ? A ASN 42  OD1  
7  1 Y 1 A ASN 42  ? ND2  ? A ASN 42  ND2  
8  1 Y 1 A GLU 47  ? CD   ? A GLU 47  CD   
9  1 Y 1 A GLU 47  ? OE1  ? A GLU 47  OE1  
10 1 Y 1 A GLU 47  ? OE2  ? A GLU 47  OE2  
11 1 Y 1 A LYS 75  ? CD   ? A LYS 75  CD   
12 1 Y 1 A LYS 75  ? CE   ? A LYS 75  CE   
13 1 Y 1 A LYS 75  ? NZ   ? A LYS 75  NZ   
14 1 Y 1 A LYS 77  ? CG   ? A LYS 77  CG   
15 1 Y 1 A LYS 77  ? CD   ? A LYS 77  CD   
16 1 Y 1 A LYS 77  ? CE   ? A LYS 77  CE   
17 1 Y 1 A LYS 77  ? NZ   ? A LYS 77  NZ   
18 1 Y 1 A ASP 78  ? CB   ? A ASP 78  CB   
19 1 Y 1 A ASP 78  ? CG   ? A ASP 78  CG   
20 1 Y 1 A ASP 78  ? OD1  ? A ASP 78  OD1  
21 1 Y 1 A ASP 78  ? OD2  ? A ASP 78  OD2  
22 1 Y 1 A SER 81  ? OG   ? A SER 81  OG   
23 1 Y 1 A GLU 82  ? CG   ? A GLU 82  CG   
24 1 Y 1 A GLU 82  ? CD   ? A GLU 82  CD   
25 1 Y 1 A GLU 82  ? OE1  ? A GLU 82  OE1  
26 1 Y 1 A GLU 82  ? OE2  ? A GLU 82  OE2  
27 1 Y 1 A GLU 84  ? CG   ? A GLU 84  CG   
28 1 Y 1 A GLU 84  ? CD   ? A GLU 84  CD   
29 1 Y 1 A GLU 84  ? OE1  ? A GLU 84  OE1  
30 1 Y 1 A GLU 84  ? OE2  ? A GLU 84  OE2  
31 1 Y 1 A LYS 115 ? CD   ? A LYS 115 CD   
32 1 Y 1 A LYS 115 ? CE   ? A LYS 115 CE   
33 1 Y 1 A LYS 115 ? NZ   ? A LYS 115 NZ   
34 1 Y 1 A ASP 122 ? CG   ? A ASP 122 CG   
35 1 Y 1 A ASP 122 ? OD1  ? A ASP 122 OD1  
36 1 Y 1 A ASP 122 ? OD2  ? A ASP 122 OD2  
37 1 Y 1 A GLU 139 ? CG   ? A GLU 139 CG   
38 1 Y 1 A GLU 139 ? CD   ? A GLU 139 CD   
39 1 Y 1 A GLU 139 ? OE1  ? A GLU 139 OE1  
40 1 Y 1 A GLU 139 ? OE2  ? A GLU 139 OE2  
41 1 N 1 A SPU 153 ? C21  ? F SPU 1   C21  
42 1 N 1 A SPU 153 ? C22  ? F SPU 1   C22  
43 1 N 1 A SPU 153 ? C231 ? F SPU 1   C231 
44 1 N 1 A SPU 154 ? C62  ? G SPU 1   C62  
45 1 N 1 A SPU 154 ? C65  ? G SPU 1   C65  
46 1 N 1 A SPU 154 ? N68  ? G SPU 1   N68  
47 1 N 1 A SPU 154 ? C70  ? G SPU 1   C70  
48 1 N 1 A SPU 154 ? C74  ? G SPU 1   C74  
49 1 N 1 A SPU 154 ? C78  ? G SPU 1   C78  
50 1 N 1 A SPU 154 ? C21  ? G SPU 1   C21  
51 1 N 1 A SPU 154 ? C22  ? G SPU 1   C22  
52 1 N 1 A SPU 154 ? C231 ? G SPU 1   C231 
53 1 N 1 A SPU 155 ? C11  ? H SPU 1   C11  
54 1 N 1 A SPU 155 ? C14  ? H SPU 1   C14  
55 1 N 1 A SPU 155 ? C17  ? H SPU 1   C17  
56 1 N 1 A SPU 155 ? C20  ? H SPU 1   C20  
57 1 N 1 A SPU 155 ? C23  ? H SPU 1   C23  
58 1 N 1 A SPU 155 ? C21  ? H SPU 1   C21  
59 1 N 1 A SPU 155 ? C22  ? H SPU 1   C22  
60 1 N 1 A SPU 155 ? C231 ? H SPU 1   C231 
61 1 N 1 A SPU 156 ? C29  ? I SPU 1   C29  
62 1 N 1 A SPU 156 ? C32  ? I SPU 1   C32  
63 1 N 1 A SPU 156 ? C35  ? I SPU 1   C35  
64 1 N 1 A SPU 156 ? C38  ? I SPU 1   C38  
65 1 N 1 A SPU 156 ? C41  ? I SPU 1   C41  
66 1 N 1 A SPU 156 ? C43  ? I SPU 1   C43  
67 1 N 1 A SPU 156 ? C45  ? I SPU 1   C45  
68 1 N 1 A SPU 156 ? O47  ? I SPU 1   O47  
69 1 N 1 A SPU 156 ? C49  ? I SPU 1   C49  
70 1 N 1 A SPU 156 ? N51  ? I SPU 1   N51  
71 1 N 1 A SPU 156 ? C54  ? I SPU 1   C54  
72 1 N 1 A SPU 156 ? O57  ? I SPU 1   O57  
73 1 N 1 A SPU 156 ? P58  ? I SPU 1   P58  
74 1 N 1 A SPU 156 ? O59  ? I SPU 1   O59  
75 1 N 1 A SPU 156 ? O60  ? I SPU 1   O60  
76 1 N 1 A SPU 156 ? O61  ? I SPU 1   O61  
77 1 N 1 A SPU 156 ? C62  ? I SPU 1   C62  
78 1 N 1 A SPU 156 ? C65  ? I SPU 1   C65  
79 1 N 1 A SPU 156 ? N68  ? I SPU 1   N68  
80 1 N 1 A SPU 156 ? C70  ? I SPU 1   C70  
81 1 N 1 A SPU 156 ? C74  ? I SPU 1   C74  
82 1 N 1 A SPU 156 ? C78  ? I SPU 1   C78  
83 1 N 1 A SPU 156 ? C22  ? I SPU 1   C22  
84 1 N 1 A SPU 156 ? C231 ? I SPU 1   C231 
# 
loop_
_pdbx_unobs_or_zero_occ_residues.id 
_pdbx_unobs_or_zero_occ_residues.PDB_model_num 
_pdbx_unobs_or_zero_occ_residues.polymer_flag 
_pdbx_unobs_or_zero_occ_residues.occupancy_flag 
_pdbx_unobs_or_zero_occ_residues.auth_asym_id 
_pdbx_unobs_or_zero_occ_residues.auth_comp_id 
_pdbx_unobs_or_zero_occ_residues.auth_seq_id 
_pdbx_unobs_or_zero_occ_residues.PDB_ins_code 
_pdbx_unobs_or_zero_occ_residues.label_asym_id 
_pdbx_unobs_or_zero_occ_residues.label_comp_id 
_pdbx_unobs_or_zero_occ_residues.label_seq_id 
1 1 Y 1 A ALA 1   ? A ALA 1   
2 1 Y 1 A ASP 2   ? A ASP 2   
3 1 Y 1 A THR 79  ? A THR 79  
4 1 Y 1 A ASP 80  ? A ASP 80  
5 1 Y 1 A ALA 147 ? A ALA 147 
6 1 Y 1 A LYS 148 ? A LYS 148 
# 
loop_
_chem_comp_atom.comp_id 
_chem_comp_atom.atom_id 
_chem_comp_atom.type_symbol 
_chem_comp_atom.pdbx_aromatic_flag 
_chem_comp_atom.pdbx_stereo_config 
_chem_comp_atom.pdbx_ordinal 
ALA N    N  N N 1   
ALA CA   C  N S 2   
ALA C    C  N N 3   
ALA O    O  N N 4   
ALA CB   C  N N 5   
ALA OXT  O  N N 6   
ALA H    H  N N 7   
ALA H2   H  N N 8   
ALA HA   H  N N 9   
ALA HB1  H  N N 10  
ALA HB2  H  N N 11  
ALA HB3  H  N N 12  
ALA HXT  H  N N 13  
ARG N    N  N N 14  
ARG CA   C  N S 15  
ARG C    C  N N 16  
ARG O    O  N N 17  
ARG CB   C  N N 18  
ARG CG   C  N N 19  
ARG CD   C  N N 20  
ARG NE   N  N N 21  
ARG CZ   C  N N 22  
ARG NH1  N  N N 23  
ARG NH2  N  N N 24  
ARG OXT  O  N N 25  
ARG H    H  N N 26  
ARG H2   H  N N 27  
ARG HA   H  N N 28  
ARG HB2  H  N N 29  
ARG HB3  H  N N 30  
ARG HG2  H  N N 31  
ARG HG3  H  N N 32  
ARG HD2  H  N N 33  
ARG HD3  H  N N 34  
ARG HE   H  N N 35  
ARG HH11 H  N N 36  
ARG HH12 H  N N 37  
ARG HH21 H  N N 38  
ARG HH22 H  N N 39  
ARG HXT  H  N N 40  
ASN N    N  N N 41  
ASN CA   C  N S 42  
ASN C    C  N N 43  
ASN O    O  N N 44  
ASN CB   C  N N 45  
ASN CG   C  N N 46  
ASN OD1  O  N N 47  
ASN ND2  N  N N 48  
ASN OXT  O  N N 49  
ASN H    H  N N 50  
ASN H2   H  N N 51  
ASN HA   H  N N 52  
ASN HB2  H  N N 53  
ASN HB3  H  N N 54  
ASN HD21 H  N N 55  
ASN HD22 H  N N 56  
ASN HXT  H  N N 57  
ASP N    N  N N 58  
ASP CA   C  N S 59  
ASP C    C  N N 60  
ASP O    O  N N 61  
ASP CB   C  N N 62  
ASP CG   C  N N 63  
ASP OD1  O  N N 64  
ASP OD2  O  N N 65  
ASP OXT  O  N N 66  
ASP H    H  N N 67  
ASP H2   H  N N 68  
ASP HA   H  N N 69  
ASP HB2  H  N N 70  
ASP HB3  H  N N 71  
ASP HD2  H  N N 72  
ASP HXT  H  N N 73  
CA  CA   CA N N 74  
GLN N    N  N N 75  
GLN CA   C  N S 76  
GLN C    C  N N 77  
GLN O    O  N N 78  
GLN CB   C  N N 79  
GLN CG   C  N N 80  
GLN CD   C  N N 81  
GLN OE1  O  N N 82  
GLN NE2  N  N N 83  
GLN OXT  O  N N 84  
GLN H    H  N N 85  
GLN H2   H  N N 86  
GLN HA   H  N N 87  
GLN HB2  H  N N 88  
GLN HB3  H  N N 89  
GLN HG2  H  N N 90  
GLN HG3  H  N N 91  
GLN HE21 H  N N 92  
GLN HE22 H  N N 93  
GLN HXT  H  N N 94  
GLU N    N  N N 95  
GLU CA   C  N S 96  
GLU C    C  N N 97  
GLU O    O  N N 98  
GLU CB   C  N N 99  
GLU CG   C  N N 100 
GLU CD   C  N N 101 
GLU OE1  O  N N 102 
GLU OE2  O  N N 103 
GLU OXT  O  N N 104 
GLU H    H  N N 105 
GLU H2   H  N N 106 
GLU HA   H  N N 107 
GLU HB2  H  N N 108 
GLU HB3  H  N N 109 
GLU HG2  H  N N 110 
GLU HG3  H  N N 111 
GLU HE2  H  N N 112 
GLU HXT  H  N N 113 
GLY N    N  N N 114 
GLY CA   C  N N 115 
GLY C    C  N N 116 
GLY O    O  N N 117 
GLY OXT  O  N N 118 
GLY H    H  N N 119 
GLY H2   H  N N 120 
GLY HA2  H  N N 121 
GLY HA3  H  N N 122 
GLY HXT  H  N N 123 
HIS N    N  N N 124 
HIS CA   C  N S 125 
HIS C    C  N N 126 
HIS O    O  N N 127 
HIS CB   C  N N 128 
HIS CG   C  Y N 129 
HIS ND1  N  Y N 130 
HIS CD2  C  Y N 131 
HIS CE1  C  Y N 132 
HIS NE2  N  Y N 133 
HIS OXT  O  N N 134 
HIS H    H  N N 135 
HIS H2   H  N N 136 
HIS HA   H  N N 137 
HIS HB2  H  N N 138 
HIS HB3  H  N N 139 
HIS HD1  H  N N 140 
HIS HD2  H  N N 141 
HIS HE1  H  N N 142 
HIS HE2  H  N N 143 
HIS HXT  H  N N 144 
HOH O    O  N N 145 
HOH H1   H  N N 146 
HOH H2   H  N N 147 
ILE N    N  N N 148 
ILE CA   C  N S 149 
ILE C    C  N N 150 
ILE O    O  N N 151 
ILE CB   C  N S 152 
ILE CG1  C  N N 153 
ILE CG2  C  N N 154 
ILE CD1  C  N N 155 
ILE OXT  O  N N 156 
ILE H    H  N N 157 
ILE H2   H  N N 158 
ILE HA   H  N N 159 
ILE HB   H  N N 160 
ILE HG12 H  N N 161 
ILE HG13 H  N N 162 
ILE HG21 H  N N 163 
ILE HG22 H  N N 164 
ILE HG23 H  N N 165 
ILE HD11 H  N N 166 
ILE HD12 H  N N 167 
ILE HD13 H  N N 168 
ILE HXT  H  N N 169 
LEU N    N  N N 170 
LEU CA   C  N S 171 
LEU C    C  N N 172 
LEU O    O  N N 173 
LEU CB   C  N N 174 
LEU CG   C  N N 175 
LEU CD1  C  N N 176 
LEU CD2  C  N N 177 
LEU OXT  O  N N 178 
LEU H    H  N N 179 
LEU H2   H  N N 180 
LEU HA   H  N N 181 
LEU HB2  H  N N 182 
LEU HB3  H  N N 183 
LEU HG   H  N N 184 
LEU HD11 H  N N 185 
LEU HD12 H  N N 186 
LEU HD13 H  N N 187 
LEU HD21 H  N N 188 
LEU HD22 H  N N 189 
LEU HD23 H  N N 190 
LEU HXT  H  N N 191 
LYS N    N  N N 192 
LYS CA   C  N S 193 
LYS C    C  N N 194 
LYS O    O  N N 195 
LYS CB   C  N N 196 
LYS CG   C  N N 197 
LYS CD   C  N N 198 
LYS CE   C  N N 199 
LYS NZ   N  N N 200 
LYS OXT  O  N N 201 
LYS H    H  N N 202 
LYS H2   H  N N 203 
LYS HA   H  N N 204 
LYS HB2  H  N N 205 
LYS HB3  H  N N 206 
LYS HG2  H  N N 207 
LYS HG3  H  N N 208 
LYS HD2  H  N N 209 
LYS HD3  H  N N 210 
LYS HE2  H  N N 211 
LYS HE3  H  N N 212 
LYS HZ1  H  N N 213 
LYS HZ2  H  N N 214 
LYS HZ3  H  N N 215 
LYS HXT  H  N N 216 
MET N    N  N N 217 
MET CA   C  N S 218 
MET C    C  N N 219 
MET O    O  N N 220 
MET CB   C  N N 221 
MET CG   C  N N 222 
MET SD   S  N N 223 
MET CE   C  N N 224 
MET OXT  O  N N 225 
MET H    H  N N 226 
MET H2   H  N N 227 
MET HA   H  N N 228 
MET HB2  H  N N 229 
MET HB3  H  N N 230 
MET HG2  H  N N 231 
MET HG3  H  N N 232 
MET HE1  H  N N 233 
MET HE2  H  N N 234 
MET HE3  H  N N 235 
MET HXT  H  N N 236 
PHE N    N  N N 237 
PHE CA   C  N S 238 
PHE C    C  N N 239 
PHE O    O  N N 240 
PHE CB   C  N N 241 
PHE CG   C  Y N 242 
PHE CD1  C  Y N 243 
PHE CD2  C  Y N 244 
PHE CE1  C  Y N 245 
PHE CE2  C  Y N 246 
PHE CZ   C  Y N 247 
PHE OXT  O  N N 248 
PHE H    H  N N 249 
PHE H2   H  N N 250 
PHE HA   H  N N 251 
PHE HB2  H  N N 252 
PHE HB3  H  N N 253 
PHE HD1  H  N N 254 
PHE HD2  H  N N 255 
PHE HE1  H  N N 256 
PHE HE2  H  N N 257 
PHE HZ   H  N N 258 
PHE HXT  H  N N 259 
PRO N    N  N N 260 
PRO CA   C  N S 261 
PRO C    C  N N 262 
PRO O    O  N N 263 
PRO CB   C  N N 264 
PRO CG   C  N N 265 
PRO CD   C  N N 266 
PRO OXT  O  N N 267 
PRO H    H  N N 268 
PRO HA   H  N N 269 
PRO HB2  H  N N 270 
PRO HB3  H  N N 271 
PRO HG2  H  N N 272 
PRO HG3  H  N N 273 
PRO HD2  H  N N 274 
PRO HD3  H  N N 275 
PRO HXT  H  N N 276 
SER N    N  N N 277 
SER CA   C  N S 278 
SER C    C  N N 279 
SER O    O  N N 280 
SER CB   C  N N 281 
SER OG   O  N N 282 
SER OXT  O  N N 283 
SER H    H  N N 284 
SER H2   H  N N 285 
SER HA   H  N N 286 
SER HB2  H  N N 287 
SER HB3  H  N N 288 
SER HG   H  N N 289 
SER HXT  H  N N 290 
SPU C11  C  N N 291 
SPU C14  C  N N 292 
SPU C17  C  N N 293 
SPU C20  C  N N 294 
SPU C23  C  N N 295 
SPU C26  C  N N 296 
SPU C29  C  N N 297 
SPU C32  C  N N 298 
SPU C35  C  N N 299 
SPU C38  C  N N 300 
SPU C41  C  N N 301 
SPU C43  C  N N 302 
SPU C45  C  N R 303 
SPU O47  O  N N 304 
SPU C49  C  N S 305 
SPU N51  N  N N 306 
SPU C54  C  N N 307 
SPU O57  O  N N 308 
SPU P58  P  N N 309 
SPU O59  O  N N 310 
SPU O60  O  N N 311 
SPU O61  O  N N 312 
SPU C62  C  N N 313 
SPU C65  C  N N 314 
SPU N68  N  N N 315 
SPU C70  C  N N 316 
SPU C74  C  N N 317 
SPU C78  C  N N 318 
SPU C21  C  N N 319 
SPU C22  C  N N 320 
SPU C231 C  N N 321 
SPU H11  H  N N 322 
SPU H11A H  N N 323 
SPU H14  H  N N 324 
SPU H14A H  N N 325 
SPU H17  H  N N 326 
SPU H17A H  N N 327 
SPU H20  H  N N 328 
SPU H20A H  N N 329 
SPU H23  H  N N 330 
SPU H23A H  N N 331 
SPU H26  H  N N 332 
SPU H26A H  N N 333 
SPU H29  H  N N 334 
SPU H29A H  N N 335 
SPU H32  H  N N 336 
SPU H32A H  N N 337 
SPU H35  H  N N 338 
SPU H35A H  N N 339 
SPU H38  H  N N 340 
SPU H38A H  N N 341 
SPU H41  H  N N 342 
SPU H43  H  N N 343 
SPU H45  H  N N 344 
SPU HO47 H  N N 345 
SPU H49  H  N N 346 
SPU HN51 H  N N 347 
SPU HN5A H  N N 348 
SPU H54  H  N N 349 
SPU H54A H  N N 350 
SPU H59  H  N N 351 
SPU H62  H  N N 352 
SPU H62A H  N N 353 
SPU H65  H  N N 354 
SPU H65A H  N N 355 
SPU H70  H  N N 356 
SPU H70A H  N N 357 
SPU H70B H  N N 358 
SPU H74  H  N N 359 
SPU H74A H  N N 360 
SPU H74B H  N N 361 
SPU H78  H  N N 362 
SPU H78A H  N N 363 
SPU H78B H  N N 364 
SPU H44  H  N N 365 
SPU H451 H  N N 366 
SPU H46  H  N N 367 
SPU H47  H  N N 368 
SPU H48  H  N N 369 
SPU H491 H  N N 370 
SPU H50  H  N N 371 
THR N    N  N N 372 
THR CA   C  N S 373 
THR C    C  N N 374 
THR O    O  N N 375 
THR CB   C  N R 376 
THR OG1  O  N N 377 
THR CG2  C  N N 378 
THR OXT  O  N N 379 
THR H    H  N N 380 
THR H2   H  N N 381 
THR HA   H  N N 382 
THR HB   H  N N 383 
THR HG1  H  N N 384 
THR HG21 H  N N 385 
THR HG22 H  N N 386 
THR HG23 H  N N 387 
THR HXT  H  N N 388 
TYR N    N  N N 389 
TYR CA   C  N S 390 
TYR C    C  N N 391 
TYR O    O  N N 392 
TYR CB   C  N N 393 
TYR CG   C  Y N 394 
TYR CD1  C  Y N 395 
TYR CD2  C  Y N 396 
TYR CE1  C  Y N 397 
TYR CE2  C  Y N 398 
TYR CZ   C  Y N 399 
TYR OH   O  N N 400 
TYR OXT  O  N N 401 
TYR H    H  N N 402 
TYR H2   H  N N 403 
TYR HA   H  N N 404 
TYR HB2  H  N N 405 
TYR HB3  H  N N 406 
TYR HD1  H  N N 407 
TYR HD2  H  N N 408 
TYR HE1  H  N N 409 
TYR HE2  H  N N 410 
TYR HH   H  N N 411 
TYR HXT  H  N N 412 
VAL N    N  N N 413 
VAL CA   C  N S 414 
VAL C    C  N N 415 
VAL O    O  N N 416 
VAL CB   C  N N 417 
VAL CG1  C  N N 418 
VAL CG2  C  N N 419 
VAL OXT  O  N N 420 
VAL H    H  N N 421 
VAL H2   H  N N 422 
VAL HA   H  N N 423 
VAL HB   H  N N 424 
VAL HG11 H  N N 425 
VAL HG12 H  N N 426 
VAL HG13 H  N N 427 
VAL HG21 H  N N 428 
VAL HG22 H  N N 429 
VAL HG23 H  N N 430 
VAL HXT  H  N N 431 
# 
loop_
_chem_comp_bond.comp_id 
_chem_comp_bond.atom_id_1 
_chem_comp_bond.atom_id_2 
_chem_comp_bond.value_order 
_chem_comp_bond.pdbx_aromatic_flag 
_chem_comp_bond.pdbx_stereo_config 
_chem_comp_bond.pdbx_ordinal 
ALA N    CA   sing N N 1   
ALA N    H    sing N N 2   
ALA N    H2   sing N N 3   
ALA CA   C    sing N N 4   
ALA CA   CB   sing N N 5   
ALA CA   HA   sing N N 6   
ALA C    O    doub N N 7   
ALA C    OXT  sing N N 8   
ALA CB   HB1  sing N N 9   
ALA CB   HB2  sing N N 10  
ALA CB   HB3  sing N N 11  
ALA OXT  HXT  sing N N 12  
ARG N    CA   sing N N 13  
ARG N    H    sing N N 14  
ARG N    H2   sing N N 15  
ARG CA   C    sing N N 16  
ARG CA   CB   sing N N 17  
ARG CA   HA   sing N N 18  
ARG C    O    doub N N 19  
ARG C    OXT  sing N N 20  
ARG CB   CG   sing N N 21  
ARG CB   HB2  sing N N 22  
ARG CB   HB3  sing N N 23  
ARG CG   CD   sing N N 24  
ARG CG   HG2  sing N N 25  
ARG CG   HG3  sing N N 26  
ARG CD   NE   sing N N 27  
ARG CD   HD2  sing N N 28  
ARG CD   HD3  sing N N 29  
ARG NE   CZ   sing N N 30  
ARG NE   HE   sing N N 31  
ARG CZ   NH1  sing N N 32  
ARG CZ   NH2  doub N N 33  
ARG NH1  HH11 sing N N 34  
ARG NH1  HH12 sing N N 35  
ARG NH2  HH21 sing N N 36  
ARG NH2  HH22 sing N N 37  
ARG OXT  HXT  sing N N 38  
ASN N    CA   sing N N 39  
ASN N    H    sing N N 40  
ASN N    H2   sing N N 41  
ASN CA   C    sing N N 42  
ASN CA   CB   sing N N 43  
ASN CA   HA   sing N N 44  
ASN C    O    doub N N 45  
ASN C    OXT  sing N N 46  
ASN CB   CG   sing N N 47  
ASN CB   HB2  sing N N 48  
ASN CB   HB3  sing N N 49  
ASN CG   OD1  doub N N 50  
ASN CG   ND2  sing N N 51  
ASN ND2  HD21 sing N N 52  
ASN ND2  HD22 sing N N 53  
ASN OXT  HXT  sing N N 54  
ASP N    CA   sing N N 55  
ASP N    H    sing N N 56  
ASP N    H2   sing N N 57  
ASP CA   C    sing N N 58  
ASP CA   CB   sing N N 59  
ASP CA   HA   sing N N 60  
ASP C    O    doub N N 61  
ASP C    OXT  sing N N 62  
ASP CB   CG   sing N N 63  
ASP CB   HB2  sing N N 64  
ASP CB   HB3  sing N N 65  
ASP CG   OD1  doub N N 66  
ASP CG   OD2  sing N N 67  
ASP OD2  HD2  sing N N 68  
ASP OXT  HXT  sing N N 69  
GLN N    CA   sing N N 70  
GLN N    H    sing N N 71  
GLN N    H2   sing N N 72  
GLN CA   C    sing N N 73  
GLN CA   CB   sing N N 74  
GLN CA   HA   sing N N 75  
GLN C    O    doub N N 76  
GLN C    OXT  sing N N 77  
GLN CB   CG   sing N N 78  
GLN CB   HB2  sing N N 79  
GLN CB   HB3  sing N N 80  
GLN CG   CD   sing N N 81  
GLN CG   HG2  sing N N 82  
GLN CG   HG3  sing N N 83  
GLN CD   OE1  doub N N 84  
GLN CD   NE2  sing N N 85  
GLN NE2  HE21 sing N N 86  
GLN NE2  HE22 sing N N 87  
GLN OXT  HXT  sing N N 88  
GLU N    CA   sing N N 89  
GLU N    H    sing N N 90  
GLU N    H2   sing N N 91  
GLU CA   C    sing N N 92  
GLU CA   CB   sing N N 93  
GLU CA   HA   sing N N 94  
GLU C    O    doub N N 95  
GLU C    OXT  sing N N 96  
GLU CB   CG   sing N N 97  
GLU CB   HB2  sing N N 98  
GLU CB   HB3  sing N N 99  
GLU CG   CD   sing N N 100 
GLU CG   HG2  sing N N 101 
GLU CG   HG3  sing N N 102 
GLU CD   OE1  doub N N 103 
GLU CD   OE2  sing N N 104 
GLU OE2  HE2  sing N N 105 
GLU OXT  HXT  sing N N 106 
GLY N    CA   sing N N 107 
GLY N    H    sing N N 108 
GLY N    H2   sing N N 109 
GLY CA   C    sing N N 110 
GLY CA   HA2  sing N N 111 
GLY CA   HA3  sing N N 112 
GLY C    O    doub N N 113 
GLY C    OXT  sing N N 114 
GLY OXT  HXT  sing N N 115 
HIS N    CA   sing N N 116 
HIS N    H    sing N N 117 
HIS N    H2   sing N N 118 
HIS CA   C    sing N N 119 
HIS CA   CB   sing N N 120 
HIS CA   HA   sing N N 121 
HIS C    O    doub N N 122 
HIS C    OXT  sing N N 123 
HIS CB   CG   sing N N 124 
HIS CB   HB2  sing N N 125 
HIS CB   HB3  sing N N 126 
HIS CG   ND1  sing Y N 127 
HIS CG   CD2  doub Y N 128 
HIS ND1  CE1  doub Y N 129 
HIS ND1  HD1  sing N N 130 
HIS CD2  NE2  sing Y N 131 
HIS CD2  HD2  sing N N 132 
HIS CE1  NE2  sing Y N 133 
HIS CE1  HE1  sing N N 134 
HIS NE2  HE2  sing N N 135 
HIS OXT  HXT  sing N N 136 
HOH O    H1   sing N N 137 
HOH O    H2   sing N N 138 
ILE N    CA   sing N N 139 
ILE N    H    sing N N 140 
ILE N    H2   sing N N 141 
ILE CA   C    sing N N 142 
ILE CA   CB   sing N N 143 
ILE CA   HA   sing N N 144 
ILE C    O    doub N N 145 
ILE C    OXT  sing N N 146 
ILE CB   CG1  sing N N 147 
ILE CB   CG2  sing N N 148 
ILE CB   HB   sing N N 149 
ILE CG1  CD1  sing N N 150 
ILE CG1  HG12 sing N N 151 
ILE CG1  HG13 sing N N 152 
ILE CG2  HG21 sing N N 153 
ILE CG2  HG22 sing N N 154 
ILE CG2  HG23 sing N N 155 
ILE CD1  HD11 sing N N 156 
ILE CD1  HD12 sing N N 157 
ILE CD1  HD13 sing N N 158 
ILE OXT  HXT  sing N N 159 
LEU N    CA   sing N N 160 
LEU N    H    sing N N 161 
LEU N    H2   sing N N 162 
LEU CA   C    sing N N 163 
LEU CA   CB   sing N N 164 
LEU CA   HA   sing N N 165 
LEU C    O    doub N N 166 
LEU C    OXT  sing N N 167 
LEU CB   CG   sing N N 168 
LEU CB   HB2  sing N N 169 
LEU CB   HB3  sing N N 170 
LEU CG   CD1  sing N N 171 
LEU CG   CD2  sing N N 172 
LEU CG   HG   sing N N 173 
LEU CD1  HD11 sing N N 174 
LEU CD1  HD12 sing N N 175 
LEU CD1  HD13 sing N N 176 
LEU CD2  HD21 sing N N 177 
LEU CD2  HD22 sing N N 178 
LEU CD2  HD23 sing N N 179 
LEU OXT  HXT  sing N N 180 
LYS N    CA   sing N N 181 
LYS N    H    sing N N 182 
LYS N    H2   sing N N 183 
LYS CA   C    sing N N 184 
LYS CA   CB   sing N N 185 
LYS CA   HA   sing N N 186 
LYS C    O    doub N N 187 
LYS C    OXT  sing N N 188 
LYS CB   CG   sing N N 189 
LYS CB   HB2  sing N N 190 
LYS CB   HB3  sing N N 191 
LYS CG   CD   sing N N 192 
LYS CG   HG2  sing N N 193 
LYS CG   HG3  sing N N 194 
LYS CD   CE   sing N N 195 
LYS CD   HD2  sing N N 196 
LYS CD   HD3  sing N N 197 
LYS CE   NZ   sing N N 198 
LYS CE   HE2  sing N N 199 
LYS CE   HE3  sing N N 200 
LYS NZ   HZ1  sing N N 201 
LYS NZ   HZ2  sing N N 202 
LYS NZ   HZ3  sing N N 203 
LYS OXT  HXT  sing N N 204 
MET N    CA   sing N N 205 
MET N    H    sing N N 206 
MET N    H2   sing N N 207 
MET CA   C    sing N N 208 
MET CA   CB   sing N N 209 
MET CA   HA   sing N N 210 
MET C    O    doub N N 211 
MET C    OXT  sing N N 212 
MET CB   CG   sing N N 213 
MET CB   HB2  sing N N 214 
MET CB   HB3  sing N N 215 
MET CG   SD   sing N N 216 
MET CG   HG2  sing N N 217 
MET CG   HG3  sing N N 218 
MET SD   CE   sing N N 219 
MET CE   HE1  sing N N 220 
MET CE   HE2  sing N N 221 
MET CE   HE3  sing N N 222 
MET OXT  HXT  sing N N 223 
PHE N    CA   sing N N 224 
PHE N    H    sing N N 225 
PHE N    H2   sing N N 226 
PHE CA   C    sing N N 227 
PHE CA   CB   sing N N 228 
PHE CA   HA   sing N N 229 
PHE C    O    doub N N 230 
PHE C    OXT  sing N N 231 
PHE CB   CG   sing N N 232 
PHE CB   HB2  sing N N 233 
PHE CB   HB3  sing N N 234 
PHE CG   CD1  doub Y N 235 
PHE CG   CD2  sing Y N 236 
PHE CD1  CE1  sing Y N 237 
PHE CD1  HD1  sing N N 238 
PHE CD2  CE2  doub Y N 239 
PHE CD2  HD2  sing N N 240 
PHE CE1  CZ   doub Y N 241 
PHE CE1  HE1  sing N N 242 
PHE CE2  CZ   sing Y N 243 
PHE CE2  HE2  sing N N 244 
PHE CZ   HZ   sing N N 245 
PHE OXT  HXT  sing N N 246 
PRO N    CA   sing N N 247 
PRO N    CD   sing N N 248 
PRO N    H    sing N N 249 
PRO CA   C    sing N N 250 
PRO CA   CB   sing N N 251 
PRO CA   HA   sing N N 252 
PRO C    O    doub N N 253 
PRO C    OXT  sing N N 254 
PRO CB   CG   sing N N 255 
PRO CB   HB2  sing N N 256 
PRO CB   HB3  sing N N 257 
PRO CG   CD   sing N N 258 
PRO CG   HG2  sing N N 259 
PRO CG   HG3  sing N N 260 
PRO CD   HD2  sing N N 261 
PRO CD   HD3  sing N N 262 
PRO OXT  HXT  sing N N 263 
SER N    CA   sing N N 264 
SER N    H    sing N N 265 
SER N    H2   sing N N 266 
SER CA   C    sing N N 267 
SER CA   CB   sing N N 268 
SER CA   HA   sing N N 269 
SER C    O    doub N N 270 
SER C    OXT  sing N N 271 
SER CB   OG   sing N N 272 
SER CB   HB2  sing N N 273 
SER CB   HB3  sing N N 274 
SER OG   HG   sing N N 275 
SER OXT  HXT  sing N N 276 
SPU C11  C14  sing N N 277 
SPU C11  C21  sing N N 278 
SPU C14  C17  sing N N 279 
SPU C17  C20  sing N N 280 
SPU C20  C23  sing N N 281 
SPU C23  C26  sing N N 282 
SPU C26  C29  sing N N 283 
SPU C29  C32  sing N N 284 
SPU C32  C35  sing N N 285 
SPU C35  C38  sing N N 286 
SPU C38  C41  sing N N 287 
SPU C41  C43  doub N N 288 
SPU C43  C45  sing N N 289 
SPU C45  O47  sing N N 290 
SPU C45  C49  sing N N 291 
SPU C49  N51  sing N N 292 
SPU C49  C54  sing N N 293 
SPU C54  O57  sing N N 294 
SPU O57  P58  sing N N 295 
SPU P58  O59  sing N N 296 
SPU P58  O60  doub N N 297 
SPU P58  O61  sing N N 298 
SPU O61  C62  sing N N 299 
SPU C62  C65  sing N N 300 
SPU C65  N68  sing N N 301 
SPU N68  C70  sing N N 302 
SPU N68  C74  sing N N 303 
SPU N68  C78  sing N N 304 
SPU C21  C22  sing N N 305 
SPU C22  C231 sing N N 306 
SPU C11  H11  sing N N 307 
SPU C11  H11A sing N E 308 
SPU C14  H14  sing N N 309 
SPU C14  H14A sing N N 310 
SPU C17  H17  sing N N 311 
SPU C17  H17A sing N N 312 
SPU C20  H20  sing N N 313 
SPU C20  H20A sing N N 314 
SPU C23  H23  sing N N 315 
SPU C23  H23A sing N N 316 
SPU C26  H26  sing N N 317 
SPU C26  H26A sing N N 318 
SPU C29  H29  sing N N 319 
SPU C29  H29A sing N N 320 
SPU C32  H32  sing N N 321 
SPU C32  H32A sing N N 322 
SPU C35  H35  sing N N 323 
SPU C35  H35A sing N N 324 
SPU C38  H38  sing N N 325 
SPU C38  H38A sing N N 326 
SPU C41  H41  sing N N 327 
SPU C43  H43  sing N N 328 
SPU C45  H45  sing N N 329 
SPU O47  HO47 sing N N 330 
SPU C49  H49  sing N N 331 
SPU N51  HN51 sing N N 332 
SPU N51  HN5A sing N N 333 
SPU C54  H54  sing N N 334 
SPU C54  H54A sing N N 335 
SPU O59  H59  sing N N 336 
SPU C62  H62  sing N N 337 
SPU C62  H62A sing N N 338 
SPU C65  H65  sing N N 339 
SPU C65  H65A sing N N 340 
SPU C70  H70  sing N N 341 
SPU C70  H70A sing N N 342 
SPU C70  H70B sing N N 343 
SPU C74  H74  sing N N 344 
SPU C74  H74A sing N N 345 
SPU C74  H74B sing N N 346 
SPU C78  H78  sing N N 347 
SPU C78  H78A sing N N 348 
SPU C78  H78B sing N N 349 
SPU C21  H44  sing N N 350 
SPU C21  H451 sing N N 351 
SPU C22  H46  sing N N 352 
SPU C22  H47  sing N N 353 
SPU C231 H48  sing N N 354 
SPU C231 H491 sing N N 355 
SPU C231 H50  sing N N 356 
THR N    CA   sing N N 357 
THR N    H    sing N N 358 
THR N    H2   sing N N 359 
THR CA   C    sing N N 360 
THR CA   CB   sing N N 361 
THR CA   HA   sing N N 362 
THR C    O    doub N N 363 
THR C    OXT  sing N N 364 
THR CB   OG1  sing N N 365 
THR CB   CG2  sing N N 366 
THR CB   HB   sing N N 367 
THR OG1  HG1  sing N N 368 
THR CG2  HG21 sing N N 369 
THR CG2  HG22 sing N N 370 
THR CG2  HG23 sing N N 371 
THR OXT  HXT  sing N N 372 
TYR N    CA   sing N N 373 
TYR N    H    sing N N 374 
TYR N    H2   sing N N 375 
TYR CA   C    sing N N 376 
TYR CA   CB   sing N N 377 
TYR CA   HA   sing N N 378 
TYR C    O    doub N N 379 
TYR C    OXT  sing N N 380 
TYR CB   CG   sing N N 381 
TYR CB   HB2  sing N N 382 
TYR CB   HB3  sing N N 383 
TYR CG   CD1  doub Y N 384 
TYR CG   CD2  sing Y N 385 
TYR CD1  CE1  sing Y N 386 
TYR CD1  HD1  sing N N 387 
TYR CD2  CE2  doub Y N 388 
TYR CD2  HD2  sing N N 389 
TYR CE1  CZ   doub Y N 390 
TYR CE1  HE1  sing N N 391 
TYR CE2  CZ   sing Y N 392 
TYR CE2  HE2  sing N N 393 
TYR CZ   OH   sing N N 394 
TYR OH   HH   sing N N 395 
TYR OXT  HXT  sing N N 396 
VAL N    CA   sing N N 397 
VAL N    H    sing N N 398 
VAL N    H2   sing N N 399 
VAL CA   C    sing N N 400 
VAL CA   CB   sing N N 401 
VAL CA   HA   sing N N 402 
VAL C    O    doub N N 403 
VAL C    OXT  sing N N 404 
VAL CB   CG1  sing N N 405 
VAL CB   CG2  sing N N 406 
VAL CB   HB   sing N N 407 
VAL CG1  HG11 sing N N 408 
VAL CG1  HG12 sing N N 409 
VAL CG1  HG13 sing N N 410 
VAL CG2  HG21 sing N N 411 
VAL CG2  HG22 sing N N 412 
VAL CG2  HG23 sing N N 413 
VAL OXT  HXT  sing N N 414 
# 
loop_
_pdbx_entity_nonpoly.entity_id 
_pdbx_entity_nonpoly.name 
_pdbx_entity_nonpoly.comp_id 
2 'CALCIUM ION'                                                                                                      CA  
3 '2-{[(R)-{[(2S,3R,4E)-2-amino-3-hydroxyoctadec-4-en-1-yl]oxy}(hydroxy)phosphoryl]oxy}-N,N,N-trimethylethanaminium' SPU 
4 water                                                                                                              HOH 
# 
_pdbx_initial_refinement_model.id               1 
_pdbx_initial_refinement_model.entity_id_list   ? 
_pdbx_initial_refinement_model.type             'experimental model' 
_pdbx_initial_refinement_model.source_name      PDB 
_pdbx_initial_refinement_model.accession_code   1LIN 
_pdbx_initial_refinement_model.details          'N- and C-terminal domains of PDB entry 1LIN' 
# 
